data_6EEW
#
_entry.id   6EEW
#
_cell.length_a   107.612
_cell.length_b   69.607
_cell.length_c   133.472
_cell.angle_alpha   90.000
_cell.angle_beta   93.778
_cell.angle_gamma   90.000
#
_symmetry.space_group_name_H-M   'P 1 21 1'
#
loop_
_entity.id
_entity.type
_entity.pdbx_description
1 polymer 'Aromatic-L-amino-acid decarboxylase'
2 non-polymer TRYPTOPHAN
3 non-polymer 'CALCIUM ION'
4 water water
#
_entity_poly.entity_id   1
_entity_poly.type   'polypeptide(L)'
_entity_poly.pdbx_seq_one_letter_code
;MGSIDSTNVAMSNSPVGEFKPLEAEEFRKQAHRMVDFIADYYKNVETYPVLSEVEPGYLRKRIPETAPYLPEPLDDIMKD
IQKDIIPGMTNWMSPNFYAFFPATVSSAAFLGEMLSTALNSVGFTWVSSPAATELEMIVMDWLAQILKLPKSFMFSGTGG
GVIQNTTSESILCTIIAARERALEKLGPDSIGKLVCYGSDQTHTMFPKTCKLAGIYPNNIRLIPTTVETDFGISPQVLRK
MVEDDVAAGYVPLFLCATLGTTSTTATDPVDSLSEIANEFGIWIHVDAAYAGSACICPEFRHYLDGIERVDSLSLSPH
(LLP)WLLAYLDCTCLWVKQPHLLLRALTTNPEYLKNKQSDLDKVVDFKNWQIATGRKFRSLKLWLILRSYGVVNLQSHI
RSDVAMAKMFEEWVRSDSRFEIVVPRNFSLVCFRLKPDVSSLHVEEVNKKLLDMLNSTGRVYMTHTIVGGIYMLRLAVGS
SLTEEHHVRRVWDLIQKLTDDLLKEA
;
_entity_poly.pdbx_strand_id   A,B,C,D
#
loop_
_chem_comp.id
_chem_comp.type
_chem_comp.name
_chem_comp.formula
CA non-polymer 'CALCIUM ION' 'Ca 2'
#
# COMPACT_ATOMS: atom_id res chain seq x y z
N PHE A 19 5.44 -41.59 18.41
CA PHE A 19 4.98 -40.70 19.49
C PHE A 19 4.05 -39.59 18.98
N LYS A 20 2.81 -39.60 19.46
CA LYS A 20 1.80 -38.64 19.03
C LYS A 20 1.39 -37.77 20.21
N PRO A 21 1.97 -36.57 20.35
CA PRO A 21 1.59 -35.71 21.48
C PRO A 21 0.14 -35.24 21.41
N LEU A 22 -0.49 -35.25 20.23
CA LEU A 22 -1.87 -34.79 20.07
C LEU A 22 -2.68 -35.83 19.30
N GLU A 23 -3.56 -36.53 20.01
CA GLU A 23 -4.52 -37.45 19.39
C GLU A 23 -5.91 -37.06 19.88
N ALA A 24 -6.80 -36.79 18.93
CA ALA A 24 -8.05 -36.10 19.26
C ALA A 24 -8.86 -36.82 20.35
N GLU A 25 -8.91 -38.17 20.32
CA GLU A 25 -9.76 -38.85 21.29
C GLU A 25 -9.13 -38.95 22.68
N GLU A 26 -7.82 -39.21 22.76
CA GLU A 26 -7.17 -39.11 24.06
C GLU A 26 -7.28 -37.69 24.61
N PHE A 27 -7.11 -36.70 23.73
CA PHE A 27 -7.32 -35.31 24.12
C PHE A 27 -8.69 -35.12 24.74
N ARG A 28 -9.72 -35.59 24.04
CA ARG A 28 -11.08 -35.45 24.52
C ARG A 28 -11.20 -36.01 25.93
N LYS A 29 -10.68 -37.23 26.11
CA LYS A 29 -10.75 -37.90 27.41
C LYS A 29 -10.09 -37.06 28.51
N GLN A 30 -8.83 -36.72 28.31
CA GLN A 30 -8.08 -36.03 29.35
C GLN A 30 -8.67 -34.65 29.63
N ALA A 31 -9.10 -33.94 28.59
CA ALA A 31 -9.67 -32.62 28.80
C ALA A 31 -10.99 -32.70 29.56
N HIS A 32 -11.84 -33.68 29.25
CA HIS A 32 -13.05 -33.83 30.04
C HIS A 32 -12.69 -34.04 31.51
N ARG A 33 -11.67 -34.87 31.77
CA ARG A 33 -11.27 -35.12 33.15
C ARG A 33 -10.82 -33.84 33.82
N MET A 34 -10.08 -32.99 33.10
CA MET A 34 -9.64 -31.74 33.69
C MET A 34 -10.80 -30.78 33.93
N VAL A 35 -11.80 -30.79 33.06
CA VAL A 35 -12.99 -29.98 33.28
C VAL A 35 -13.67 -30.38 34.58
N ASP A 36 -13.82 -31.68 34.79
CA ASP A 36 -14.46 -32.11 36.04
C ASP A 36 -13.62 -31.70 37.24
N PHE A 37 -12.29 -31.79 37.12
CA PHE A 37 -11.43 -31.39 38.23
C PHE A 37 -11.56 -29.90 38.51
N ILE A 38 -11.61 -29.08 37.46
CA ILE A 38 -11.68 -27.63 37.62
C ILE A 38 -13.01 -27.23 38.23
N ALA A 39 -14.10 -27.84 37.77
CA ALA A 39 -15.40 -27.54 38.35
C ALA A 39 -15.42 -27.93 39.82
N ASP A 40 -14.80 -29.07 40.16
CA ASP A 40 -14.70 -29.45 41.56
C ASP A 40 -13.91 -28.43 42.38
N TYR A 41 -12.87 -27.84 41.78
CA TYR A 41 -12.12 -26.82 42.50
C TYR A 41 -12.96 -25.58 42.72
N TYR A 42 -13.67 -25.12 41.69
CA TYR A 42 -14.55 -23.97 41.86
C TYR A 42 -15.63 -24.25 42.90
N LYS A 43 -16.09 -25.51 42.97
CA LYS A 43 -17.14 -25.87 43.91
C LYS A 43 -16.61 -25.96 45.35
N ASN A 44 -15.34 -26.26 45.53
CA ASN A 44 -14.82 -26.54 46.87
C ASN A 44 -13.84 -25.50 47.40
N VAL A 45 -13.46 -24.49 46.61
CA VAL A 45 -12.35 -23.61 47.01
C VAL A 45 -12.66 -22.86 48.29
N GLU A 46 -13.92 -22.46 48.51
CA GLU A 46 -14.25 -21.78 49.75
C GLU A 46 -13.82 -22.58 50.96
N THR A 47 -13.62 -23.88 50.79
CA THR A 47 -13.21 -24.77 51.86
C THR A 47 -11.72 -24.65 52.17
N TYR A 48 -10.91 -24.30 51.19
CA TYR A 48 -9.47 -24.26 51.41
C TYR A 48 -9.11 -22.98 52.15
N PRO A 49 -8.01 -22.98 52.90
CA PRO A 49 -7.49 -21.70 53.41
C PRO A 49 -7.17 -20.77 52.26
N VAL A 50 -7.59 -19.52 52.38
CA VAL A 50 -7.41 -18.59 51.27
C VAL A 50 -5.93 -18.37 51.00
N LEU A 51 -5.20 -17.93 52.03
CA LEU A 51 -3.78 -17.70 51.95
C LEU A 51 -3.05 -18.94 52.47
N SER A 52 -1.96 -19.32 51.80
CA SER A 52 -1.25 -20.56 52.11
C SER A 52 -0.23 -20.35 53.23
N GLU A 53 0.04 -21.43 53.96
CA GLU A 53 0.98 -21.42 55.09
C GLU A 53 2.36 -21.99 54.78
N VAL A 54 2.64 -22.38 53.52
CA VAL A 54 3.93 -23.02 53.24
C VAL A 54 5.06 -22.04 53.48
N GLU A 55 6.23 -22.58 53.84
CA GLU A 55 7.45 -21.80 53.95
C GLU A 55 8.17 -21.75 52.62
N PRO A 56 8.99 -20.72 52.40
CA PRO A 56 9.74 -20.66 51.14
C PRO A 56 10.59 -21.90 50.94
N GLY A 57 10.62 -22.38 49.70
CA GLY A 57 11.37 -23.58 49.35
C GLY A 57 10.69 -24.88 49.66
N TYR A 58 9.41 -24.85 50.06
CA TYR A 58 8.75 -26.10 50.44
C TYR A 58 8.63 -27.06 49.27
N LEU A 59 8.48 -26.54 48.05
CA LEU A 59 8.19 -27.42 46.93
C LEU A 59 9.44 -28.12 46.40
N ARG A 60 10.64 -27.61 46.72
CA ARG A 60 11.87 -28.30 46.32
C ARG A 60 12.00 -29.66 46.97
N LYS A 61 11.48 -29.80 48.19
CA LYS A 61 11.60 -31.06 48.92
C LYS A 61 10.61 -32.12 48.46
N ARG A 62 9.70 -31.78 47.53
CA ARG A 62 8.66 -32.69 47.09
C ARG A 62 8.71 -33.03 45.61
N ILE A 63 9.56 -32.37 44.83
CA ILE A 63 9.73 -32.67 43.41
C ILE A 63 11.16 -33.11 43.15
N PRO A 64 11.39 -34.08 42.27
CA PRO A 64 12.76 -34.46 41.93
C PRO A 64 13.54 -33.28 41.36
N GLU A 65 14.87 -33.35 41.51
CA GLU A 65 15.73 -32.27 41.02
C GLU A 65 15.91 -32.28 39.51
N THR A 66 15.55 -33.37 38.84
CA THR A 66 15.67 -33.45 37.40
C THR A 66 14.37 -33.99 36.81
N ALA A 67 14.13 -33.66 35.54
CA ALA A 67 12.97 -34.18 34.85
C ALA A 67 13.14 -35.67 34.55
N PRO A 68 12.05 -36.42 34.48
CA PRO A 68 12.16 -37.86 34.26
C PRO A 68 12.48 -38.21 32.81
N TYR A 69 13.14 -39.36 32.64
N TYR A 69 13.13 -39.36 32.66
CA TYR A 69 13.42 -39.85 31.30
CA TYR A 69 13.43 -39.87 31.32
C TYR A 69 12.17 -40.44 30.67
C TYR A 69 12.19 -40.45 30.67
N LEU A 70 11.40 -41.18 31.43
CA LEU A 70 10.22 -41.90 30.99
C LEU A 70 8.94 -41.15 31.36
N PRO A 71 7.86 -41.41 30.66
CA PRO A 71 6.59 -40.73 30.96
C PRO A 71 6.05 -41.14 32.31
N GLU A 72 5.32 -40.21 32.93
CA GLU A 72 4.64 -40.48 34.20
C GLU A 72 3.14 -40.52 33.96
N PRO A 73 2.41 -41.35 34.69
CA PRO A 73 0.96 -41.46 34.46
C PRO A 73 0.22 -40.22 34.96
N LEU A 74 -0.84 -39.87 34.24
CA LEU A 74 -1.57 -38.65 34.59
C LEU A 74 -2.14 -38.73 36.00
N ASP A 75 -2.48 -39.94 36.46
CA ASP A 75 -3.01 -40.09 37.82
C ASP A 75 -2.02 -39.59 38.87
N ASP A 76 -0.74 -39.93 38.71
CA ASP A 76 0.26 -39.44 39.66
C ASP A 76 0.35 -37.93 39.62
N ILE A 77 0.29 -37.34 38.42
CA ILE A 77 0.40 -35.89 38.29
C ILE A 77 -0.76 -35.20 38.96
N MET A 78 -1.98 -35.68 38.70
CA MET A 78 -3.16 -35.10 39.34
C MET A 78 -3.06 -35.23 40.85
N LYS A 79 -2.59 -36.37 41.34
CA LYS A 79 -2.38 -36.52 42.78
C LYS A 79 -1.43 -35.46 43.30
N ASP A 80 -0.32 -35.23 42.59
CA ASP A 80 0.66 -34.24 43.04
C ASP A 80 0.10 -32.83 42.97
N ILE A 81 -0.78 -32.57 42.02
CA ILE A 81 -1.41 -31.25 41.94
C ILE A 81 -2.33 -31.04 43.12
N GLN A 82 -3.05 -32.10 43.52
CA GLN A 82 -3.93 -32.00 44.69
C GLN A 82 -3.13 -31.85 45.97
N LYS A 83 -1.94 -32.48 46.04
CA LYS A 83 -1.22 -32.63 47.30
C LYS A 83 -0.09 -31.64 47.49
N ASP A 84 0.53 -31.13 46.41
CA ASP A 84 1.72 -30.30 46.48
C ASP A 84 1.56 -28.93 45.85
N ILE A 85 0.65 -28.76 44.88
CA ILE A 85 0.48 -27.48 44.21
C ILE A 85 -0.65 -26.67 44.83
N ILE A 86 -1.87 -27.19 44.77
CA ILE A 86 -3.02 -26.42 45.23
C ILE A 86 -2.84 -25.98 46.67
N PRO A 87 -2.42 -26.83 47.61
CA PRO A 87 -2.17 -26.35 48.97
C PRO A 87 -1.13 -25.26 49.04
N GLY A 88 -0.28 -25.14 48.02
CA GLY A 88 0.70 -24.06 47.98
C GLY A 88 0.22 -22.82 47.26
N MET A 89 -1.04 -22.80 46.83
CA MET A 89 -1.59 -21.67 46.09
C MET A 89 -2.24 -20.68 47.04
N THR A 90 -2.13 -19.39 46.68
CA THR A 90 -3.04 -18.38 47.22
C THR A 90 -4.28 -18.40 46.35
N ASN A 91 -5.43 -18.68 46.97
CA ASN A 91 -6.65 -18.96 46.21
C ASN A 91 -7.34 -17.65 45.81
N TRP A 92 -6.86 -17.09 44.70
CA TRP A 92 -7.46 -15.89 44.14
C TRP A 92 -8.93 -16.09 43.78
N MET A 93 -9.36 -17.33 43.56
CA MET A 93 -10.74 -17.62 43.17
C MET A 93 -11.66 -17.86 44.35
N SER A 94 -11.15 -17.81 45.58
CA SER A 94 -11.99 -18.06 46.73
C SER A 94 -12.98 -16.90 46.91
N PRO A 95 -14.22 -17.17 47.31
CA PRO A 95 -15.13 -16.07 47.67
C PRO A 95 -14.63 -15.25 48.85
N ASN A 96 -13.60 -15.71 49.56
CA ASN A 96 -13.08 -14.98 50.72
C ASN A 96 -11.75 -14.32 50.43
N PHE A 97 -11.39 -14.18 49.16
CA PHE A 97 -10.20 -13.44 48.75
C PHE A 97 -10.58 -11.99 48.50
N TYR A 98 -10.02 -11.07 49.30
CA TYR A 98 -10.31 -9.65 49.19
C TYR A 98 -9.04 -8.82 49.05
N ALA A 99 -7.94 -9.44 48.63
CA ALA A 99 -6.65 -8.78 48.55
C ALA A 99 -6.49 -8.04 47.23
N PHE A 100 -5.53 -7.12 47.21
CA PHE A 100 -5.17 -6.39 46.01
C PHE A 100 -6.41 -5.91 45.26
N PHE A 101 -6.57 -6.39 44.02
CA PHE A 101 -7.78 -6.26 43.24
C PHE A 101 -8.18 -7.65 42.79
N PRO A 102 -9.45 -8.00 42.86
CA PRO A 102 -9.87 -9.32 42.40
C PRO A 102 -9.62 -9.50 40.91
N ALA A 103 -9.39 -10.74 40.51
CA ALA A 103 -9.27 -11.10 39.10
C ALA A 103 -10.54 -11.86 38.76
N THR A 104 -11.52 -11.16 38.20
CA THR A 104 -12.85 -11.72 38.03
C THR A 104 -12.91 -12.59 36.77
N VAL A 105 -13.79 -13.59 36.79
CA VAL A 105 -13.84 -14.61 35.76
C VAL A 105 -15.29 -14.91 35.40
N SER A 106 -15.47 -15.71 34.36
CA SER A 106 -16.79 -16.13 33.89
C SER A 106 -16.62 -17.33 32.97
N SER A 107 -17.63 -18.21 32.95
CA SER A 107 -17.52 -19.38 32.10
C SER A 107 -17.45 -19.01 30.63
N ALA A 108 -18.15 -17.95 30.20
CA ALA A 108 -18.04 -17.53 28.81
C ALA A 108 -16.58 -17.25 28.45
N ALA A 109 -15.88 -16.56 29.35
CA ALA A 109 -14.47 -16.25 29.10
C ALA A 109 -13.62 -17.50 29.11
N PHE A 110 -13.93 -18.45 29.98
CA PHE A 110 -13.17 -19.69 30.00
C PHE A 110 -13.33 -20.47 28.71
N LEU A 111 -14.55 -20.47 28.16
CA LEU A 111 -14.74 -21.07 26.85
C LEU A 111 -13.90 -20.35 25.81
N GLY A 112 -13.84 -19.03 25.90
CA GLY A 112 -13.01 -18.27 24.97
C GLY A 112 -11.54 -18.63 25.11
N GLU A 113 -11.08 -18.80 26.34
CA GLU A 113 -9.70 -19.20 26.58
C GLU A 113 -9.42 -20.57 25.97
N MET A 114 -10.29 -21.55 26.29
CA MET A 114 -10.11 -22.90 25.75
C MET A 114 -10.01 -22.87 24.24
N LEU A 115 -10.99 -22.24 23.59
CA LEU A 115 -11.03 -22.25 22.14
C LEU A 115 -9.87 -21.46 21.55
N SER A 116 -9.57 -20.29 22.10
CA SER A 116 -8.48 -19.47 21.61
C SER A 116 -7.17 -20.24 21.68
N THR A 117 -6.98 -21.01 22.75
CA THR A 117 -5.78 -21.81 22.89
C THR A 117 -5.77 -22.97 21.92
N ALA A 118 -6.86 -23.75 21.87
CA ALA A 118 -6.92 -24.90 21.00
C ALA A 118 -6.63 -24.52 19.55
N LEU A 119 -7.20 -23.40 19.08
CA LEU A 119 -6.90 -22.96 17.71
C LEU A 119 -5.42 -22.62 17.55
N ASN A 120 -4.83 -22.05 18.60
CA ASN A 120 -3.41 -21.81 18.68
C ASN A 120 -2.92 -21.12 17.40
N SER A 121 -3.66 -20.11 16.99
CA SER A 121 -3.24 -19.30 15.85
C SER A 121 -2.30 -18.20 16.33
N VAL A 122 -1.47 -17.72 15.42
CA VAL A 122 -0.49 -16.69 15.70
C VAL A 122 -0.89 -15.51 14.83
N GLY A 123 -1.46 -14.47 15.43
CA GLY A 123 -2.10 -13.44 14.63
C GLY A 123 -1.24 -12.21 14.43
N PHE A 124 0.01 -12.38 13.98
CA PHE A 124 0.87 -11.22 13.81
C PHE A 124 0.46 -10.36 12.63
N THR A 125 -0.26 -10.92 11.66
CA THR A 125 -0.73 -10.15 10.51
C THR A 125 -2.18 -10.51 10.23
N TRP A 126 -2.84 -9.69 9.43
CA TRP A 126 -4.19 -10.07 9.00
C TRP A 126 -4.16 -11.39 8.23
N VAL A 127 -3.21 -11.54 7.32
CA VAL A 127 -3.13 -12.76 6.52
C VAL A 127 -2.86 -13.97 7.41
N SER A 128 -2.04 -13.80 8.45
CA SER A 128 -1.77 -14.97 9.29
C SER A 128 -2.98 -15.40 10.11
N SER A 129 -4.17 -14.79 9.95
CA SER A 129 -5.44 -15.33 10.45
C SER A 129 -6.49 -14.22 10.46
N PRO A 130 -7.23 -14.06 9.37
CA PRO A 130 -8.09 -12.85 9.26
C PRO A 130 -9.10 -12.72 10.38
N ALA A 131 -9.80 -13.80 10.72
CA ALA A 131 -10.83 -13.72 11.74
C ALA A 131 -10.28 -13.16 13.04
N ALA A 132 -9.08 -13.60 13.45
CA ALA A 132 -8.57 -13.12 14.74
C ALA A 132 -8.43 -11.61 14.75
N THR A 133 -7.75 -11.05 13.74
CA THR A 133 -7.53 -9.62 13.68
C THR A 133 -8.84 -8.83 13.51
N GLU A 134 -9.71 -9.29 12.61
CA GLU A 134 -10.94 -8.56 12.35
C GLU A 134 -11.84 -8.56 13.56
N LEU A 135 -12.00 -9.72 14.22
CA LEU A 135 -12.82 -9.75 15.43
C LEU A 135 -12.21 -8.90 16.51
N GLU A 136 -10.88 -8.77 16.56
CA GLU A 136 -10.32 -7.89 17.57
C GLU A 136 -10.69 -6.44 17.31
N MET A 137 -10.59 -6.00 16.05
CA MET A 137 -11.02 -4.65 15.74
C MET A 137 -12.48 -4.42 16.12
N ILE A 138 -13.36 -5.37 15.76
CA ILE A 138 -14.78 -5.22 16.05
C ILE A 138 -15.01 -5.15 17.56
N VAL A 139 -14.37 -6.03 18.32
CA VAL A 139 -14.59 -6.06 19.77
C VAL A 139 -14.08 -4.77 20.40
N MET A 140 -12.97 -4.23 19.92
CA MET A 140 -12.48 -2.99 20.48
C MET A 140 -13.43 -1.84 20.19
N ASP A 141 -14.07 -1.83 19.02
CA ASP A 141 -15.05 -0.79 18.75
C ASP A 141 -16.34 -1.00 19.57
N TRP A 142 -16.77 -2.24 19.76
CA TRP A 142 -17.88 -2.52 20.68
C TRP A 142 -17.62 -1.94 22.04
N LEU A 143 -16.48 -2.31 22.62
CA LEU A 143 -16.17 -1.88 23.98
C LEU A 143 -16.05 -0.36 24.04
N ALA A 144 -15.42 0.24 23.02
CA ALA A 144 -15.29 1.68 22.99
C ALA A 144 -16.66 2.34 23.04
N GLN A 145 -17.64 1.80 22.31
CA GLN A 145 -18.99 2.36 22.33
C GLN A 145 -19.66 2.16 23.67
N ILE A 146 -19.50 0.99 24.30
CA ILE A 146 -20.08 0.82 25.62
C ILE A 146 -19.49 1.86 26.56
N LEU A 147 -18.18 2.09 26.46
CA LEU A 147 -17.57 3.14 27.26
C LEU A 147 -17.94 4.52 26.79
N LYS A 148 -18.70 4.63 25.69
CA LYS A 148 -19.10 5.93 25.14
C LYS A 148 -17.90 6.83 24.87
N LEU A 149 -16.86 6.24 24.29
CA LEU A 149 -15.71 7.00 23.84
C LEU A 149 -16.01 7.66 22.49
N PRO A 150 -15.38 8.79 22.21
CA PRO A 150 -15.58 9.44 20.91
C PRO A 150 -15.09 8.56 19.77
N LYS A 151 -15.61 8.86 18.57
CA LYS A 151 -15.22 8.11 17.37
C LYS A 151 -13.72 8.21 17.10
N SER A 152 -13.02 9.16 17.72
CA SER A 152 -11.59 9.29 17.51
C SER A 152 -10.78 8.17 18.15
N PHE A 153 -11.43 7.25 18.88
CA PHE A 153 -10.76 6.08 19.44
C PHE A 153 -11.18 4.79 18.75
N MET A 154 -11.92 4.87 17.65
CA MET A 154 -12.51 3.69 17.03
C MET A 154 -11.94 3.45 15.64
N PHE A 155 -11.82 2.18 15.29
CA PHE A 155 -11.43 1.81 13.94
C PHE A 155 -12.45 2.30 12.93
N SER A 156 -13.74 2.20 13.27
CA SER A 156 -14.79 2.76 12.41
C SER A 156 -14.65 4.27 12.26
N GLY A 157 -14.00 4.95 13.22
CA GLY A 157 -13.67 6.35 13.10
C GLY A 157 -12.23 6.60 12.67
N THR A 158 -11.47 7.34 13.48
CA THR A 158 -10.12 7.72 13.13
C THR A 158 -9.04 7.26 14.11
N GLY A 159 -9.41 6.50 15.14
CA GLY A 159 -8.40 6.03 16.08
C GLY A 159 -8.31 4.53 16.01
N GLY A 160 -7.95 3.89 17.12
CA GLY A 160 -7.97 2.44 17.15
C GLY A 160 -7.63 1.89 18.52
N GLY A 161 -7.57 0.58 18.57
CA GLY A 161 -7.27 -0.09 19.82
C GLY A 161 -6.62 -1.44 19.58
N VAL A 162 -6.03 -1.95 20.64
CA VAL A 162 -5.40 -3.25 20.62
C VAL A 162 -5.53 -3.89 22.00
N ILE A 163 -5.72 -5.21 22.02
CA ILE A 163 -5.70 -5.99 23.25
C ILE A 163 -4.27 -6.41 23.54
N GLN A 164 -3.69 -5.82 24.59
CA GLN A 164 -2.40 -6.19 25.14
C GLN A 164 -2.60 -7.17 26.29
N ASN A 165 -1.48 -7.62 26.85
CA ASN A 165 -1.52 -8.53 27.99
C ASN A 165 -1.68 -7.79 29.30
N THR A 166 -0.98 -6.66 29.46
CA THR A 166 -0.82 -6.05 30.78
C THR A 166 -1.02 -4.56 30.67
N THR A 167 -1.17 -3.93 31.84
CA THR A 167 -1.12 -2.48 31.85
C THR A 167 0.31 -1.98 31.65
N SER A 168 1.28 -2.67 32.23
CA SER A 168 2.66 -2.20 32.13
C SER A 168 3.08 -2.07 30.67
N GLU A 169 2.74 -3.05 29.82
CA GLU A 169 3.18 -2.94 28.43
C GLU A 169 2.33 -1.98 27.62
N SER A 170 1.05 -1.78 27.99
CA SER A 170 0.28 -0.73 27.33
C SER A 170 0.85 0.64 27.62
N ILE A 171 1.13 0.92 28.88
CA ILE A 171 1.74 2.20 29.24
C ILE A 171 3.10 2.33 28.59
N LEU A 172 3.90 1.26 28.60
CA LEU A 172 5.21 1.30 27.97
C LEU A 172 5.11 1.66 26.49
N CYS A 173 4.14 1.07 25.78
CA CYS A 173 3.96 1.39 24.37
C CYS A 173 3.58 2.86 24.18
N THR A 174 2.62 3.37 24.97
CA THR A 174 2.26 4.77 24.77
C THR A 174 3.39 5.70 25.14
N ILE A 175 4.17 5.33 26.16
CA ILE A 175 5.34 6.13 26.53
C ILE A 175 6.36 6.16 25.39
N ILE A 176 6.58 5.02 24.75
CA ILE A 176 7.55 5.01 23.65
C ILE A 176 7.03 5.83 22.48
N ALA A 177 5.73 5.72 22.19
CA ALA A 177 5.13 6.53 21.15
C ALA A 177 5.37 8.02 21.40
N ALA A 178 5.09 8.48 22.62
CA ALA A 178 5.32 9.87 22.94
C ALA A 178 6.80 10.23 22.81
N ARG A 179 7.68 9.37 23.35
CA ARG A 179 9.12 9.58 23.25
C ARG A 179 9.56 9.75 21.81
N GLU A 180 9.07 8.89 20.93
CA GLU A 180 9.52 8.94 19.55
C GLU A 180 8.97 10.15 18.83
N ARG A 181 7.73 10.58 19.15
CA ARG A 181 7.26 11.84 18.58
C ARG A 181 8.24 12.96 18.92
N ALA A 182 8.63 13.03 20.19
CA ALA A 182 9.61 14.05 20.58
C ALA A 182 10.93 13.86 19.83
N LEU A 183 11.46 12.64 19.79
CA LEU A 183 12.80 12.42 19.21
C LEU A 183 12.82 12.72 17.71
N GLU A 184 11.74 12.39 17.00
CA GLU A 184 11.69 12.75 15.59
C GLU A 184 11.60 14.26 15.42
N LYS A 185 10.94 14.96 16.36
CA LYS A 185 10.91 16.41 16.28
C LYS A 185 12.27 17.03 16.59
N LEU A 186 12.93 16.56 17.65
CA LEU A 186 14.08 17.24 18.23
C LEU A 186 15.41 16.52 18.04
N GLY A 187 15.40 15.24 17.64
CA GLY A 187 16.63 14.48 17.53
C GLY A 187 16.87 13.64 18.76
N PRO A 188 17.59 12.52 18.59
CA PRO A 188 17.76 11.58 19.71
C PRO A 188 18.48 12.15 20.91
N ASP A 189 19.45 13.04 20.73
CA ASP A 189 20.14 13.53 21.90
C ASP A 189 19.25 14.38 22.81
N SER A 190 18.03 14.66 22.40
CA SER A 190 17.11 15.37 23.27
C SER A 190 16.45 14.47 24.30
N ILE A 191 16.75 13.17 24.30
CA ILE A 191 16.11 12.26 25.26
C ILE A 191 16.37 12.73 26.69
N GLY A 192 17.50 13.41 26.93
CA GLY A 192 17.84 13.91 28.24
C GLY A 192 17.01 15.09 28.73
N LYS A 193 16.12 15.62 27.89
CA LYS A 193 15.22 16.71 28.25
C LYS A 193 13.80 16.25 28.56
N LEU A 194 13.44 15.02 28.21
CA LEU A 194 12.06 14.57 28.25
C LEU A 194 11.64 14.19 29.67
N VAL A 195 10.58 14.80 30.16
CA VAL A 195 10.12 14.59 31.53
C VAL A 195 8.78 13.86 31.51
N CYS A 196 8.65 12.87 32.37
CA CYS A 196 7.42 12.11 32.54
C CYS A 196 6.85 12.42 33.92
N TYR A 197 5.52 12.47 34.01
CA TYR A 197 4.81 12.84 35.24
C TYR A 197 3.84 11.73 35.62
N GLY A 198 3.81 11.39 36.90
CA GLY A 198 2.83 10.45 37.42
C GLY A 198 2.51 10.73 38.88
N SER A 199 1.31 10.34 39.30
CA SER A 199 0.95 10.49 40.71
C SER A 199 1.89 9.70 41.62
N ASP A 200 2.14 10.24 42.81
CA ASP A 200 2.87 9.50 43.83
C ASP A 200 2.07 8.30 44.34
N GLN A 201 0.84 8.15 43.91
CA GLN A 201 0.01 6.97 44.18
C GLN A 201 0.21 5.87 43.15
N THR A 202 1.01 6.12 42.14
CA THR A 202 1.41 5.10 41.18
C THR A 202 2.92 5.13 41.03
N HIS A 203 3.63 4.76 42.10
CA HIS A 203 5.09 4.84 42.11
C HIS A 203 5.76 3.47 42.05
N THR A 204 4.99 2.38 41.90
CA THR A 204 5.60 1.07 41.79
C THR A 204 5.73 0.59 40.35
N MET A 205 4.79 0.92 39.49
CA MET A 205 4.75 0.45 38.10
C MET A 205 5.17 1.51 37.11
N PHE A 206 4.71 2.74 37.33
CA PHE A 206 4.91 3.82 36.36
C PHE A 206 6.37 4.23 36.22
N PRO A 207 7.11 4.47 37.31
CA PRO A 207 8.54 4.79 37.14
C PRO A 207 9.34 3.68 36.48
N LYS A 208 9.07 2.42 36.84
CA LYS A 208 9.73 1.31 36.19
C LYS A 208 9.54 1.39 34.69
N THR A 209 8.29 1.61 34.26
CA THR A 209 8.00 1.75 32.84
C THR A 209 8.79 2.89 32.21
N CYS A 210 8.81 4.06 32.86
CA CYS A 210 9.56 5.18 32.30
C CYS A 210 11.03 4.80 32.12
N LYS A 211 11.62 4.15 33.13
CA LYS A 211 13.02 3.74 33.04
C LYS A 211 13.22 2.77 31.88
N LEU A 212 12.29 1.83 31.70
CA LEU A 212 12.39 0.89 30.59
C LEU A 212 12.46 1.60 29.25
N ALA A 213 11.78 2.74 29.10
CA ALA A 213 11.76 3.47 27.84
C ALA A 213 13.00 4.34 27.67
N GLY A 214 13.87 4.40 28.68
CA GLY A 214 15.07 5.20 28.59
C GLY A 214 14.95 6.60 29.16
N ILE A 215 13.86 6.91 29.85
CA ILE A 215 13.75 8.22 30.50
C ILE A 215 14.86 8.32 31.52
N TYR A 216 15.58 9.44 31.51
CA TYR A 216 16.63 9.63 32.48
C TYR A 216 16.06 9.52 33.89
N PRO A 217 16.82 8.95 34.83
CA PRO A 217 16.30 8.76 36.20
C PRO A 217 15.70 10.02 36.81
N ASN A 218 16.37 11.17 36.66
CA ASN A 218 15.91 12.43 37.23
C ASN A 218 14.77 13.08 36.44
N ASN A 219 14.37 12.53 35.30
CA ASN A 219 13.27 13.09 34.54
C ASN A 219 11.96 12.33 34.73
N ILE A 220 11.90 11.47 35.74
CA ILE A 220 10.69 10.76 36.14
C ILE A 220 10.20 11.44 37.41
N ARG A 221 9.06 12.14 37.33
CA ARG A 221 8.57 13.01 38.41
C ARG A 221 7.24 12.51 38.96
N LEU A 222 7.22 12.24 40.28
CA LEU A 222 6.00 11.88 40.99
C LEU A 222 5.35 13.11 41.60
N ILE A 223 4.10 13.38 41.22
CA ILE A 223 3.33 14.52 41.70
C ILE A 223 2.84 14.23 43.12
N PRO A 224 3.28 15.01 44.10
CA PRO A 224 2.80 14.80 45.47
C PRO A 224 1.31 15.02 45.61
N THR A 225 0.68 14.15 46.40
CA THR A 225 -0.75 14.22 46.65
C THR A 225 -0.99 14.21 48.15
N THR A 226 -2.12 14.77 48.55
CA THR A 226 -2.46 14.92 49.96
C THR A 226 -3.89 14.47 50.21
N VAL A 227 -4.18 14.21 51.49
CA VAL A 227 -5.54 13.83 51.89
C VAL A 227 -6.55 14.90 51.48
N GLU A 228 -6.12 16.15 51.28
CA GLU A 228 -7.04 17.21 50.94
C GLU A 228 -7.71 16.98 49.58
N THR A 229 -7.08 16.24 48.68
CA THR A 229 -7.69 15.87 47.41
C THR A 229 -8.01 14.38 47.34
N ASP A 230 -8.08 13.71 48.49
CA ASP A 230 -8.21 12.26 48.55
C ASP A 230 -7.10 11.56 47.76
N PHE A 231 -5.90 12.15 47.78
CA PHE A 231 -4.72 11.59 47.14
C PHE A 231 -4.92 11.43 45.64
N GLY A 232 -5.75 12.28 45.06
CA GLY A 232 -5.80 12.45 43.63
C GLY A 232 -4.92 13.61 43.23
N ILE A 233 -4.51 13.64 41.96
CA ILE A 233 -3.62 14.71 41.49
C ILE A 233 -4.34 16.06 41.53
N SER A 234 -3.71 17.05 42.11
CA SER A 234 -4.23 18.40 42.03
C SER A 234 -3.75 19.05 40.74
N PRO A 235 -4.66 19.49 39.85
CA PRO A 235 -4.21 20.11 38.60
C PRO A 235 -3.25 21.26 38.84
N GLN A 236 -3.52 22.12 39.83
N GLN A 236 -3.51 22.12 39.82
CA GLN A 236 -2.63 23.22 40.14
CA GLN A 236 -2.61 23.23 40.11
C GLN A 236 -1.21 22.74 40.38
C GLN A 236 -1.19 22.73 40.38
N VAL A 237 -1.07 21.68 41.18
CA VAL A 237 0.25 21.10 41.46
C VAL A 237 0.97 20.73 40.17
N LEU A 238 0.28 19.99 39.31
CA LEU A 238 0.89 19.56 38.06
C LEU A 238 1.25 20.74 37.18
N ARG A 239 0.38 21.75 37.11
CA ARG A 239 0.69 22.90 36.27
C ARG A 239 1.94 23.60 36.76
N LYS A 240 2.06 23.76 38.08
CA LYS A 240 3.23 24.40 38.64
C LYS A 240 4.49 23.60 38.27
N MET A 241 4.42 22.28 38.41
CA MET A 241 5.56 21.43 38.06
C MET A 241 5.92 21.56 36.59
N VAL A 242 4.92 21.49 35.71
CA VAL A 242 5.18 21.55 34.27
C VAL A 242 5.80 22.88 33.90
N GLU A 243 5.30 23.97 34.47
CA GLU A 243 5.83 25.28 34.08
C GLU A 243 7.24 25.49 34.62
N ASP A 244 7.55 24.96 35.80
CA ASP A 244 8.93 25.02 36.27
C ASP A 244 9.84 24.18 35.38
N ASP A 245 9.36 23.02 34.91
CA ASP A 245 10.18 22.22 34.01
C ASP A 245 10.42 22.94 32.69
N VAL A 246 9.40 23.60 32.16
CA VAL A 246 9.56 24.36 30.93
C VAL A 246 10.55 25.50 31.13
N ALA A 247 10.47 26.17 32.29
CA ALA A 247 11.40 27.28 32.56
C ALA A 247 12.84 26.81 32.61
N ALA A 248 13.07 25.61 33.14
CA ALA A 248 14.43 25.06 33.24
C ALA A 248 14.88 24.40 31.95
N GLY A 249 14.09 24.46 30.89
CA GLY A 249 14.50 23.95 29.60
C GLY A 249 14.10 22.52 29.29
N TYR A 250 13.40 21.84 30.18
CA TYR A 250 12.99 20.47 29.92
C TYR A 250 11.78 20.45 28.99
N VAL A 251 11.50 19.26 28.47
CA VAL A 251 10.38 19.04 27.56
C VAL A 251 9.39 18.10 28.23
N PRO A 252 8.25 18.60 28.70
CA PRO A 252 7.22 17.72 29.25
C PRO A 252 6.64 16.80 28.20
N LEU A 253 6.63 15.51 28.50
CA LEU A 253 6.43 14.48 27.50
C LEU A 253 5.21 13.62 27.77
N PHE A 254 5.05 13.15 28.99
CA PHE A 254 4.09 12.08 29.23
C PHE A 254 3.51 12.29 30.61
N LEU A 255 2.19 12.10 30.69
CA LEU A 255 1.45 12.20 31.94
C LEU A 255 0.61 10.96 32.03
N CYS A 256 0.79 10.23 33.12
CA CYS A 256 -0.01 9.04 33.41
C CYS A 256 -1.03 9.46 34.45
N ALA A 257 -2.28 9.63 34.02
CA ALA A 257 -3.38 9.91 34.93
C ALA A 257 -4.07 8.61 35.30
N THR A 258 -4.16 8.34 36.60
CA THR A 258 -4.68 7.08 37.11
C THR A 258 -6.12 7.22 37.60
N LEU A 259 -6.98 6.37 37.05
CA LEU A 259 -8.38 6.25 37.44
C LEU A 259 -8.50 4.99 38.29
N GLY A 260 -8.30 5.14 39.59
CA GLY A 260 -8.41 4.02 40.51
C GLY A 260 -7.06 3.44 40.88
N THR A 261 -6.31 4.18 41.69
CA THR A 261 -5.00 3.71 42.09
C THR A 261 -5.08 2.41 42.89
N THR A 262 -3.96 1.66 42.89
CA THR A 262 -3.93 0.35 43.51
C THR A 262 -4.09 0.44 45.02
N SER A 263 -3.58 1.50 45.64
CA SER A 263 -3.68 1.62 47.10
C SER A 263 -5.12 1.90 47.55
N THR A 264 -5.67 3.04 47.16
CA THR A 264 -6.97 3.49 47.68
C THR A 264 -7.99 3.75 46.58
N THR A 265 -7.70 3.36 45.34
CA THR A 265 -8.54 3.72 44.19
C THR A 265 -8.84 5.22 44.19
N ALA A 266 -7.80 6.01 44.46
CA ALA A 266 -7.85 7.44 44.17
C ALA A 266 -8.17 7.65 42.70
N THR A 267 -8.63 8.86 42.36
CA THR A 267 -9.05 9.18 41.00
C THR A 267 -8.42 10.49 40.57
N ASP A 268 -7.61 10.44 39.54
CA ASP A 268 -7.09 11.69 39.00
C ASP A 268 -8.13 12.31 38.09
N PRO A 269 -8.28 13.64 38.12
CA PRO A 269 -9.36 14.28 37.37
C PRO A 269 -9.00 14.38 35.89
N VAL A 270 -9.62 13.52 35.08
CA VAL A 270 -9.30 13.48 33.65
C VAL A 270 -9.58 14.83 32.99
N ASP A 271 -10.70 15.45 33.34
CA ASP A 271 -11.16 16.63 32.61
C ASP A 271 -10.18 17.79 32.72
N SER A 272 -9.71 18.11 33.93
CA SER A 272 -8.76 19.22 34.10
C SER A 272 -7.34 18.85 33.66
N LEU A 273 -6.90 17.63 34.00
CA LEU A 273 -5.53 17.21 33.68
C LEU A 273 -5.34 17.14 32.18
N SER A 274 -6.33 16.66 31.45
CA SER A 274 -6.17 16.54 30.00
C SER A 274 -6.09 17.92 29.37
N GLU A 275 -6.87 18.87 29.88
CA GLU A 275 -6.75 20.25 29.44
C GLU A 275 -5.31 20.72 29.59
N ILE A 276 -4.67 20.36 30.71
CA ILE A 276 -3.27 20.74 30.89
C ILE A 276 -2.37 20.00 29.90
N ALA A 277 -2.62 18.71 29.69
CA ALA A 277 -1.79 17.96 28.75
C ALA A 277 -1.85 18.62 27.37
N ASN A 278 -3.07 18.93 26.92
CA ASN A 278 -3.24 19.64 25.65
C ASN A 278 -2.46 20.94 25.65
N GLU A 279 -2.56 21.71 26.73
CA GLU A 279 -1.89 23.01 26.72
C GLU A 279 -0.39 22.89 26.54
N PHE A 280 0.24 21.92 27.18
CA PHE A 280 1.69 21.87 27.14
C PHE A 280 2.25 20.82 26.20
N GLY A 281 1.40 20.25 25.32
CA GLY A 281 1.86 19.25 24.39
C GLY A 281 2.27 17.94 25.02
N ILE A 282 1.74 17.65 26.20
CA ILE A 282 2.04 16.43 26.93
C ILE A 282 1.09 15.33 26.49
N TRP A 283 1.63 14.17 26.17
CA TRP A 283 0.80 13.00 25.91
C TRP A 283 0.19 12.52 27.21
N ILE A 284 -1.12 12.48 27.28
CA ILE A 284 -1.79 12.01 28.49
C ILE A 284 -2.38 10.63 28.23
N HIS A 285 -2.02 9.69 29.10
CA HIS A 285 -2.54 8.35 29.05
C HIS A 285 -3.31 8.12 30.35
N VAL A 286 -4.51 7.58 30.21
CA VAL A 286 -5.35 7.27 31.37
C VAL A 286 -5.22 5.78 31.63
N ASP A 287 -4.62 5.46 32.78
CA ASP A 287 -4.54 4.09 33.27
C ASP A 287 -5.82 3.82 34.07
N ALA A 288 -6.73 3.07 33.47
CA ALA A 288 -7.94 2.66 34.18
C ALA A 288 -7.96 1.15 34.29
N ALA A 289 -6.86 0.56 34.77
CA ALA A 289 -6.78 -0.89 34.83
C ALA A 289 -7.98 -1.47 35.55
N TYR A 290 -8.27 -0.98 36.75
CA TYR A 290 -9.36 -1.55 37.54
C TYR A 290 -10.68 -0.81 37.29
N ALA A 291 -10.72 0.49 37.60
CA ALA A 291 -11.99 1.23 37.64
C ALA A 291 -12.60 1.46 36.25
N GLY A 292 -11.79 1.43 35.19
CA GLY A 292 -12.34 1.67 33.87
C GLY A 292 -13.51 0.75 33.54
N SER A 293 -13.44 -0.51 33.96
CA SER A 293 -14.56 -1.40 33.65
C SER A 293 -15.87 -0.85 34.18
N ALA A 294 -15.81 -0.20 35.34
CA ALA A 294 -17.02 0.39 35.95
C ALA A 294 -17.63 1.47 35.09
N CYS A 295 -16.82 2.12 34.27
CA CYS A 295 -17.32 3.18 33.43
C CYS A 295 -18.25 2.68 32.34
N ILE A 296 -18.51 1.37 32.27
CA ILE A 296 -19.61 0.88 31.44
C ILE A 296 -20.97 1.21 32.04
N CYS A 297 -21.00 1.69 33.31
CA CYS A 297 -22.24 2.12 33.96
C CYS A 297 -22.40 3.62 33.89
N PRO A 298 -23.57 4.12 33.51
CA PRO A 298 -23.74 5.58 33.39
C PRO A 298 -23.37 6.34 34.65
N GLU A 299 -23.66 5.82 35.84
CA GLU A 299 -23.34 6.57 37.06
C GLU A 299 -21.84 6.63 37.33
N PHE A 300 -21.03 5.93 36.55
CA PHE A 300 -19.59 6.10 36.63
C PHE A 300 -19.00 6.78 35.41
N ARG A 301 -19.77 6.97 34.35
CA ARG A 301 -19.14 7.45 33.13
C ARG A 301 -18.57 8.85 33.30
N HIS A 302 -19.03 9.60 34.32
CA HIS A 302 -18.49 10.94 34.54
C HIS A 302 -16.98 10.90 34.76
N TYR A 303 -16.45 9.79 35.24
CA TYR A 303 -15.01 9.74 35.45
C TYR A 303 -14.23 9.87 34.16
N LEU A 304 -14.84 9.62 33.01
CA LEU A 304 -14.18 9.81 31.73
C LEU A 304 -14.53 11.13 31.05
N ASP A 305 -15.21 12.05 31.74
CA ASP A 305 -15.47 13.34 31.12
C ASP A 305 -14.15 13.97 30.73
N GLY A 306 -14.08 14.46 29.48
CA GLY A 306 -12.85 14.96 28.91
C GLY A 306 -12.02 13.95 28.14
N ILE A 307 -12.46 12.69 28.05
CA ILE A 307 -11.66 11.68 27.37
C ILE A 307 -11.37 12.06 25.93
N GLU A 308 -12.16 12.96 25.34
CA GLU A 308 -11.89 13.38 23.97
C GLU A 308 -10.58 14.16 23.84
N ARG A 309 -10.09 14.75 24.92
CA ARG A 309 -8.80 15.45 24.86
C ARG A 309 -7.63 14.53 25.14
N VAL A 310 -7.89 13.30 25.49
CA VAL A 310 -6.89 12.39 26.03
C VAL A 310 -6.19 11.64 24.90
N ASP A 311 -4.93 11.29 25.15
CA ASP A 311 -4.17 10.63 24.10
C ASP A 311 -4.38 9.13 24.10
N SER A 312 -4.38 8.48 25.27
CA SER A 312 -4.61 7.05 25.25
C SER A 312 -5.33 6.63 26.51
N LEU A 313 -5.96 5.46 26.45
CA LEU A 313 -6.71 4.92 27.58
C LEU A 313 -6.52 3.42 27.65
N SER A 314 -6.42 2.89 28.88
CA SER A 314 -6.35 1.45 29.04
C SER A 314 -7.23 0.98 30.19
N LEU A 315 -7.74 -0.24 30.05
CA LEU A 315 -8.45 -0.91 31.14
C LEU A 315 -8.23 -2.40 31.02
N SER A 316 -8.23 -3.11 32.16
CA SER A 316 -7.97 -4.54 32.16
C SER A 316 -9.22 -5.37 32.44
N PRO A 317 -9.88 -5.91 31.42
CA PRO A 317 -10.92 -6.92 31.67
C PRO A 317 -10.52 -8.03 32.65
N HIS A 318 -9.25 -8.38 32.75
CA HIS A 318 -8.89 -9.50 33.65
C HIS A 318 -8.87 -9.03 35.08
N1 LLP A 319 -1.95 0.17 37.48
C2 LLP A 319 -3.14 0.03 38.08
C2' LLP A 319 -3.99 1.30 38.38
C3 LLP A 319 -3.62 -1.25 38.46
O3 LLP A 319 -4.85 -1.40 39.09
C4 LLP A 319 -2.85 -2.37 38.20
C4' LLP A 319 -3.37 -3.84 38.60
C5 LLP A 319 -1.66 -2.25 37.59
C6 LLP A 319 -1.18 -0.99 37.20
C5' LLP A 319 -0.83 -3.54 37.30
OP4 LLP A 319 -0.62 -3.59 35.89
P LLP A 319 0.16 -4.75 35.25
OP1 LLP A 319 1.46 -4.12 34.70
OP2 LLP A 319 0.46 -5.80 36.23
OP3 LLP A 319 -0.65 -5.30 34.13
N LLP A 319 -9.15 -7.75 35.27
CA LLP A 319 -9.40 -7.23 36.61
CB LLP A 319 -8.88 -5.82 36.70
CG LLP A 319 -7.43 -6.00 37.12
CD LLP A 319 -6.81 -4.71 37.61
CE LLP A 319 -5.30 -4.95 37.86
NZ LLP A 319 -4.79 -3.82 38.61
C LLP A 319 -10.87 -7.32 36.91
O LLP A 319 -11.27 -8.28 37.58
N TRP A 320 -11.68 -6.39 36.41
CA TRP A 320 -13.07 -6.28 36.83
C TRP A 320 -14.12 -6.62 35.75
N LEU A 321 -13.70 -7.28 34.66
CA LEU A 321 -14.65 -7.58 33.60
C LEU A 321 -14.59 -9.05 33.19
N LEU A 322 -14.48 -9.93 34.17
CA LEU A 322 -14.79 -11.34 33.99
C LEU A 322 -13.89 -12.03 32.98
N ALA A 323 -12.80 -11.40 32.57
CA ALA A 323 -11.85 -12.04 31.67
C ALA A 323 -10.82 -12.74 32.52
N TYR A 324 -10.36 -13.87 32.06
CA TYR A 324 -9.24 -14.38 32.83
C TYR A 324 -7.99 -13.56 32.49
N LEU A 325 -6.95 -13.70 33.31
CA LEU A 325 -5.63 -13.27 32.85
C LEU A 325 -5.25 -14.05 31.61
N ASP A 326 -4.64 -13.39 30.62
CA ASP A 326 -4.39 -11.95 30.59
C ASP A 326 -5.41 -11.32 29.70
N CYS A 327 -5.67 -10.02 29.93
CA CYS A 327 -6.53 -9.25 29.05
C CYS A 327 -6.49 -7.78 29.43
N THR A 328 -5.82 -6.96 28.63
CA THR A 328 -5.79 -5.51 28.80
C THR A 328 -6.17 -4.84 27.49
N CYS A 329 -7.07 -3.86 27.53
CA CYS A 329 -7.49 -3.13 26.35
C CYS A 329 -6.82 -1.77 26.34
N LEU A 330 -6.33 -1.38 25.16
CA LEU A 330 -5.65 -0.11 24.97
C LEU A 330 -6.25 0.57 23.75
N TRP A 331 -6.71 1.79 23.94
CA TRP A 331 -7.17 2.63 22.86
C TRP A 331 -6.22 3.81 22.68
N VAL A 332 -6.05 4.21 21.42
CA VAL A 332 -5.16 5.29 21.06
C VAL A 332 -5.87 6.16 20.03
N LYS A 333 -5.80 7.47 20.24
CA LYS A 333 -6.50 8.41 19.39
C LYS A 333 -5.76 8.62 18.07
N GLN A 334 -4.43 8.49 18.08
CA GLN A 334 -3.62 8.61 16.87
C GLN A 334 -2.79 7.34 16.71
N PRO A 335 -3.36 6.27 16.16
CA PRO A 335 -2.55 5.04 15.98
C PRO A 335 -1.25 5.29 15.24
N HIS A 336 -1.21 6.19 14.25
CA HIS A 336 0.01 6.35 13.47
C HIS A 336 1.19 6.76 14.34
N LEU A 337 0.94 7.47 15.44
CA LEU A 337 2.06 7.76 16.33
C LEU A 337 2.57 6.50 17.00
N LEU A 338 1.64 5.62 17.42
CA LEU A 338 2.04 4.34 17.99
C LEU A 338 2.79 3.49 16.97
N LEU A 339 2.25 3.38 15.76
CA LEU A 339 2.86 2.58 14.71
C LEU A 339 4.25 3.08 14.37
N ARG A 340 4.40 4.40 14.15
CA ARG A 340 5.74 4.94 13.91
C ARG A 340 6.67 4.54 15.03
N ALA A 341 6.18 4.62 16.27
CA ALA A 341 7.05 4.34 17.41
C ALA A 341 7.54 2.90 17.40
N LEU A 342 6.71 1.96 16.98
CA LEU A 342 6.96 0.53 17.19
C LEU A 342 7.54 -0.16 15.95
N THR A 343 8.21 0.57 15.07
CA THR A 343 8.82 -0.05 13.91
C THR A 343 10.09 0.69 13.55
N THR A 344 10.99 -0.02 12.87
CA THR A 344 12.17 0.62 12.30
C THR A 344 12.07 0.74 10.78
N ASN A 345 10.98 0.26 10.18
CA ASN A 345 10.81 0.16 8.73
C ASN A 345 11.01 1.51 8.07
N PRO A 346 12.08 1.68 7.27
CA PRO A 346 12.31 2.99 6.64
C PRO A 346 11.21 3.40 5.69
N GLU A 347 10.61 2.43 4.98
CA GLU A 347 9.56 2.78 4.03
C GLU A 347 8.31 3.26 4.75
N TYR A 348 7.88 2.59 5.81
CA TYR A 348 6.71 3.06 6.54
C TYR A 348 6.97 4.44 7.14
N LEU A 349 8.19 4.67 7.63
CA LEU A 349 8.48 5.93 8.29
C LEU A 349 8.62 7.07 7.30
N LYS A 350 8.96 6.79 6.04
CA LYS A 350 9.07 7.87 5.07
C LYS A 350 7.70 8.38 4.65
N ASN A 351 6.73 7.47 4.52
CA ASN A 351 5.37 7.88 4.16
C ASN A 351 4.68 8.45 5.39
N LYS A 352 4.31 9.72 5.33
CA LYS A 352 3.65 10.41 6.44
C LYS A 352 2.24 10.78 5.98
N GLN A 353 1.36 9.79 6.01
CA GLN A 353 -0.01 9.94 5.55
C GLN A 353 -0.85 8.82 6.13
N SER A 354 -2.15 8.87 5.87
CA SER A 354 -3.07 7.79 6.20
C SER A 354 -3.40 6.99 4.95
N ASP A 355 -3.70 5.71 5.13
CA ASP A 355 -3.81 4.77 4.02
C ASP A 355 -5.24 4.26 3.86
N LEU A 356 -5.46 3.58 2.73
CA LEU A 356 -6.78 3.09 2.34
C LEU A 356 -7.09 1.70 2.87
N ASP A 357 -6.14 1.02 3.50
CA ASP A 357 -6.39 -0.29 4.07
C ASP A 357 -7.50 -0.21 5.11
N LYS A 358 -8.27 -1.29 5.21
CA LYS A 358 -9.33 -1.41 6.21
C LYS A 358 -8.99 -2.44 7.27
N VAL A 359 -7.74 -2.89 7.33
CA VAL A 359 -7.34 -4.05 8.11
C VAL A 359 -5.91 -3.82 8.58
N VAL A 360 -5.59 -4.34 9.77
CA VAL A 360 -4.32 -4.07 10.41
C VAL A 360 -3.52 -5.35 10.59
N ASP A 361 -2.22 -5.19 10.86
CA ASP A 361 -1.35 -6.25 11.35
C ASP A 361 -0.99 -5.88 12.78
N PHE A 362 -1.55 -6.62 13.75
CA PHE A 362 -1.41 -6.19 15.12
C PHE A 362 0.01 -6.32 15.65
N LYS A 363 0.89 -7.03 14.95
CA LYS A 363 2.29 -7.01 15.36
C LYS A 363 2.83 -5.59 15.48
N ASN A 364 2.31 -4.68 14.67
CA ASN A 364 2.74 -3.30 14.67
C ASN A 364 2.22 -2.52 15.86
N TRP A 365 1.31 -3.10 16.65
CA TRP A 365 0.68 -2.41 17.77
C TRP A 365 1.21 -2.89 19.11
N GLN A 366 2.28 -3.67 19.11
CA GLN A 366 2.72 -4.33 20.33
C GLN A 366 4.21 -4.54 20.29
N ILE A 367 4.73 -5.01 21.42
CA ILE A 367 6.17 -5.21 21.56
C ILE A 367 6.64 -6.41 20.73
N ALA A 368 5.89 -7.50 20.75
CA ALA A 368 6.32 -8.74 20.13
C ALA A 368 5.73 -8.89 18.74
N THR A 369 6.05 -10.02 18.11
CA THR A 369 5.50 -10.42 16.81
C THR A 369 4.28 -11.32 17.00
N GLY A 370 4.46 -12.45 17.69
CA GLY A 370 3.36 -13.38 17.87
C GLY A 370 2.32 -12.88 18.88
N ARG A 371 1.11 -13.44 18.76
CA ARG A 371 -0.06 -13.09 19.56
C ARG A 371 -1.04 -14.24 19.53
N LYS A 372 -1.71 -14.47 20.66
CA LYS A 372 -2.84 -15.39 20.66
C LYS A 372 -4.08 -14.74 20.03
N PHE A 373 -5.15 -15.54 19.93
CA PHE A 373 -6.46 -15.09 19.48
C PHE A 373 -7.19 -14.43 20.66
N ARG A 374 -6.71 -13.24 21.02
CA ARG A 374 -7.04 -12.64 22.30
C ARG A 374 -8.49 -12.17 22.37
N SER A 375 -9.07 -11.74 21.25
CA SER A 375 -10.37 -11.07 21.28
C SER A 375 -11.53 -12.04 21.43
N LEU A 376 -11.30 -13.33 21.18
CA LEU A 376 -12.39 -14.30 21.17
C LEU A 376 -13.12 -14.31 22.52
N LYS A 377 -12.36 -14.41 23.60
CA LYS A 377 -13.01 -14.52 24.90
C LYS A 377 -13.75 -13.23 25.25
N LEU A 378 -13.24 -12.06 24.86
CA LEU A 378 -13.98 -10.83 25.11
C LEU A 378 -15.29 -10.81 24.34
N TRP A 379 -15.24 -11.15 23.05
CA TRP A 379 -16.45 -11.29 22.25
C TRP A 379 -17.45 -12.21 22.94
N LEU A 380 -16.99 -13.37 23.41
CA LEU A 380 -17.92 -14.29 24.07
C LEU A 380 -18.47 -13.68 25.34
N ILE A 381 -17.68 -12.89 26.07
CA ILE A 381 -18.19 -12.26 27.29
C ILE A 381 -19.34 -11.32 26.94
N LEU A 382 -19.06 -10.38 26.04
CA LEU A 382 -20.07 -9.41 25.63
C LEU A 382 -21.33 -10.11 25.11
N ARG A 383 -21.16 -11.04 24.18
CA ARG A 383 -22.33 -11.69 23.60
C ARG A 383 -23.08 -12.55 24.61
N SER A 384 -22.39 -13.18 25.56
N SER A 384 -22.39 -13.16 25.57
CA SER A 384 -23.06 -14.12 26.44
CA SER A 384 -23.04 -14.13 26.44
C SER A 384 -23.81 -13.43 27.58
C SER A 384 -23.76 -13.46 27.61
N TYR A 385 -23.33 -12.27 28.02
CA TYR A 385 -23.96 -11.59 29.14
C TYR A 385 -24.73 -10.34 28.77
N GLY A 386 -24.29 -9.56 27.78
CA GLY A 386 -25.01 -8.34 27.50
C GLY A 386 -24.57 -7.19 28.36
N VAL A 387 -24.65 -5.99 27.79
CA VAL A 387 -24.27 -4.77 28.49
C VAL A 387 -25.04 -4.63 29.80
N VAL A 388 -26.34 -4.94 29.80
CA VAL A 388 -27.14 -4.76 31.02
C VAL A 388 -26.58 -5.60 32.15
N ASN A 389 -26.34 -6.90 31.87
CA ASN A 389 -25.82 -7.80 32.90
C ASN A 389 -24.41 -7.42 33.35
N LEU A 390 -23.56 -6.97 32.42
CA LEU A 390 -22.22 -6.54 32.83
C LEU A 390 -22.31 -5.36 33.80
N GLN A 391 -23.19 -4.41 33.49
CA GLN A 391 -23.45 -3.31 34.42
C GLN A 391 -23.97 -3.83 35.74
N SER A 392 -24.90 -4.79 35.70
CA SER A 392 -25.40 -5.39 36.94
C SER A 392 -24.26 -5.93 37.79
N HIS A 393 -23.28 -6.56 37.15
CA HIS A 393 -22.15 -7.17 37.86
C HIS A 393 -21.31 -6.09 38.54
N ILE A 394 -20.92 -5.07 37.79
CA ILE A 394 -20.28 -3.90 38.39
C ILE A 394 -21.09 -3.40 39.60
N ARG A 395 -22.39 -3.16 39.39
CA ARG A 395 -23.21 -2.58 40.45
C ARG A 395 -23.32 -3.52 41.65
N SER A 396 -23.29 -4.82 41.42
CA SER A 396 -23.38 -5.78 42.50
C SER A 396 -22.18 -5.69 43.41
N ASP A 397 -20.99 -5.62 42.82
CA ASP A 397 -19.76 -5.47 43.62
C ASP A 397 -19.73 -4.14 44.36
N VAL A 398 -20.13 -3.05 43.67
CA VAL A 398 -20.18 -1.74 44.32
C VAL A 398 -21.19 -1.73 45.46
N ALA A 399 -22.33 -2.38 45.27
CA ALA A 399 -23.36 -2.40 46.33
C ALA A 399 -22.89 -3.18 47.54
N MET A 400 -22.21 -4.32 47.32
N MET A 400 -22.23 -4.34 47.32
CA MET A 400 -21.68 -5.06 48.47
CA MET A 400 -21.64 -5.09 48.42
C MET A 400 -20.62 -4.26 49.20
C MET A 400 -20.64 -4.23 49.19
N ALA A 401 -19.80 -3.49 48.46
CA ALA A 401 -18.81 -2.65 49.11
C ALA A 401 -19.45 -1.50 49.88
N LYS A 402 -20.45 -0.84 49.30
CA LYS A 402 -21.16 0.22 50.00
C LYS A 402 -21.79 -0.30 51.28
N MET A 403 -22.41 -1.47 51.20
CA MET A 403 -22.96 -2.13 52.39
C MET A 403 -21.88 -2.36 53.45
N PHE A 404 -20.71 -2.88 53.03
CA PHE A 404 -19.64 -3.10 54.00
C PHE A 404 -19.16 -1.80 54.63
N GLU A 405 -19.05 -0.74 53.83
CA GLU A 405 -18.67 0.56 54.37
C GLU A 405 -19.69 1.02 55.42
N GLU A 406 -20.98 0.85 55.12
CA GLU A 406 -22.02 1.26 56.06
C GLU A 406 -21.88 0.49 57.37
N TRP A 407 -21.63 -0.81 57.29
CA TRP A 407 -21.37 -1.59 58.50
C TRP A 407 -20.20 -1.00 59.28
N VAL A 408 -19.09 -0.70 58.60
CA VAL A 408 -17.92 -0.18 59.30
C VAL A 408 -18.23 1.14 60.00
N ARG A 409 -18.96 2.04 59.33
CA ARG A 409 -19.29 3.32 59.94
C ARG A 409 -20.17 3.15 61.17
N SER A 410 -20.94 2.06 61.26
CA SER A 410 -21.76 1.84 62.43
C SER A 410 -20.93 1.48 63.66
N ASP A 411 -19.64 1.22 63.50
CA ASP A 411 -18.77 0.85 64.61
C ASP A 411 -17.80 2.01 64.86
N SER A 412 -17.96 2.65 66.02
CA SER A 412 -17.21 3.85 66.37
C SER A 412 -15.75 3.55 66.65
N ARG A 413 -15.37 2.26 66.77
CA ARG A 413 -13.98 1.92 66.95
C ARG A 413 -13.20 2.03 65.64
N PHE A 414 -13.90 1.89 64.51
CA PHE A 414 -13.31 1.92 63.19
C PHE A 414 -13.60 3.26 62.51
N GLU A 415 -12.85 3.52 61.45
CA GLU A 415 -13.03 4.73 60.68
C GLU A 415 -12.74 4.41 59.22
N ILE A 416 -13.50 5.03 58.33
CA ILE A 416 -13.22 4.98 56.91
C ILE A 416 -12.18 6.05 56.60
N VAL A 417 -11.03 5.64 56.05
CA VAL A 417 -9.89 6.53 55.93
C VAL A 417 -10.03 7.46 54.73
N VAL A 418 -10.59 6.99 53.63
CA VAL A 418 -10.74 7.78 52.41
C VAL A 418 -12.03 7.34 51.74
N PRO A 419 -12.66 8.17 50.91
CA PRO A 419 -13.98 7.82 50.38
C PRO A 419 -13.91 6.57 49.51
N ARG A 420 -14.94 5.73 49.63
CA ARG A 420 -15.09 4.55 48.77
C ARG A 420 -15.63 5.00 47.43
N ASN A 421 -14.79 4.94 46.39
CA ASN A 421 -15.19 5.34 45.05
C ASN A 421 -15.79 4.20 44.23
N PHE A 422 -15.36 2.98 44.47
CA PHE A 422 -15.81 1.84 43.68
C PHE A 422 -16.08 0.65 44.61
N SER A 423 -15.32 -0.43 44.44
CA SER A 423 -15.55 -1.66 45.19
C SER A 423 -14.56 -1.85 46.33
N LEU A 424 -13.60 -0.96 46.50
CA LEU A 424 -12.54 -1.12 47.48
C LEU A 424 -12.83 -0.22 48.67
N VAL A 425 -12.80 -0.79 49.87
CA VAL A 425 -13.07 -0.07 51.11
C VAL A 425 -11.79 -0.02 51.94
N CYS A 426 -11.32 1.19 52.22
CA CYS A 426 -10.13 1.41 53.05
C CYS A 426 -10.56 1.84 54.44
N PHE A 427 -10.15 1.08 55.46
CA PHE A 427 -10.64 1.34 56.81
C PHE A 427 -9.54 1.03 57.83
N ARG A 428 -9.80 1.41 59.08
CA ARG A 428 -8.82 1.14 60.13
C ARG A 428 -9.50 1.24 61.49
N LEU A 429 -8.83 0.73 62.51
CA LEU A 429 -9.23 0.99 63.88
C LEU A 429 -8.74 2.37 64.30
N LYS A 430 -9.64 3.16 64.91
CA LYS A 430 -9.23 4.48 65.34
C LYS A 430 -8.09 4.39 66.34
N PRO A 431 -7.21 5.39 66.39
CA PRO A 431 -6.07 5.34 67.33
C PRO A 431 -6.47 5.21 68.79
N ASP A 432 -7.61 5.77 69.20
CA ASP A 432 -7.96 5.82 70.61
C ASP A 432 -8.57 4.52 71.13
N VAL A 433 -8.75 3.50 70.28
CA VAL A 433 -9.37 2.26 70.73
C VAL A 433 -8.43 1.43 71.59
N SER A 434 -7.13 1.71 71.55
CA SER A 434 -6.17 0.94 72.34
C SER A 434 -5.03 1.85 72.78
N SER A 435 -4.37 1.45 73.86
CA SER A 435 -3.21 2.17 74.36
C SER A 435 -1.95 1.90 73.55
N LEU A 436 -1.98 0.94 72.63
CA LEU A 436 -0.86 0.68 71.74
C LEU A 436 -0.92 1.58 70.52
N HIS A 437 0.17 1.60 69.75
CA HIS A 437 0.24 2.44 68.57
C HIS A 437 -0.76 1.98 67.52
N VAL A 438 -1.47 2.94 66.94
CA VAL A 438 -2.54 2.61 66.00
C VAL A 438 -2.05 1.69 64.89
N GLU A 439 -0.86 1.97 64.34
CA GLU A 439 -0.34 1.15 63.24
C GLU A 439 -0.16 -0.30 63.66
N GLU A 440 0.41 -0.54 64.84
CA GLU A 440 0.58 -1.91 65.31
C GLU A 440 -0.76 -2.57 65.58
N VAL A 441 -1.74 -1.83 66.11
CA VAL A 441 -3.05 -2.42 66.39
C VAL A 441 -3.68 -2.92 65.10
N ASN A 442 -3.66 -2.08 64.06
CA ASN A 442 -4.25 -2.49 62.80
C ASN A 442 -3.46 -3.61 62.14
N LYS A 443 -2.14 -3.59 62.29
CA LYS A 443 -1.31 -4.66 61.73
C LYS A 443 -1.62 -5.99 62.40
N LYS A 444 -1.79 -5.98 63.72
CA LYS A 444 -2.17 -7.19 64.44
C LYS A 444 -3.53 -7.70 63.98
N LEU A 445 -4.49 -6.79 63.79
CA LEU A 445 -5.80 -7.22 63.32
C LEU A 445 -5.70 -7.87 61.95
N LEU A 446 -4.98 -7.24 61.02
CA LEU A 446 -4.81 -7.83 59.70
C LEU A 446 -4.16 -9.21 59.78
N ASP A 447 -3.12 -9.34 60.61
CA ASP A 447 -2.45 -10.63 60.71
C ASP A 447 -3.39 -11.71 61.24
N MET A 448 -4.15 -11.39 62.30
CA MET A 448 -5.12 -12.36 62.81
C MET A 448 -6.10 -12.76 61.72
N LEU A 449 -6.65 -11.77 61.00
CA LEU A 449 -7.61 -12.07 59.95
C LEU A 449 -7.03 -13.08 58.96
N ASN A 450 -5.84 -12.77 58.44
CA ASN A 450 -5.26 -13.63 57.40
C ASN A 450 -4.88 -14.98 57.96
N SER A 451 -4.39 -15.02 59.20
CA SER A 451 -4.06 -16.29 59.85
C SER A 451 -5.26 -17.19 60.00
N THR A 452 -6.47 -16.62 60.02
CA THR A 452 -7.67 -17.44 60.07
C THR A 452 -7.71 -18.50 58.98
N GLY A 453 -7.14 -18.20 57.81
CA GLY A 453 -7.36 -19.00 56.63
C GLY A 453 -8.70 -18.79 55.97
N ARG A 454 -9.65 -18.14 56.66
CA ARG A 454 -11.00 -17.92 56.13
C ARG A 454 -11.14 -16.60 55.39
N VAL A 455 -10.06 -15.83 55.23
CA VAL A 455 -10.12 -14.55 54.54
C VAL A 455 -8.71 -14.14 54.21
N TYR A 456 -8.56 -13.38 53.12
CA TYR A 456 -7.28 -12.76 52.78
C TYR A 456 -7.54 -11.30 52.44
N MET A 457 -6.87 -10.41 53.17
CA MET A 457 -6.91 -8.98 52.90
C MET A 457 -5.49 -8.47 52.98
N THR A 458 -5.16 -7.52 52.11
CA THR A 458 -3.91 -6.77 52.21
C THR A 458 -4.16 -5.41 52.84
N HIS A 459 -3.06 -4.74 53.13
CA HIS A 459 -3.02 -3.45 53.78
C HIS A 459 -2.47 -2.43 52.78
N THR A 460 -2.44 -1.18 53.20
CA THR A 460 -1.68 -0.18 52.47
C THR A 460 -1.28 0.93 53.43
N ILE A 461 -0.24 1.66 53.03
CA ILE A 461 0.19 2.88 53.70
C ILE A 461 0.00 4.00 52.71
N VAL A 462 -0.84 4.97 53.06
CA VAL A 462 -1.05 6.15 52.23
C VAL A 462 -1.03 7.37 53.14
N GLY A 463 -0.28 8.39 52.74
CA GLY A 463 -0.17 9.59 53.55
C GLY A 463 0.25 9.32 54.98
N GLY A 464 1.15 8.37 55.18
CA GLY A 464 1.58 8.06 56.53
C GLY A 464 0.55 7.32 57.36
N ILE A 465 -0.53 6.85 56.75
CA ILE A 465 -1.62 6.20 57.44
C ILE A 465 -1.64 4.75 57.02
N TYR A 466 -1.58 3.84 57.99
CA TYR A 466 -1.72 2.41 57.76
C TYR A 466 -3.21 2.06 57.78
N MET A 467 -3.66 1.36 56.75
CA MET A 467 -5.06 1.01 56.64
C MET A 467 -5.22 -0.38 56.05
N LEU A 468 -6.32 -1.04 56.42
CA LEU A 468 -6.75 -2.29 55.81
C LEU A 468 -7.59 -1.99 54.59
N ARG A 469 -7.60 -2.93 53.63
CA ARG A 469 -8.39 -2.80 52.42
C ARG A 469 -9.31 -4.00 52.29
N LEU A 470 -10.53 -3.74 51.82
CA LEU A 470 -11.47 -4.79 51.43
C LEU A 470 -11.78 -4.58 49.95
N ALA A 471 -11.21 -5.44 49.11
CA ALA A 471 -11.37 -5.36 47.67
C ALA A 471 -12.43 -6.37 47.27
N VAL A 472 -13.68 -5.91 47.23
CA VAL A 472 -14.79 -6.79 46.90
C VAL A 472 -14.86 -6.99 45.40
N GLY A 473 -15.23 -8.19 44.98
CA GLY A 473 -15.41 -8.42 43.56
C GLY A 473 -15.10 -9.82 43.08
N SER A 474 -14.36 -10.60 43.86
CA SER A 474 -14.06 -11.98 43.46
C SER A 474 -15.35 -12.69 43.05
N SER A 475 -15.31 -13.33 41.88
CA SER A 475 -16.56 -13.73 41.23
C SER A 475 -17.44 -14.59 42.13
N LEU A 476 -16.86 -15.40 43.01
CA LEU A 476 -17.69 -16.29 43.81
C LEU A 476 -18.23 -15.63 45.07
N THR A 477 -17.81 -14.40 45.36
CA THR A 477 -18.27 -13.70 46.55
C THR A 477 -19.73 -13.30 46.45
N GLU A 478 -20.53 -13.71 47.44
CA GLU A 478 -21.92 -13.31 47.59
C GLU A 478 -22.12 -12.55 48.91
N GLU A 479 -23.33 -12.03 49.09
CA GLU A 479 -23.58 -11.09 50.19
C GLU A 479 -23.22 -11.71 51.54
N HIS A 480 -23.59 -12.97 51.76
CA HIS A 480 -23.31 -13.57 53.06
C HIS A 480 -21.82 -13.70 53.31
N HIS A 481 -21.01 -13.80 52.26
CA HIS A 481 -19.56 -13.83 52.48
C HIS A 481 -19.08 -12.54 53.11
N VAL A 482 -19.54 -11.41 52.58
CA VAL A 482 -19.14 -10.13 53.16
C VAL A 482 -19.65 -10.00 54.58
N ARG A 483 -20.91 -10.43 54.80
N ARG A 483 -20.90 -10.44 54.81
CA ARG A 483 -21.45 -10.41 56.16
CA ARG A 483 -21.44 -10.41 56.17
C ARG A 483 -20.56 -11.20 57.12
C ARG A 483 -20.56 -11.20 57.12
N ARG A 484 -20.13 -12.39 56.71
CA ARG A 484 -19.32 -13.21 57.60
C ARG A 484 -17.92 -12.64 57.79
N VAL A 485 -17.35 -12.02 56.76
CA VAL A 485 -16.07 -11.36 56.94
C VAL A 485 -16.19 -10.25 57.98
N TRP A 486 -17.25 -9.44 57.87
CA TRP A 486 -17.44 -8.37 58.85
C TRP A 486 -17.65 -8.93 60.26
N ASP A 487 -18.43 -10.01 60.37
CA ASP A 487 -18.58 -10.65 61.68
C ASP A 487 -17.23 -11.09 62.22
N LEU A 488 -16.40 -11.71 61.38
CA LEU A 488 -15.09 -12.17 61.82
C LEU A 488 -14.21 -11.02 62.25
N ILE A 489 -14.23 -9.92 61.47
CA ILE A 489 -13.44 -8.75 61.82
C ILE A 489 -13.83 -8.24 63.19
N GLN A 490 -15.13 -8.18 63.46
CA GLN A 490 -15.58 -7.71 64.77
C GLN A 490 -15.15 -8.66 65.87
N LYS A 491 -15.26 -9.97 65.64
CA LYS A 491 -14.83 -10.93 66.66
C LYS A 491 -13.35 -10.78 66.97
N LEU A 492 -12.53 -10.68 65.94
CA LEU A 492 -11.09 -10.56 66.16
C LEU A 492 -10.74 -9.23 66.81
N THR A 493 -11.52 -8.18 66.55
CA THR A 493 -11.30 -6.92 67.23
C THR A 493 -11.65 -7.03 68.71
N ASP A 494 -12.76 -7.70 69.03
CA ASP A 494 -13.11 -7.94 70.43
C ASP A 494 -11.99 -8.70 71.13
N ASP A 495 -11.57 -9.83 70.54
CA ASP A 495 -10.46 -10.60 71.12
C ASP A 495 -9.23 -9.74 71.29
N LEU A 496 -8.99 -8.81 70.36
CA LEU A 496 -7.78 -7.99 70.39
C LEU A 496 -7.83 -6.91 71.47
N LEU A 497 -8.99 -6.65 72.08
CA LEU A 497 -9.09 -5.70 73.18
C LEU A 497 -9.92 -6.27 74.32
N PHE B 19 -27.65 -12.44 38.82
CA PHE B 19 -26.74 -12.74 37.71
C PHE B 19 -25.41 -13.31 38.20
N LYS B 20 -25.13 -14.57 37.85
CA LYS B 20 -23.93 -15.28 38.28
C LYS B 20 -23.05 -15.68 37.11
N PRO B 21 -21.99 -14.93 36.79
CA PRO B 21 -21.14 -15.30 35.65
C PRO B 21 -20.43 -16.64 35.84
N LEU B 22 -20.21 -17.07 37.08
CA LEU B 22 -19.51 -18.32 37.37
C LEU B 22 -20.33 -19.15 38.34
N GLU B 23 -20.93 -20.23 37.85
CA GLU B 23 -21.60 -21.21 38.69
C GLU B 23 -21.05 -22.57 38.30
N ALA B 24 -20.54 -23.32 39.28
CA ALA B 24 -19.71 -24.49 39.00
C ALA B 24 -20.36 -25.47 38.03
N GLU B 25 -21.67 -25.72 38.19
CA GLU B 25 -22.31 -26.76 37.39
C GLU B 25 -22.61 -26.27 35.97
N GLU B 26 -23.06 -25.02 35.83
CA GLU B 26 -23.20 -24.42 34.51
C GLU B 26 -21.85 -24.39 33.80
N PHE B 27 -20.80 -24.03 34.54
CA PHE B 27 -19.44 -24.08 34.04
C PHE B 27 -19.10 -25.47 33.54
N ARG B 28 -19.35 -26.49 34.36
CA ARG B 28 -19.05 -27.86 33.97
C ARG B 28 -19.72 -28.23 32.64
N LYS B 29 -21.02 -27.95 32.54
CA LYS B 29 -21.76 -28.28 31.33
C LYS B 29 -21.16 -27.58 30.11
N GLN B 30 -21.03 -26.26 30.19
CA GLN B 30 -20.58 -25.50 29.03
C GLN B 30 -19.17 -25.90 28.63
N ALA B 31 -18.30 -26.13 29.61
CA ALA B 31 -16.91 -26.50 29.32
C ALA B 31 -16.81 -27.87 28.68
N HIS B 32 -17.58 -28.85 29.16
CA HIS B 32 -17.58 -30.14 28.47
C HIS B 32 -18.00 -29.97 27.02
N ARG B 33 -19.02 -29.15 26.79
CA ARG B 33 -19.44 -28.91 25.42
C ARG B 33 -18.30 -28.29 24.59
N MET B 34 -17.53 -27.38 25.19
CA MET B 34 -16.43 -26.79 24.43
C MET B 34 -15.31 -27.79 24.18
N VAL B 35 -15.04 -28.69 25.12
CA VAL B 35 -14.06 -29.75 24.90
C VAL B 35 -14.46 -30.58 23.70
N ASP B 36 -15.73 -30.96 23.63
CA ASP B 36 -16.15 -31.76 22.48
C ASP B 36 -16.01 -30.97 21.19
N PHE B 37 -16.30 -29.66 21.22
CA PHE B 37 -16.21 -28.88 20.00
C PHE B 37 -14.75 -28.83 19.51
N ILE B 38 -13.82 -28.70 20.46
CA ILE B 38 -12.40 -28.62 20.13
C ILE B 38 -11.88 -29.95 19.58
N ALA B 39 -12.28 -31.06 20.21
CA ALA B 39 -11.87 -32.36 19.71
C ALA B 39 -12.40 -32.57 18.30
N ASP B 40 -13.65 -32.16 18.05
CA ASP B 40 -14.20 -32.24 16.71
C ASP B 40 -13.38 -31.40 15.73
N TYR B 41 -12.86 -30.25 16.19
CA TYR B 41 -12.04 -29.44 15.31
C TYR B 41 -10.71 -30.12 15.00
N TYR B 42 -10.06 -30.71 16.01
CA TYR B 42 -8.81 -31.43 15.77
C TYR B 42 -9.04 -32.59 14.81
N LYS B 43 -10.20 -33.22 14.90
CA LYS B 43 -10.60 -34.31 14.03
C LYS B 43 -10.97 -33.85 12.62
N ASN B 44 -11.35 -32.58 12.44
CA ASN B 44 -11.81 -32.13 11.14
C ASN B 44 -10.88 -31.18 10.41
N VAL B 45 -9.85 -30.65 11.10
CA VAL B 45 -9.11 -29.54 10.51
C VAL B 45 -8.39 -29.97 9.24
N GLU B 46 -7.93 -31.21 9.19
CA GLU B 46 -7.27 -31.68 7.97
C GLU B 46 -8.14 -31.45 6.76
N THR B 47 -9.45 -31.32 6.99
CA THR B 47 -10.46 -31.11 5.96
C THR B 47 -10.60 -29.65 5.55
N TYR B 48 -10.31 -28.74 6.43
CA TYR B 48 -10.54 -27.36 6.06
C TYR B 48 -9.41 -26.85 5.17
N PRO B 49 -9.69 -25.88 4.31
CA PRO B 49 -8.60 -25.19 3.63
C PRO B 49 -7.68 -24.60 4.68
N VAL B 50 -6.37 -24.78 4.50
CA VAL B 50 -5.41 -24.31 5.49
C VAL B 50 -5.47 -22.79 5.60
N LEU B 51 -5.29 -22.12 4.47
CA LEU B 51 -5.32 -20.67 4.36
C LEU B 51 -6.71 -20.24 3.93
N SER B 52 -7.21 -19.14 4.50
CA SER B 52 -8.59 -18.74 4.27
C SER B 52 -8.73 -17.90 3.00
N GLU B 53 -9.90 -17.98 2.38
CA GLU B 53 -10.17 -17.22 1.17
C GLU B 53 -10.94 -15.94 1.43
N VAL B 54 -11.23 -15.59 2.70
CA VAL B 54 -12.02 -14.38 2.96
C VAL B 54 -11.23 -13.14 2.55
N GLU B 55 -11.95 -12.14 2.11
CA GLU B 55 -11.36 -10.85 1.79
C GLU B 55 -11.33 -9.98 3.03
N PRO B 56 -10.41 -9.01 3.08
CA PRO B 56 -10.36 -8.09 4.23
C PRO B 56 -11.70 -7.40 4.44
N GLY B 57 -12.06 -7.25 5.72
CA GLY B 57 -13.30 -6.63 6.10
C GLY B 57 -14.53 -7.52 6.01
N TYR B 58 -14.35 -8.80 5.73
CA TYR B 58 -15.52 -9.67 5.58
C TYR B 58 -16.31 -9.77 6.87
N LEU B 59 -15.63 -9.74 8.02
CA LEU B 59 -16.30 -10.03 9.28
C LEU B 59 -17.11 -8.85 9.77
N ARG B 60 -16.76 -7.63 9.34
CA ARG B 60 -17.53 -6.46 9.71
C ARG B 60 -18.94 -6.52 9.13
N LYS B 61 -19.11 -7.18 7.99
CA LYS B 61 -20.45 -7.30 7.43
C LYS B 61 -21.25 -8.44 8.03
N ARG B 62 -20.69 -9.21 8.96
CA ARG B 62 -21.38 -10.34 9.53
C ARG B 62 -21.60 -10.23 11.03
N ILE B 63 -21.00 -9.25 11.69
CA ILE B 63 -21.19 -9.06 13.11
C ILE B 63 -21.85 -7.70 13.32
N PRO B 64 -22.81 -7.56 14.24
CA PRO B 64 -23.41 -6.24 14.47
C PRO B 64 -22.37 -5.22 14.91
N GLU B 65 -22.68 -3.96 14.65
CA GLU B 65 -21.76 -2.86 14.96
C GLU B 65 -21.71 -2.52 16.45
N THR B 66 -22.68 -2.96 17.24
CA THR B 66 -22.57 -2.69 18.67
C THR B 66 -22.86 -3.95 19.45
N ALA B 67 -22.33 -3.99 20.68
CA ALA B 67 -22.56 -5.14 21.54
C ALA B 67 -24.02 -5.22 21.96
N PRO B 68 -24.51 -6.42 22.23
CA PRO B 68 -25.93 -6.56 22.57
C PRO B 68 -26.22 -6.11 23.99
N TYR B 69 -27.33 -5.37 24.12
CA TYR B 69 -27.82 -5.03 25.45
C TYR B 69 -28.17 -6.28 26.23
N LEU B 70 -28.80 -7.25 25.57
CA LEU B 70 -29.39 -8.45 26.15
C LEU B 70 -28.51 -9.67 25.90
N PRO B 71 -28.62 -10.69 26.75
CA PRO B 71 -27.77 -11.88 26.58
C PRO B 71 -28.14 -12.67 25.33
N GLU B 72 -27.14 -13.33 24.77
CA GLU B 72 -27.38 -14.20 23.62
C GLU B 72 -27.15 -15.66 24.02
N PRO B 73 -27.93 -16.59 23.49
CA PRO B 73 -27.76 -18.00 23.88
C PRO B 73 -26.51 -18.60 23.26
N LEU B 74 -25.83 -19.47 24.02
CA LEU B 74 -24.54 -20.01 23.57
C LEU B 74 -24.66 -20.74 22.24
N ASP B 75 -25.83 -21.33 21.96
CA ASP B 75 -26.02 -22.02 20.69
C ASP B 75 -25.81 -21.06 19.52
N ASP B 76 -26.37 -19.85 19.63
CA ASP B 76 -26.19 -18.86 18.57
C ASP B 76 -24.72 -18.51 18.39
N ILE B 77 -23.99 -18.38 19.50
CA ILE B 77 -22.58 -18.04 19.44
C ILE B 77 -21.78 -19.14 18.77
N MET B 78 -21.98 -20.38 19.18
CA MET B 78 -21.25 -21.49 18.58
C MET B 78 -21.55 -21.58 17.09
N LYS B 79 -22.81 -21.38 16.73
CA LYS B 79 -23.16 -21.38 15.31
C LYS B 79 -22.36 -20.32 14.58
N ASP B 80 -22.29 -19.11 15.16
CA ASP B 80 -21.58 -18.03 14.49
C ASP B 80 -20.08 -18.31 14.41
N ILE B 81 -19.54 -19.02 15.40
CA ILE B 81 -18.12 -19.38 15.37
C ILE B 81 -17.85 -20.32 14.20
N GLN B 82 -18.65 -21.38 14.09
N GLN B 82 -18.67 -21.37 14.09
CA GLN B 82 -18.45 -22.30 12.97
CA GLN B 82 -18.53 -22.31 12.99
C GLN B 82 -18.64 -21.60 11.63
C GLN B 82 -18.66 -21.61 11.64
N LYS B 83 -19.56 -20.64 11.55
CA LYS B 83 -19.94 -20.07 10.26
C LYS B 83 -19.10 -18.88 9.81
N ASP B 84 -18.58 -18.07 10.73
CA ASP B 84 -17.94 -16.80 10.39
C ASP B 84 -16.52 -16.67 10.95
N ILE B 85 -16.21 -17.39 12.03
CA ILE B 85 -14.89 -17.25 12.64
C ILE B 85 -13.93 -18.29 12.07
N ILE B 86 -14.23 -19.57 12.27
CA ILE B 86 -13.31 -20.61 11.81
C ILE B 86 -13.09 -20.55 10.31
N PRO B 87 -14.11 -20.41 9.48
CA PRO B 87 -13.85 -20.27 8.04
C PRO B 87 -12.97 -19.10 7.73
N GLY B 88 -12.87 -18.14 8.65
CA GLY B 88 -12.00 -16.99 8.51
C GLY B 88 -10.64 -17.19 9.13
N MET B 89 -10.36 -18.39 9.64
CA MET B 89 -9.09 -18.70 10.30
C MET B 89 -8.08 -19.29 9.33
N THR B 90 -6.80 -18.99 9.59
CA THR B 90 -5.71 -19.79 9.06
C THR B 90 -5.45 -20.94 10.02
N ASN B 91 -5.55 -22.18 9.53
CA ASN B 91 -5.54 -23.34 10.41
C ASN B 91 -4.10 -23.77 10.71
N TRP B 92 -3.51 -23.08 11.70
CA TRP B 92 -2.16 -23.42 12.15
C TRP B 92 -2.06 -24.86 12.63
N MET B 93 -3.16 -25.46 13.06
CA MET B 93 -3.14 -26.83 13.57
C MET B 93 -3.31 -27.85 12.47
N SER B 94 -3.48 -27.41 11.23
CA SER B 94 -3.70 -28.39 10.18
C SER B 94 -2.46 -29.26 10.06
N PRO B 95 -2.62 -30.56 9.80
CA PRO B 95 -1.46 -31.39 9.45
C PRO B 95 -0.77 -30.91 8.18
N ASN B 96 -1.41 -30.03 7.41
CA ASN B 96 -0.88 -29.52 6.15
C ASN B 96 -0.40 -28.08 6.27
N PHE B 97 -0.18 -27.62 7.50
CA PHE B 97 0.40 -26.31 7.75
C PHE B 97 1.91 -26.44 7.83
N TYR B 98 2.61 -25.79 6.89
CA TYR B 98 4.06 -25.78 6.86
C TYR B 98 4.62 -24.37 6.80
N ALA B 99 3.83 -23.36 7.15
CA ALA B 99 4.30 -22.00 7.02
C ALA B 99 5.09 -21.58 8.25
N PHE B 100 5.84 -20.48 8.09
CA PHE B 100 6.60 -19.87 9.18
C PHE B 100 7.32 -20.94 9.98
N PHE B 101 6.97 -21.09 11.26
CA PHE B 101 7.37 -22.23 12.07
C PHE B 101 6.12 -22.85 12.69
N PRO B 102 6.01 -24.17 12.76
CA PRO B 102 4.83 -24.75 13.41
C PRO B 102 4.72 -24.28 14.87
N ALA B 103 3.50 -24.20 15.37
CA ALA B 103 3.28 -23.91 16.79
C ALA B 103 2.86 -25.24 17.40
N THR B 104 3.81 -25.95 18.00
CA THR B 104 3.53 -27.32 18.37
C THR B 104 2.77 -27.39 19.67
N VAL B 105 1.97 -28.45 19.83
CA VAL B 105 1.05 -28.59 20.95
C VAL B 105 1.03 -30.03 21.45
N SER B 106 0.32 -30.23 22.55
CA SER B 106 0.17 -31.55 23.14
C SER B 106 -0.99 -31.45 24.13
N SER B 107 -1.68 -32.57 24.34
CA SER B 107 -2.80 -32.54 25.27
C SER B 107 -2.34 -32.23 26.69
N ALA B 108 -1.15 -32.69 27.07
CA ALA B 108 -0.61 -32.34 28.39
C ALA B 108 -0.52 -30.83 28.55
N ALA B 109 -0.06 -30.14 27.51
CA ALA B 109 0.03 -28.70 27.59
C ALA B 109 -1.35 -28.06 27.64
N PHE B 110 -2.33 -28.61 26.91
CA PHE B 110 -3.66 -28.04 26.97
C PHE B 110 -4.26 -28.19 28.37
N LEU B 111 -4.01 -29.32 29.04
CA LEU B 111 -4.49 -29.44 30.41
C LEU B 111 -3.82 -28.41 31.30
N GLY B 112 -2.52 -28.17 31.08
CA GLY B 112 -1.85 -27.14 31.86
C GLY B 112 -2.45 -25.76 31.64
N GLU B 113 -2.77 -25.44 30.39
CA GLU B 113 -3.43 -24.17 30.08
C GLU B 113 -4.79 -24.07 30.76
N MET B 114 -5.61 -25.13 30.63
CA MET B 114 -6.93 -25.13 31.27
C MET B 114 -6.80 -24.86 32.76
N LEU B 115 -6.00 -25.67 33.46
CA LEU B 115 -5.94 -25.55 34.90
C LEU B 115 -5.33 -24.22 35.33
N SER B 116 -4.23 -23.81 34.69
CA SER B 116 -3.59 -22.56 35.04
C SER B 116 -4.55 -21.38 34.88
N THR B 117 -5.39 -21.43 33.84
CA THR B 117 -6.36 -20.37 33.66
C THR B 117 -7.43 -20.45 34.74
N ALA B 118 -7.98 -21.63 34.95
CA ALA B 118 -9.05 -21.79 35.93
C ALA B 118 -8.62 -21.31 37.30
N LEU B 119 -7.39 -21.63 37.71
CA LEU B 119 -6.89 -21.14 38.99
C LEU B 119 -6.76 -19.61 38.97
N ASN B 120 -6.38 -19.04 37.82
CA ASN B 120 -6.38 -17.59 37.59
C ASN B 120 -5.70 -16.82 38.71
N SER B 121 -4.53 -17.31 39.13
CA SER B 121 -3.72 -16.62 40.12
C SER B 121 -2.78 -15.61 39.46
N VAL B 122 -2.33 -14.64 40.26
CA VAL B 122 -1.40 -13.60 39.83
C VAL B 122 -0.15 -13.77 40.66
N GLY B 123 0.92 -14.25 40.03
CA GLY B 123 2.11 -14.63 40.78
C GLY B 123 3.20 -13.60 40.74
N PHE B 124 2.88 -12.34 41.03
CA PHE B 124 3.90 -11.30 40.97
C PHE B 124 4.90 -11.43 42.10
N THR B 125 4.53 -12.11 43.18
CA THR B 125 5.45 -12.35 44.28
C THR B 125 5.31 -13.80 44.71
N TRP B 126 6.30 -14.28 45.45
CA TRP B 126 6.18 -15.61 46.02
C TRP B 126 4.93 -15.70 46.90
N VAL B 127 4.68 -14.64 47.67
CA VAL B 127 3.54 -14.62 48.59
C VAL B 127 2.22 -14.70 47.83
N SER B 128 2.10 -14.00 46.70
CA SER B 128 0.81 -14.02 46.01
C SER B 128 0.50 -15.34 45.34
N SER B 129 1.36 -16.36 45.49
CA SER B 129 1.08 -17.75 45.15
C SER B 129 2.37 -18.56 45.14
N PRO B 130 2.73 -19.16 46.27
CA PRO B 130 4.07 -19.78 46.38
C PRO B 130 4.33 -20.90 45.39
N ALA B 131 3.39 -21.84 45.25
CA ALA B 131 3.63 -22.96 44.34
C ALA B 131 3.98 -22.48 42.95
N ALA B 132 3.32 -21.41 42.49
CA ALA B 132 3.59 -20.94 41.12
C ALA B 132 5.05 -20.54 40.96
N THR B 133 5.57 -19.72 41.89
CA THR B 133 6.94 -19.26 41.79
C THR B 133 7.92 -20.40 41.94
N GLU B 134 7.71 -21.26 42.94
CA GLU B 134 8.66 -22.34 43.17
C GLU B 134 8.68 -23.29 42.00
N LEU B 135 7.51 -23.66 41.48
CA LEU B 135 7.48 -24.56 40.36
C LEU B 135 8.13 -23.94 39.14
N GLU B 136 8.04 -22.63 38.97
CA GLU B 136 8.75 -22.04 37.84
C GLU B 136 10.25 -22.19 38.00
N MET B 137 10.76 -21.92 39.20
CA MET B 137 12.19 -22.12 39.43
C MET B 137 12.59 -23.56 39.13
N ILE B 138 11.82 -24.52 39.64
CA ILE B 138 12.14 -25.93 39.45
C ILE B 138 12.11 -26.30 37.98
N VAL B 139 11.07 -25.86 37.26
CA VAL B 139 10.90 -26.23 35.86
C VAL B 139 12.01 -25.60 35.01
N MET B 140 12.41 -24.37 35.33
CA MET B 140 13.52 -23.76 34.59
C MET B 140 14.83 -24.49 34.84
N ASP B 141 15.05 -24.99 36.07
CA ASP B 141 16.27 -25.75 36.32
C ASP B 141 16.22 -27.13 35.65
N TRP B 142 15.05 -27.77 35.66
CA TRP B 142 14.86 -28.98 34.87
C TRP B 142 15.26 -28.76 33.43
N LEU B 143 14.69 -27.72 32.81
CA LEU B 143 14.95 -27.46 31.40
C LEU B 143 16.42 -27.14 31.18
N ALA B 144 17.04 -26.41 32.11
CA ALA B 144 18.47 -26.16 32.01
C ALA B 144 19.26 -27.46 31.98
N GLN B 145 18.88 -28.41 32.84
CA GLN B 145 19.60 -29.68 32.89
C GLN B 145 19.40 -30.49 31.62
N ILE B 146 18.18 -30.50 31.05
CA ILE B 146 18.02 -31.21 29.78
C ILE B 146 18.92 -30.59 28.71
N LEU B 147 18.99 -29.27 28.67
CA LEU B 147 19.88 -28.58 27.74
C LEU B 147 21.35 -28.69 28.12
N LYS B 148 21.69 -29.28 29.26
CA LYS B 148 23.08 -29.41 29.69
C LYS B 148 23.78 -28.05 29.75
N LEU B 149 23.08 -27.05 30.30
CA LEU B 149 23.67 -25.74 30.56
C LEU B 149 24.50 -25.77 31.83
N PRO B 150 25.50 -24.92 31.94
CA PRO B 150 26.29 -24.86 33.18
C PRO B 150 25.44 -24.42 34.35
N LYS B 151 25.93 -24.76 35.54
CA LYS B 151 25.23 -24.37 36.76
C LYS B 151 25.06 -22.86 36.85
N SER B 152 25.82 -22.11 36.07
CA SER B 152 25.76 -20.65 36.12
C SER B 152 24.46 -20.11 35.56
N PHE B 153 23.58 -20.97 35.04
CA PHE B 153 22.28 -20.57 34.55
C PHE B 153 21.15 -21.08 35.45
N MET B 154 21.48 -21.69 36.58
CA MET B 154 20.50 -22.40 37.39
C MET B 154 20.32 -21.73 38.74
N PHE B 155 19.10 -21.81 39.25
CA PHE B 155 18.82 -21.32 40.58
C PHE B 155 19.57 -22.12 41.63
N SER B 156 19.62 -23.45 41.46
CA SER B 156 20.45 -24.25 42.36
C SER B 156 21.91 -23.86 42.25
N GLY B 157 22.32 -23.27 41.13
CA GLY B 157 23.67 -22.75 40.98
C GLY B 157 23.76 -21.26 41.25
N THR B 158 24.23 -20.49 40.27
CA THR B 158 24.46 -19.06 40.43
C THR B 158 23.67 -18.20 39.45
N GLY B 159 22.88 -18.81 38.58
CA GLY B 159 22.14 -18.03 37.62
C GLY B 159 20.65 -18.16 37.84
N GLY B 160 19.87 -18.04 36.79
CA GLY B 160 18.44 -18.27 36.96
C GLY B 160 17.73 -18.16 35.63
N GLY B 161 16.42 -18.30 35.69
CA GLY B 161 15.61 -18.24 34.50
C GLY B 161 14.23 -17.72 34.82
N VAL B 162 13.53 -17.30 33.76
CA VAL B 162 12.16 -16.82 33.90
C VAL B 162 11.40 -17.21 32.64
N ILE B 163 10.15 -17.59 32.84
CA ILE B 163 9.22 -17.86 31.76
C ILE B 163 8.58 -16.55 31.35
N GLN B 164 8.96 -16.06 30.18
CA GLN B 164 8.34 -14.93 29.52
C GLN B 164 7.29 -15.41 28.51
N ASN B 165 6.61 -14.43 27.90
CA ASN B 165 5.61 -14.70 26.87
C ASN B 165 6.22 -14.86 25.49
N THR B 166 7.22 -14.03 25.16
CA THR B 166 7.69 -13.90 23.79
C THR B 166 9.21 -13.84 23.74
N THR B 167 9.76 -13.99 22.53
CA THR B 167 11.17 -13.70 22.34
C THR B 167 11.42 -12.20 22.36
N SER B 168 10.54 -11.42 21.75
CA SER B 168 10.75 -9.97 21.65
C SER B 168 10.93 -9.35 23.03
N GLU B 169 10.11 -9.75 24.00
CA GLU B 169 10.21 -9.10 25.29
C GLU B 169 11.38 -9.64 26.10
N SER B 170 11.72 -10.92 25.93
CA SER B 170 12.94 -11.44 26.55
C SER B 170 14.16 -10.68 26.07
N ILE B 171 14.29 -10.51 24.75
CA ILE B 171 15.43 -9.75 24.24
C ILE B 171 15.39 -8.33 24.74
N LEU B 172 14.20 -7.70 24.74
CA LEU B 172 14.10 -6.34 25.25
C LEU B 172 14.62 -6.26 26.67
N CYS B 173 14.29 -7.25 27.50
CA CYS B 173 14.79 -7.28 28.88
C CYS B 173 16.31 -7.41 28.93
N THR B 174 16.90 -8.33 28.15
CA THR B 174 18.36 -8.47 28.21
C THR B 174 19.06 -7.22 27.66
N ILE B 175 18.49 -6.63 26.62
CA ILE B 175 19.04 -5.38 26.08
C ILE B 175 18.97 -4.29 27.14
N ILE B 176 17.88 -4.21 27.89
CA ILE B 176 17.78 -3.16 28.90
C ILE B 176 18.75 -3.42 30.04
N ALA B 177 18.92 -4.69 30.43
CA ALA B 177 19.92 -5.03 31.44
C ALA B 177 21.31 -4.54 31.02
N ALA B 178 21.71 -4.86 29.79
CA ALA B 178 23.02 -4.41 29.30
C ALA B 178 23.10 -2.89 29.26
N ARG B 179 22.06 -2.25 28.72
CA ARG B 179 22.02 -0.78 28.68
C ARG B 179 22.19 -0.19 30.06
N GLU B 180 21.53 -0.78 31.06
CA GLU B 180 21.57 -0.21 32.41
C GLU B 180 22.93 -0.42 33.05
N ARG B 181 23.59 -1.57 32.80
CA ARG B 181 24.97 -1.72 33.26
C ARG B 181 25.85 -0.62 32.68
N ALA B 182 25.75 -0.39 31.37
CA ALA B 182 26.53 0.67 30.74
C ALA B 182 26.19 2.03 31.35
N LEU B 183 24.90 2.35 31.47
CA LEU B 183 24.51 3.68 31.93
C LEU B 183 24.93 3.92 33.36
N GLU B 184 24.86 2.90 34.22
CA GLU B 184 25.31 3.11 35.58
C GLU B 184 26.82 3.29 35.65
N LYS B 185 27.57 2.62 34.75
CA LYS B 185 29.01 2.84 34.73
C LYS B 185 29.36 4.24 34.22
N LEU B 186 28.73 4.68 33.11
CA LEU B 186 29.15 5.87 32.38
C LEU B 186 28.20 7.06 32.52
N GLY B 187 27.00 6.88 33.04
CA GLY B 187 26.04 7.96 33.14
C GLY B 187 25.02 7.94 32.03
N PRO B 188 23.84 8.52 32.29
CA PRO B 188 22.75 8.42 31.31
C PRO B 188 23.11 9.03 29.96
N ASP B 189 23.92 10.08 29.96
CA ASP B 189 24.26 10.73 28.69
C ASP B 189 25.11 9.85 27.80
N SER B 190 25.57 8.69 28.28
CA SER B 190 26.34 7.82 27.39
C SER B 190 25.44 7.00 26.48
N ILE B 191 24.11 7.15 26.59
CA ILE B 191 23.21 6.34 25.77
C ILE B 191 23.51 6.49 24.28
N GLY B 192 24.01 7.66 23.85
CA GLY B 192 24.32 7.91 22.44
C GLY B 192 25.58 7.21 21.94
N LYS B 193 26.33 6.57 22.81
CA LYS B 193 27.53 5.82 22.43
C LYS B 193 27.30 4.32 22.30
N LEU B 194 26.18 3.80 22.79
CA LEU B 194 25.96 2.37 22.90
C LEU B 194 25.52 1.78 21.57
N VAL B 195 26.25 0.78 21.08
CA VAL B 195 26.00 0.16 19.79
C VAL B 195 25.54 -1.28 20.03
N CYS B 196 24.48 -1.68 19.35
CA CYS B 196 23.97 -3.05 19.41
C CYS B 196 24.11 -3.69 18.03
N TYR B 197 24.42 -4.98 18.02
CA TYR B 197 24.74 -5.72 16.80
C TYR B 197 23.83 -6.94 16.65
N GLY B 198 23.33 -7.13 15.44
CA GLY B 198 22.56 -8.32 15.15
C GLY B 198 22.80 -8.70 13.71
N SER B 199 22.59 -9.97 13.41
CA SER B 199 22.68 -10.43 12.03
C SER B 199 21.68 -9.70 11.15
N ASP B 200 22.05 -9.52 9.88
CA ASP B 200 21.15 -9.02 8.86
C ASP B 200 20.02 -9.99 8.57
N GLN B 201 20.05 -11.17 9.20
CA GLN B 201 18.96 -12.14 9.09
C GLN B 201 17.90 -12.00 10.18
N THR B 202 18.12 -11.16 11.19
CA THR B 202 17.13 -10.85 12.23
C THR B 202 16.55 -9.44 12.07
N HIS B 203 16.39 -8.97 10.84
CA HIS B 203 16.12 -7.56 10.60
C HIS B 203 14.68 -7.10 10.81
N THR B 204 13.69 -7.99 10.99
CA THR B 204 12.31 -7.56 11.22
C THR B 204 11.91 -7.56 12.69
N MET B 205 12.85 -7.67 13.62
CA MET B 205 12.46 -7.75 15.03
C MET B 205 13.56 -7.20 15.92
N PHE B 206 14.82 -7.47 15.58
CA PHE B 206 15.93 -7.05 16.43
C PHE B 206 16.05 -5.53 16.45
N PRO B 207 16.01 -4.82 15.32
CA PRO B 207 16.01 -3.35 15.37
C PRO B 207 14.83 -2.78 16.13
N LYS B 208 13.63 -3.34 15.94
CA LYS B 208 12.48 -2.85 16.69
C LYS B 208 12.75 -2.92 18.19
N THR B 209 13.25 -4.06 18.67
CA THR B 209 13.58 -4.20 20.08
C THR B 209 14.59 -3.17 20.55
N CYS B 210 15.67 -2.97 19.78
CA CYS B 210 16.65 -1.96 20.18
C CYS B 210 16.01 -0.58 20.26
N LYS B 211 15.19 -0.25 19.26
CA LYS B 211 14.54 1.05 19.24
C LYS B 211 13.62 1.25 20.44
N LEU B 212 12.88 0.21 20.83
CA LEU B 212 12.03 0.35 22.01
C LEU B 212 12.85 0.76 23.22
N ALA B 213 14.09 0.29 23.29
CA ALA B 213 14.98 0.48 24.42
C ALA B 213 15.69 1.83 24.40
N GLY B 214 15.51 2.62 23.36
CA GLY B 214 16.15 3.92 23.29
C GLY B 214 17.51 3.96 22.62
N ILE B 215 17.95 2.85 22.02
CA ILE B 215 19.18 2.88 21.25
C ILE B 215 19.03 3.83 20.07
N TYR B 216 20.01 4.70 19.88
CA TYR B 216 19.95 5.63 18.76
C TYR B 216 19.79 4.86 17.45
N PRO B 217 19.03 5.40 16.50
CA PRO B 217 18.80 4.66 15.23
C PRO B 217 20.07 4.20 14.55
N ASN B 218 21.09 5.06 14.47
CA ASN B 218 22.33 4.72 13.78
C ASN B 218 23.22 3.80 14.58
N ASN B 219 22.85 3.47 15.82
CA ASN B 219 23.66 2.59 16.65
C ASN B 219 23.11 1.18 16.68
N ILE B 220 22.18 0.87 15.79
CA ILE B 220 21.65 -0.47 15.59
C ILE B 220 22.29 -1.01 14.33
N ARG B 221 23.19 -1.97 14.47
CA ARG B 221 24.05 -2.39 13.37
C ARG B 221 23.68 -3.81 12.95
N LEU B 222 23.33 -3.97 11.67
CA LEU B 222 23.10 -5.28 11.09
C LEU B 222 24.39 -5.78 10.44
N ILE B 223 24.85 -6.95 10.87
CA ILE B 223 26.05 -7.60 10.36
C ILE B 223 25.72 -8.18 9.01
N PRO B 224 26.33 -7.71 7.93
CA PRO B 224 26.07 -8.32 6.62
C PRO B 224 26.63 -9.74 6.59
N THR B 225 25.85 -10.64 5.98
CA THR B 225 26.20 -12.05 5.86
C THR B 225 26.01 -12.50 4.41
N THR B 226 26.73 -13.56 4.03
CA THR B 226 26.71 -14.07 2.65
C THR B 226 26.46 -15.57 2.66
N VAL B 227 26.09 -16.09 1.49
CA VAL B 227 25.88 -17.52 1.29
C VAL B 227 27.12 -18.31 1.71
N GLU B 228 28.28 -17.67 1.67
CA GLU B 228 29.52 -18.35 2.00
C GLU B 228 29.59 -18.79 3.46
N THR B 229 28.83 -18.16 4.36
CA THR B 229 28.75 -18.62 5.74
C THR B 229 27.40 -19.25 6.06
N ASP B 230 26.66 -19.65 5.03
CA ASP B 230 25.28 -20.09 5.21
C ASP B 230 24.47 -19.00 5.90
N PHE B 231 24.80 -17.75 5.60
CA PHE B 231 24.09 -16.59 6.11
C PHE B 231 24.10 -16.54 7.64
N GLY B 232 25.13 -17.14 8.24
CA GLY B 232 25.42 -16.95 9.64
C GLY B 232 26.44 -15.86 9.83
N ILE B 233 26.46 -15.29 11.03
CA ILE B 233 27.37 -14.18 11.30
C ILE B 233 28.80 -14.67 11.19
N SER B 234 29.62 -13.95 10.42
CA SER B 234 31.04 -14.25 10.31
C SER B 234 31.79 -13.57 11.45
N PRO B 235 32.50 -14.32 12.29
CA PRO B 235 33.21 -13.67 13.40
C PRO B 235 34.12 -12.54 12.95
N GLN B 236 34.89 -12.77 11.88
N GLN B 236 34.88 -12.75 11.87
CA GLN B 236 35.76 -11.74 11.33
CA GLN B 236 35.77 -11.71 11.37
C GLN B 236 35.01 -10.42 11.14
C GLN B 236 35.02 -10.40 11.13
N VAL B 237 33.85 -10.49 10.48
CA VAL B 237 33.07 -9.30 10.17
C VAL B 237 32.67 -8.56 11.44
N LEU B 238 32.14 -9.29 12.43
CA LEU B 238 31.72 -8.64 13.66
C LEU B 238 32.91 -8.04 14.38
N ARG B 239 34.06 -8.73 14.39
CA ARG B 239 35.23 -8.17 15.06
C ARG B 239 35.66 -6.87 14.42
N LYS B 240 35.70 -6.85 13.09
CA LYS B 240 36.06 -5.63 12.38
C LYS B 240 35.09 -4.50 12.72
N MET B 241 33.78 -4.78 12.72
CA MET B 241 32.82 -3.75 13.07
C MET B 241 33.02 -3.24 14.49
N VAL B 242 33.17 -4.16 15.44
CA VAL B 242 33.33 -3.77 16.83
C VAL B 242 34.56 -2.91 17.01
N GLU B 243 35.65 -3.28 16.32
CA GLU B 243 36.91 -2.54 16.49
C GLU B 243 36.82 -1.16 15.87
N ASP B 244 36.11 -1.03 14.74
CA ASP B 244 35.89 0.29 14.18
C ASP B 244 35.03 1.15 15.11
N ASP B 245 34.03 0.54 15.75
CA ASP B 245 33.19 1.30 16.67
C ASP B 245 33.97 1.76 17.90
N VAL B 246 34.81 0.88 18.44
CA VAL B 246 35.66 1.26 19.57
C VAL B 246 36.65 2.34 19.16
N ALA B 247 37.24 2.20 17.97
CA ALA B 247 38.17 3.22 17.50
C ALA B 247 37.49 4.57 17.38
N ALA B 248 36.22 4.58 16.97
CA ALA B 248 35.47 5.82 16.82
C ALA B 248 34.88 6.33 18.13
N GLY B 249 35.16 5.65 19.24
CA GLY B 249 34.71 6.08 20.55
C GLY B 249 33.39 5.51 21.03
N TYR B 250 32.72 4.69 20.22
CA TYR B 250 31.44 4.11 20.63
C TYR B 250 31.65 2.97 21.61
N VAL B 251 30.56 2.57 22.27
CA VAL B 251 30.60 1.54 23.30
C VAL B 251 29.82 0.33 22.78
N PRO B 252 30.48 -0.74 22.36
CA PRO B 252 29.76 -1.96 21.98
C PRO B 252 29.07 -2.53 23.19
N LEU B 253 27.79 -2.80 23.07
CA LEU B 253 26.96 -3.06 24.24
C LEU B 253 26.31 -4.43 24.22
N PHE B 254 25.69 -4.80 23.10
CA PHE B 254 24.77 -5.93 23.05
C PHE B 254 24.86 -6.59 21.68
N LEU B 255 24.86 -7.92 21.68
CA LEU B 255 24.90 -8.72 20.47
C LEU B 255 23.84 -9.80 20.55
N CYS B 256 22.97 -9.86 19.53
CA CYS B 256 21.98 -10.92 19.42
C CYS B 256 22.53 -11.93 18.43
N ALA B 257 22.93 -13.09 18.95
CA ALA B 257 23.32 -14.23 18.14
C ALA B 257 22.11 -15.13 17.96
N THR B 258 21.75 -15.43 16.72
CA THR B 258 20.54 -16.18 16.41
C THR B 258 20.91 -17.62 16.11
N LEU B 259 20.29 -18.54 16.83
CA LEU B 259 20.44 -19.98 16.60
C LEU B 259 19.19 -20.41 15.84
N GLY B 260 19.24 -20.33 14.52
CA GLY B 260 18.08 -20.71 13.72
C GLY B 260 17.22 -19.54 13.28
N THR B 261 17.71 -18.78 12.30
CA THR B 261 16.98 -17.62 11.81
C THR B 261 15.63 -18.04 11.25
N THR B 262 14.69 -17.07 11.25
CA THR B 262 13.32 -17.34 10.84
C THR B 262 13.23 -17.66 9.36
N SER B 263 14.11 -17.07 8.55
CA SER B 263 14.12 -17.31 7.11
C SER B 263 14.61 -18.72 6.76
N THR B 264 15.88 -19.02 7.06
CA THR B 264 16.52 -20.26 6.59
C THR B 264 17.11 -21.10 7.72
N THR B 265 16.83 -20.74 8.98
CA THR B 265 17.45 -21.40 10.12
C THR B 265 18.97 -21.42 9.98
N ALA B 266 19.54 -20.29 9.56
CA ALA B 266 20.97 -20.07 9.76
C ALA B 266 21.30 -20.14 11.24
N THR B 267 22.55 -20.41 11.55
CA THR B 267 23.00 -20.55 12.93
C THR B 267 24.24 -19.69 13.09
N ASP B 268 24.18 -18.72 13.98
CA ASP B 268 25.39 -17.95 14.26
C ASP B 268 26.29 -18.79 15.16
N PRO B 269 27.60 -18.72 15.00
CA PRO B 269 28.49 -19.58 15.79
C PRO B 269 28.64 -19.05 17.21
N VAL B 270 27.99 -19.74 18.15
CA VAL B 270 27.99 -19.31 19.54
C VAL B 270 29.42 -19.30 20.09
N ASP B 271 30.22 -20.32 19.73
CA ASP B 271 31.53 -20.50 20.35
C ASP B 271 32.46 -19.32 20.07
N SER B 272 32.56 -18.91 18.80
CA SER B 272 33.44 -17.78 18.45
C SER B 272 32.80 -16.42 18.79
N LEU B 273 31.50 -16.25 18.52
CA LEU B 273 30.87 -14.97 18.82
C LEU B 273 30.91 -14.67 20.30
N SER B 274 30.70 -15.67 21.15
CA SER B 274 30.78 -15.40 22.59
C SER B 274 32.17 -14.99 23.00
N GLU B 275 33.19 -15.51 22.30
CA GLU B 275 34.56 -15.06 22.57
C GLU B 275 34.73 -13.59 22.24
N ILE B 276 34.23 -13.16 21.08
CA ILE B 276 34.33 -11.74 20.77
C ILE B 276 33.56 -10.91 21.79
N ALA B 277 32.36 -11.38 22.16
CA ALA B 277 31.57 -10.65 23.14
C ALA B 277 32.32 -10.49 24.46
N ASN B 278 32.83 -11.61 24.99
CA ASN B 278 33.58 -11.55 26.25
C ASN B 278 34.74 -10.58 26.12
N GLU B 279 35.46 -10.65 24.99
CA GLU B 279 36.64 -9.83 24.83
C GLU B 279 36.32 -8.35 24.92
N PHE B 280 35.19 -7.93 24.35
CA PHE B 280 34.87 -6.51 24.29
C PHE B 280 33.82 -6.09 25.31
N GLY B 281 33.55 -6.92 26.32
CA GLY B 281 32.54 -6.56 27.29
C GLY B 281 31.15 -6.44 26.71
N ILE B 282 30.90 -7.14 25.61
CA ILE B 282 29.61 -7.12 24.94
C ILE B 282 28.72 -8.19 25.55
N TRP B 283 27.50 -7.80 25.92
CA TRP B 283 26.51 -8.76 26.38
C TRP B 283 26.01 -9.58 25.20
N ILE B 284 26.22 -10.90 25.23
CA ILE B 284 25.78 -11.76 24.14
C ILE B 284 24.53 -12.53 24.57
N HIS B 285 23.48 -12.44 23.75
CA HIS B 285 22.24 -13.14 23.97
C HIS B 285 22.00 -14.08 22.81
N VAL B 286 21.67 -15.32 23.10
CA VAL B 286 21.42 -16.33 22.07
C VAL B 286 19.92 -16.51 21.96
N ASP B 287 19.38 -16.11 20.82
CA ASP B 287 17.97 -16.33 20.50
C ASP B 287 17.86 -17.67 19.78
N ALA B 288 17.37 -18.68 20.50
CA ALA B 288 17.09 -19.98 19.90
C ALA B 288 15.60 -20.28 20.05
N ALA B 289 14.76 -19.32 19.65
CA ALA B 289 13.31 -19.47 19.82
C ALA B 289 12.82 -20.79 19.24
N TYR B 290 13.23 -21.11 18.02
CA TYR B 290 12.77 -22.34 17.39
C TYR B 290 13.78 -23.46 17.63
N ALA B 291 15.00 -23.30 17.11
CA ALA B 291 15.96 -24.40 17.08
C ALA B 291 16.50 -24.77 18.46
N GLY B 292 16.41 -23.88 19.45
CA GLY B 292 16.93 -24.24 20.77
C GLY B 292 16.35 -25.54 21.29
N SER B 293 15.08 -25.81 21.01
CA SER B 293 14.46 -27.03 21.51
C SER B 293 15.19 -28.28 21.00
N ALA B 294 15.70 -28.25 19.76
CA ALA B 294 16.44 -29.42 19.27
C ALA B 294 17.62 -29.75 20.15
N CYS B 295 18.16 -28.74 20.85
CA CYS B 295 19.34 -28.95 21.67
C CYS B 295 19.08 -29.83 22.87
N ILE B 296 17.85 -30.31 23.07
CA ILE B 296 17.63 -31.40 24.02
C ILE B 296 18.15 -32.72 23.49
N CYS B 297 18.50 -32.78 22.19
CA CYS B 297 19.08 -34.00 21.64
C CYS B 297 20.60 -33.88 21.55
N PRO B 298 21.35 -34.85 22.08
CA PRO B 298 22.82 -34.74 22.06
C PRO B 298 23.37 -34.48 20.67
N GLU B 299 22.72 -34.97 19.62
CA GLU B 299 23.26 -34.70 18.28
C GLU B 299 23.08 -33.25 17.85
N PHE B 300 22.29 -32.43 18.56
CA PHE B 300 22.19 -31.01 18.26
C PHE B 300 22.86 -30.11 19.29
N ARG B 301 23.32 -30.67 20.42
CA ARG B 301 23.82 -29.87 21.53
C ARG B 301 25.13 -29.14 21.20
N HIS B 302 25.87 -29.58 20.18
CA HIS B 302 27.07 -28.85 19.80
C HIS B 302 26.75 -27.40 19.41
N TYR B 303 25.53 -27.15 18.97
CA TYR B 303 25.17 -25.79 18.59
C TYR B 303 25.28 -24.84 19.77
N LEU B 304 25.21 -25.36 20.99
CA LEU B 304 25.34 -24.55 22.19
C LEU B 304 26.73 -24.58 22.78
N ASP B 305 27.72 -25.13 22.08
CA ASP B 305 29.08 -25.09 22.59
C ASP B 305 29.48 -23.63 22.82
N GLY B 306 30.09 -23.37 23.97
CA GLY B 306 30.40 -22.01 24.36
C GLY B 306 29.31 -21.34 25.16
N ILE B 307 28.19 -22.01 25.41
CA ILE B 307 27.12 -21.37 26.15
C ILE B 307 27.62 -20.90 27.50
N GLU B 308 28.70 -21.50 28.02
CA GLU B 308 29.21 -21.07 29.31
C GLU B 308 29.73 -19.63 29.29
N ARG B 309 30.11 -19.13 28.12
CA ARG B 309 30.56 -17.75 28.01
C ARG B 309 29.43 -16.78 27.73
N VAL B 310 28.21 -17.27 27.51
CA VAL B 310 27.13 -16.48 26.96
C VAL B 310 26.39 -15.78 28.11
N ASP B 311 25.86 -14.58 27.83
CA ASP B 311 25.20 -13.80 28.88
C ASP B 311 23.73 -14.20 29.05
N SER B 312 23.00 -14.42 27.96
CA SER B 312 21.62 -14.87 28.14
C SER B 312 21.24 -15.76 26.97
N LEU B 313 20.21 -16.58 27.20
CA LEU B 313 19.75 -17.51 26.19
C LEU B 313 18.24 -17.64 26.29
N SER B 314 17.56 -17.71 25.15
CA SER B 314 16.12 -17.89 25.18
C SER B 314 15.70 -18.88 24.11
N LEU B 315 14.63 -19.60 24.40
CA LEU B 315 14.02 -20.49 23.42
C LEU B 315 12.52 -20.58 23.68
N SER B 316 11.73 -20.80 22.63
CA SER B 316 10.28 -20.77 22.77
C SER B 316 9.65 -22.15 22.72
N PRO B 317 9.32 -22.77 23.85
CA PRO B 317 8.51 -24.00 23.84
C PRO B 317 7.26 -23.94 22.98
N HIS B 318 6.63 -22.77 22.82
CA HIS B 318 5.39 -22.71 22.05
C HIS B 318 5.70 -22.75 20.56
N1 LLP B 319 13.42 -15.01 16.66
C2 LLP B 319 13.35 -16.24 16.16
C2' LLP B 319 14.67 -17.00 15.80
C3 LLP B 319 12.08 -16.87 15.97
O3 LLP B 319 12.02 -18.17 15.44
C4 LLP B 319 10.93 -16.18 16.29
C4' LLP B 319 9.47 -16.84 16.09
C5 LLP B 319 10.98 -14.92 16.78
C6 LLP B 319 12.24 -14.32 16.98
C5' LLP B 319 9.66 -14.16 17.16
OP4 LLP B 319 9.72 -13.84 18.52
P LLP B 319 8.58 -13.05 19.21
OP1 LLP B 319 9.12 -11.70 19.65
OP2 LLP B 319 7.47 -12.92 18.27
OP3 LLP B 319 8.11 -13.78 20.41
N LLP B 319 6.99 -22.87 20.23
CA LLP B 319 7.37 -23.18 18.85
CB LLP B 319 8.63 -22.44 18.48
CG LLP B 319 8.13 -21.07 18.03
CD LLP B 319 9.24 -20.31 17.31
CE LLP B 319 8.74 -18.87 17.05
NZ LLP B 319 9.69 -18.25 16.14
C LLP B 319 7.54 -24.65 18.72
O LLP B 319 6.63 -25.32 18.24
N TRP B 320 8.67 -25.20 19.16
CA TRP B 320 8.97 -26.60 18.86
C TRP B 320 8.90 -27.54 20.06
N LEU B 321 8.27 -27.12 21.16
CA LEU B 321 8.26 -27.99 22.33
C LEU B 321 6.86 -28.10 22.95
N LEU B 322 5.85 -28.28 22.11
CA LEU B 322 4.53 -28.81 22.49
C LEU B 322 3.78 -27.94 23.49
N ALA B 323 4.26 -26.73 23.72
CA ALA B 323 3.56 -25.78 24.57
C ALA B 323 2.67 -24.94 23.67
N TYR B 324 1.51 -24.56 24.17
CA TYR B 324 0.78 -23.60 23.37
C TYR B 324 1.41 -22.22 23.53
N LEU B 325 1.04 -21.30 22.65
CA LEU B 325 1.28 -19.89 22.95
C LEU B 325 0.54 -19.57 24.24
N ASP B 326 1.18 -18.82 25.14
CA ASP B 326 2.52 -18.32 25.02
C ASP B 326 3.46 -19.13 25.90
N CYS B 327 4.72 -19.20 25.49
CA CYS B 327 5.72 -19.83 26.33
C CYS B 327 7.13 -19.61 25.77
N THR B 328 7.87 -18.72 26.42
CA THR B 328 9.25 -18.41 26.07
C THR B 328 10.10 -18.54 27.32
N CYS B 329 11.22 -19.24 27.21
CA CYS B 329 12.15 -19.41 28.32
C CYS B 329 13.34 -18.50 28.13
N LEU B 330 13.75 -17.85 29.22
CA LEU B 330 14.92 -16.97 29.24
C LEU B 330 15.79 -17.36 30.41
N TRP B 331 17.02 -17.75 30.15
CA TRP B 331 18.00 -17.98 31.19
C TRP B 331 19.02 -16.86 31.14
N VAL B 332 19.48 -16.47 32.33
CA VAL B 332 20.39 -15.36 32.54
C VAL B 332 21.46 -15.85 33.51
N LYS B 333 22.72 -15.57 33.17
CA LYS B 333 23.85 -16.03 33.97
C LYS B 333 24.07 -15.14 35.18
N GLN B 334 23.76 -13.84 35.08
CA GLN B 334 23.92 -12.88 36.16
C GLN B 334 22.57 -12.21 36.42
N PRO B 335 21.68 -12.87 37.16
CA PRO B 335 20.36 -12.28 37.43
C PRO B 335 20.42 -10.88 38.00
N HIS B 336 21.38 -10.60 38.87
CA HIS B 336 21.42 -9.32 39.55
C HIS B 336 21.46 -8.16 38.56
N LEU B 337 22.06 -8.36 37.38
CA LEU B 337 22.08 -7.30 36.38
C LEU B 337 20.69 -7.07 35.79
N LEU B 338 19.96 -8.14 35.50
CA LEU B 338 18.58 -8.02 35.04
C LEU B 338 17.72 -7.36 36.10
N LEU B 339 17.81 -7.85 37.32
CA LEU B 339 16.99 -7.30 38.40
C LEU B 339 17.28 -5.81 38.60
N ARG B 340 18.57 -5.43 38.65
CA ARG B 340 18.88 -4.01 38.74
C ARG B 340 18.24 -3.24 37.60
N ALA B 341 18.30 -3.78 36.38
CA ALA B 341 17.83 -2.99 35.24
C ALA B 341 16.34 -2.70 35.33
N LEU B 342 15.54 -3.62 35.88
CA LEU B 342 14.09 -3.55 35.81
C LEU B 342 13.45 -3.00 37.08
N THR B 343 14.17 -2.17 37.85
CA THR B 343 13.58 -1.61 39.06
C THR B 343 14.12 -0.20 39.29
N THR B 344 13.34 0.58 40.04
CA THR B 344 13.72 1.93 40.42
C THR B 344 14.13 2.05 41.89
N ASN B 345 14.79 1.02 42.42
CA ASN B 345 15.34 1.09 43.77
C ASN B 345 16.21 -0.12 44.07
N ASP B 357 18.81 -16.30 49.71
CA ASP B 357 17.39 -16.60 49.79
C ASP B 357 17.01 -17.80 48.92
N LYS B 358 15.77 -18.28 49.08
CA LYS B 358 15.30 -19.47 48.40
C LYS B 358 14.27 -19.19 47.31
N VAL B 359 13.67 -18.00 47.31
CA VAL B 359 12.55 -17.71 46.41
C VAL B 359 12.70 -16.32 45.81
N VAL B 360 12.04 -16.13 44.67
CA VAL B 360 12.09 -14.88 43.93
C VAL B 360 10.68 -14.33 43.82
N ASP B 361 10.61 -13.03 43.49
CA ASP B 361 9.37 -12.36 43.11
C ASP B 361 9.52 -12.06 41.63
N PHE B 362 8.80 -12.82 40.79
CA PHE B 362 9.04 -12.80 39.36
C PHE B 362 8.61 -11.49 38.70
N LYS B 363 7.85 -10.63 39.38
CA LYS B 363 7.59 -9.31 38.83
C LYS B 363 8.89 -8.61 38.46
N ASN B 364 9.98 -8.94 39.16
CA ASN B 364 11.29 -8.34 38.98
C ASN B 364 12.04 -8.86 37.76
N TRP B 365 11.55 -9.91 37.10
CA TRP B 365 12.26 -10.53 35.99
C TRP B 365 11.61 -10.22 34.65
N GLN B 366 10.64 -9.30 34.61
CA GLN B 366 9.82 -9.07 33.44
C GLN B 366 9.35 -7.61 33.43
N ILE B 367 8.67 -7.24 32.36
CA ILE B 367 8.20 -5.87 32.18
C ILE B 367 7.07 -5.55 33.15
N ALA B 368 6.10 -6.43 33.28
CA ALA B 368 4.87 -6.12 33.98
C ALA B 368 4.90 -6.61 35.44
N THR B 369 3.77 -6.38 36.12
CA THR B 369 3.54 -6.87 37.48
C THR B 369 2.86 -8.23 37.47
N GLY B 370 1.71 -8.32 36.81
CA GLY B 370 0.94 -9.56 36.82
C GLY B 370 1.56 -10.66 35.97
N ARG B 371 1.18 -11.90 36.31
CA ARG B 371 1.66 -13.09 35.62
C ARG B 371 0.70 -14.24 35.87
N LYS B 372 0.44 -15.03 34.83
CA LYS B 372 -0.25 -16.30 35.02
C LYS B 372 0.67 -17.33 35.67
N PHE B 373 0.10 -18.50 35.94
CA PHE B 373 0.84 -19.65 36.45
C PHE B 373 1.52 -20.32 35.26
N ARG B 374 2.59 -19.67 34.79
CA ARG B 374 3.18 -20.03 33.50
C ARG B 374 3.85 -21.39 33.49
N SER B 375 4.44 -21.82 34.62
CA SER B 375 5.26 -23.02 34.64
C SER B 375 4.45 -24.30 34.68
N LEU B 376 3.17 -24.24 35.02
CA LEU B 376 2.39 -25.46 35.22
C LEU B 376 2.37 -26.33 33.97
N LYS B 377 2.07 -25.74 32.82
CA LYS B 377 1.96 -26.57 31.62
C LYS B 377 3.30 -27.14 31.21
N LEU B 378 4.40 -26.40 31.42
CA LEU B 378 5.72 -26.96 31.13
C LEU B 378 6.00 -28.17 32.01
N TRP B 379 5.76 -28.03 33.31
CA TRP B 379 5.85 -29.17 34.21
C TRP B 379 5.03 -30.34 33.70
N LEU B 380 3.79 -30.08 33.26
CA LEU B 380 2.94 -31.16 32.79
C LEU B 380 3.51 -31.81 31.53
N ILE B 381 4.09 -31.02 30.62
CA ILE B 381 4.69 -31.57 29.42
C ILE B 381 5.83 -32.51 29.79
N LEU B 382 6.78 -31.99 30.55
CA LEU B 382 7.92 -32.80 30.96
C LEU B 382 7.47 -34.08 31.64
N ARG B 383 6.61 -33.97 32.64
CA ARG B 383 6.23 -35.17 33.39
C ARG B 383 5.47 -36.16 32.52
N SER B 384 4.55 -35.68 31.70
N SER B 384 4.53 -35.67 31.71
CA SER B 384 3.67 -36.59 30.98
CA SER B 384 3.69 -36.61 30.98
C SER B 384 4.39 -37.33 29.86
C SER B 384 4.50 -37.38 29.95
N TYR B 385 5.34 -36.69 29.19
CA TYR B 385 5.99 -37.32 28.05
C TYR B 385 7.38 -37.85 28.36
N GLY B 386 8.17 -37.18 29.20
CA GLY B 386 9.50 -37.64 29.41
C GLY B 386 10.47 -37.13 28.36
N VAL B 387 11.72 -37.00 28.79
CA VAL B 387 12.79 -36.60 27.89
C VAL B 387 12.81 -37.50 26.67
N VAL B 388 12.56 -38.79 26.86
CA VAL B 388 12.67 -39.73 25.73
C VAL B 388 11.73 -39.31 24.63
N ASN B 389 10.47 -39.08 24.98
CA ASN B 389 9.48 -38.73 23.96
C ASN B 389 9.74 -37.35 23.39
N LEU B 390 10.22 -36.41 24.21
CA LEU B 390 10.53 -35.10 23.65
C LEU B 390 11.63 -35.20 22.60
N GLN B 391 12.67 -35.99 22.90
CA GLN B 391 13.72 -36.22 21.91
C GLN B 391 13.15 -36.92 20.69
N SER B 392 12.31 -37.94 20.91
CA SER B 392 11.67 -38.62 19.79
C SER B 392 10.92 -37.66 18.89
N HIS B 393 10.23 -36.68 19.50
CA HIS B 393 9.43 -35.72 18.76
C HIS B 393 10.29 -34.80 17.90
N ILE B 394 11.33 -34.22 18.50
CA ILE B 394 12.31 -33.48 17.70
C ILE B 394 12.81 -34.32 16.53
N ARG B 395 13.29 -35.53 16.83
CA ARG B 395 13.92 -36.37 15.81
C ARG B 395 12.94 -36.78 14.73
N SER B 396 11.67 -36.95 15.07
CA SER B 396 10.66 -37.31 14.08
C SER B 396 10.45 -36.18 13.08
N ASP B 397 10.41 -34.93 13.58
CA ASP B 397 10.29 -33.82 12.64
C ASP B 397 11.54 -33.70 11.76
N VAL B 398 12.72 -33.82 12.37
CA VAL B 398 13.96 -33.73 11.60
C VAL B 398 14.03 -34.84 10.56
N ALA B 399 13.53 -36.03 10.92
CA ALA B 399 13.51 -37.15 9.98
C ALA B 399 12.58 -36.88 8.81
N MET B 400 11.40 -36.31 9.07
N MET B 400 11.40 -36.31 9.08
CA MET B 400 10.50 -36.04 7.94
CA MET B 400 10.44 -35.97 8.04
C MET B 400 11.04 -34.94 7.04
C MET B 400 11.07 -34.97 7.07
N ALA B 401 11.71 -33.94 7.61
CA ALA B 401 12.35 -32.93 6.76
C ALA B 401 13.50 -33.55 5.97
N LYS B 402 14.28 -34.44 6.59
CA LYS B 402 15.35 -35.12 5.85
C LYS B 402 14.78 -35.88 4.67
N MET B 403 13.72 -36.66 4.91
CA MET B 403 13.07 -37.41 3.83
C MET B 403 12.60 -36.49 2.71
N PHE B 404 11.94 -35.39 3.08
CA PHE B 404 11.46 -34.45 2.06
C PHE B 404 12.63 -33.86 1.25
N GLU B 405 13.74 -33.57 1.92
CA GLU B 405 14.92 -33.07 1.21
C GLU B 405 15.45 -34.11 0.23
N GLU B 406 15.48 -35.39 0.64
CA GLU B 406 15.96 -36.40 -0.30
C GLU B 406 15.05 -36.45 -1.52
N TRP B 407 13.74 -36.37 -1.31
CA TRP B 407 12.81 -36.32 -2.44
C TRP B 407 13.14 -35.17 -3.38
N VAL B 408 13.36 -33.99 -2.80
CA VAL B 408 13.65 -32.81 -3.61
C VAL B 408 14.91 -33.02 -4.44
N ARG B 409 15.95 -33.61 -3.84
CA ARG B 409 17.20 -33.86 -4.58
C ARG B 409 17.00 -34.83 -5.74
N SER B 410 16.03 -35.72 -5.64
CA SER B 410 15.74 -36.66 -6.71
C SER B 410 15.05 -36.03 -7.91
N ASP B 411 14.62 -34.78 -7.82
CA ASP B 411 13.91 -34.12 -8.92
C ASP B 411 14.84 -33.04 -9.47
N SER B 412 15.36 -33.27 -10.67
CA SER B 412 16.41 -32.39 -11.17
C SER B 412 15.91 -30.99 -11.49
N ARG B 413 14.58 -30.78 -11.49
CA ARG B 413 14.04 -29.44 -11.70
C ARG B 413 14.20 -28.56 -10.47
N PHE B 414 14.35 -29.14 -9.29
CA PHE B 414 14.46 -28.41 -8.04
C PHE B 414 15.88 -28.38 -7.53
N GLU B 415 16.10 -27.49 -6.58
CA GLU B 415 17.37 -27.40 -5.87
C GLU B 415 17.13 -27.02 -4.43
N ILE B 416 17.98 -27.55 -3.56
CA ILE B 416 18.06 -27.14 -2.16
C ILE B 416 18.93 -25.89 -2.13
N VAL B 417 18.38 -24.78 -1.64
CA VAL B 417 19.09 -23.52 -1.81
C VAL B 417 20.15 -23.34 -0.72
N VAL B 418 19.86 -23.81 0.49
CA VAL B 418 20.78 -23.67 1.62
C VAL B 418 20.62 -24.88 2.52
N PRO B 419 21.63 -25.24 3.31
CA PRO B 419 21.60 -26.52 4.03
C PRO B 419 20.46 -26.63 5.03
N ARG B 420 19.85 -27.81 5.08
CA ARG B 420 18.83 -28.13 6.07
C ARG B 420 19.51 -28.54 7.38
N ASN B 421 19.49 -27.66 8.38
CA ASN B 421 20.08 -27.98 9.67
C ASN B 421 19.07 -28.58 10.65
N PHE B 422 17.79 -28.25 10.49
CA PHE B 422 16.78 -28.71 11.43
C PHE B 422 15.57 -29.26 10.70
N SER B 423 14.40 -28.63 10.93
CA SER B 423 13.13 -29.11 10.42
C SER B 423 12.66 -28.37 9.18
N LEU B 424 13.36 -27.33 8.76
CA LEU B 424 12.91 -26.47 7.68
C LEU B 424 13.74 -26.76 6.44
N VAL B 425 13.08 -26.97 5.30
CA VAL B 425 13.76 -27.19 4.02
C VAL B 425 13.47 -26.01 3.10
N CYS B 426 14.53 -25.34 2.66
CA CYS B 426 14.42 -24.20 1.74
C CYS B 426 14.77 -24.66 0.34
N PHE B 427 13.83 -24.55 -0.59
CA PHE B 427 14.05 -25.14 -1.91
C PHE B 427 13.41 -24.28 -2.98
N ARG B 428 13.75 -24.58 -4.24
CA ARG B 428 13.13 -23.80 -5.30
C ARG B 428 13.29 -24.54 -6.62
N LEU B 429 12.57 -24.03 -7.62
CA LEU B 429 12.77 -24.45 -9.01
C LEU B 429 14.00 -23.75 -9.57
N LYS B 430 14.89 -24.54 -10.19
CA LYS B 430 16.14 -24.01 -10.75
C LYS B 430 15.85 -22.98 -11.85
N PRO B 431 16.75 -22.03 -12.06
CA PRO B 431 16.53 -21.08 -13.17
C PRO B 431 16.42 -21.75 -14.53
N ASP B 432 17.03 -22.92 -14.76
CA ASP B 432 17.03 -23.46 -16.11
C ASP B 432 15.73 -24.18 -16.49
N VAL B 433 14.75 -24.30 -15.59
CA VAL B 433 13.49 -24.94 -15.96
C VAL B 433 12.59 -24.03 -16.81
N SER B 434 12.82 -22.71 -16.80
CA SER B 434 11.98 -21.80 -17.57
C SER B 434 12.79 -20.60 -18.05
N SER B 435 12.38 -20.03 -19.18
CA SER B 435 13.00 -18.80 -19.69
C SER B 435 12.48 -17.54 -19.00
N LEU B 436 11.47 -17.65 -18.14
CA LEU B 436 11.02 -16.50 -17.37
C LEU B 436 11.90 -16.34 -16.12
N HIS B 437 11.71 -15.24 -15.40
CA HIS B 437 12.53 -14.99 -14.23
C HIS B 437 12.29 -16.07 -13.18
N VAL B 438 13.39 -16.63 -12.66
CA VAL B 438 13.28 -17.75 -11.72
C VAL B 438 12.35 -17.36 -10.55
N GLU B 439 12.48 -16.12 -10.08
CA GLU B 439 11.65 -15.65 -8.98
C GLU B 439 10.15 -15.72 -9.32
N GLU B 440 9.79 -15.27 -10.52
CA GLU B 440 8.38 -15.27 -10.86
C GLU B 440 7.85 -16.69 -10.95
N VAL B 441 8.65 -17.61 -11.49
CA VAL B 441 8.20 -19.00 -11.59
C VAL B 441 7.95 -19.60 -10.21
N ASN B 442 8.89 -19.37 -9.28
CA ASN B 442 8.67 -19.94 -7.94
C ASN B 442 7.53 -19.25 -7.21
N LYS B 443 7.33 -17.95 -7.44
CA LYS B 443 6.20 -17.27 -6.83
C LYS B 443 4.89 -17.85 -7.35
N LYS B 444 4.83 -18.13 -8.65
CA LYS B 444 3.63 -18.74 -9.22
C LYS B 444 3.37 -20.11 -8.62
N LEU B 445 4.43 -20.91 -8.44
CA LEU B 445 4.26 -22.23 -7.83
C LEU B 445 3.72 -22.10 -6.39
N LEU B 446 4.31 -21.20 -5.60
CA LEU B 446 3.81 -21.02 -4.24
C LEU B 446 2.33 -20.64 -4.28
N ASP B 447 1.96 -19.78 -5.23
CA ASP B 447 0.57 -19.37 -5.32
C ASP B 447 -0.33 -20.54 -5.67
N MET B 448 0.06 -21.35 -6.67
CA MET B 448 -0.77 -22.50 -7.01
C MET B 448 -0.97 -23.39 -5.79
N LEU B 449 0.13 -23.71 -5.10
CA LEU B 449 0.05 -24.58 -3.94
C LEU B 449 -0.93 -24.02 -2.91
N ASN B 450 -0.76 -22.77 -2.51
CA ASN B 450 -1.60 -22.22 -1.45
C ASN B 450 -3.04 -22.05 -1.88
N SER B 451 -3.28 -21.63 -3.13
CA SER B 451 -4.62 -21.47 -3.63
C SER B 451 -5.37 -22.80 -3.65
N THR B 452 -4.63 -23.91 -3.74
CA THR B 452 -5.26 -25.22 -3.64
C THR B 452 -6.09 -25.36 -2.37
N GLY B 453 -5.70 -24.67 -1.29
CA GLY B 453 -6.24 -24.93 0.01
C GLY B 453 -5.70 -26.17 0.72
N ARG B 454 -4.97 -27.04 0.01
CA ARG B 454 -4.53 -28.30 0.59
C ARG B 454 -3.18 -28.19 1.29
N VAL B 455 -2.63 -26.99 1.39
CA VAL B 455 -1.32 -26.79 2.02
C VAL B 455 -1.14 -25.31 2.27
N TYR B 456 -0.34 -24.95 3.28
CA TYR B 456 0.08 -23.57 3.45
C TYR B 456 1.60 -23.57 3.63
N MET B 457 2.29 -22.83 2.77
CA MET B 457 3.71 -22.59 2.89
C MET B 457 3.97 -21.12 2.63
N THR B 458 4.92 -20.54 3.37
CA THR B 458 5.44 -19.22 3.03
C THR B 458 6.77 -19.36 2.29
N HIS B 459 7.24 -18.21 1.80
CA HIS B 459 8.47 -18.06 1.04
C HIS B 459 9.44 -17.21 1.85
N THR B 460 10.66 -17.08 1.32
CA THR B 460 11.60 -16.12 1.87
C THR B 460 12.56 -15.66 0.78
N ILE B 461 13.17 -14.49 1.00
CA ILE B 461 14.24 -13.95 0.14
C ILE B 461 15.51 -13.82 0.97
N VAL B 462 16.57 -14.53 0.55
CA VAL B 462 17.88 -14.45 1.20
C VAL B 462 18.98 -14.38 0.14
N GLY B 463 19.92 -13.45 0.32
CA GLY B 463 20.98 -13.27 -0.66
C GLY B 463 20.46 -13.04 -2.06
N GLY B 464 19.36 -12.28 -2.18
CA GLY B 464 18.78 -12.03 -3.48
C GLY B 464 18.09 -13.22 -4.11
N ILE B 465 17.97 -14.34 -3.41
CA ILE B 465 17.38 -15.55 -3.96
C ILE B 465 16.03 -15.78 -3.29
N TYR B 466 15.00 -15.91 -4.12
CA TYR B 466 13.66 -16.26 -3.71
C TYR B 466 13.53 -17.78 -3.60
N MET B 467 13.03 -18.26 -2.46
CA MET B 467 12.90 -19.70 -2.23
C MET B 467 11.62 -19.99 -1.46
N LEU B 468 11.12 -21.20 -1.68
CA LEU B 468 10.03 -21.77 -0.91
C LEU B 468 10.56 -22.42 0.36
N ARG B 469 9.72 -22.51 1.37
CA ARG B 469 10.07 -23.14 2.62
C ARG B 469 9.07 -24.25 2.94
N LEU B 470 9.55 -25.33 3.52
CA LEU B 470 8.70 -26.34 4.13
C LEU B 470 9.13 -26.44 5.57
N ALA B 471 8.32 -25.88 6.48
CA ALA B 471 8.63 -25.89 7.90
C ALA B 471 7.85 -27.04 8.50
N VAL B 472 8.49 -28.20 8.57
CA VAL B 472 7.85 -29.41 9.06
C VAL B 472 7.74 -29.35 10.57
N GLY B 473 6.62 -29.84 11.12
CA GLY B 473 6.53 -29.85 12.57
C GLY B 473 5.17 -29.68 13.20
N SER B 474 4.17 -29.20 12.45
CA SER B 474 2.83 -29.06 13.00
C SER B 474 2.39 -30.38 13.62
N SER B 475 1.88 -30.31 14.86
CA SER B 475 1.74 -31.51 15.68
C SER B 475 0.96 -32.61 14.98
N LEU B 476 -0.01 -32.27 14.16
CA LEU B 476 -0.82 -33.30 13.53
C LEU B 476 -0.23 -33.83 12.24
N THR B 477 0.87 -33.26 11.77
CA THR B 477 1.51 -33.75 10.56
C THR B 477 2.10 -35.15 10.77
N GLU B 478 1.67 -36.08 9.92
CA GLU B 478 2.28 -37.41 9.87
C GLU B 478 3.02 -37.59 8.54
N GLU B 479 3.74 -38.70 8.44
CA GLU B 479 4.63 -38.88 7.30
C GLU B 479 3.87 -38.80 5.97
N HIS B 480 2.70 -39.43 5.90
CA HIS B 480 1.95 -39.43 4.64
C HIS B 480 1.51 -38.03 4.24
N HIS B 481 1.33 -37.13 5.22
CA HIS B 481 1.00 -35.76 4.83
C HIS B 481 2.14 -35.16 4.04
N VAL B 482 3.37 -35.32 4.52
CA VAL B 482 4.53 -34.80 3.80
C VAL B 482 4.67 -35.47 2.44
N ARG B 483 4.43 -36.78 2.38
N ARG B 483 4.42 -36.78 2.38
CA ARG B 483 4.44 -37.46 1.09
CA ARG B 483 4.45 -37.45 1.08
C ARG B 483 3.46 -36.77 0.14
C ARG B 483 3.45 -36.80 0.12
N ARG B 484 2.23 -36.54 0.60
CA ARG B 484 1.20 -35.99 -0.26
C ARG B 484 1.52 -34.56 -0.68
N VAL B 485 2.15 -33.79 0.21
CA VAL B 485 2.58 -32.45 -0.17
C VAL B 485 3.62 -32.52 -1.29
N TRP B 486 4.59 -33.44 -1.18
CA TRP B 486 5.57 -33.52 -2.27
C TRP B 486 4.89 -33.90 -3.57
N ASP B 487 3.96 -34.86 -3.50
CA ASP B 487 3.21 -35.25 -4.69
C ASP B 487 2.45 -34.06 -5.29
N LEU B 488 1.83 -33.24 -4.43
CA LEU B 488 1.14 -32.07 -4.94
C LEU B 488 2.11 -31.09 -5.59
N ILE B 489 3.26 -30.85 -4.95
CA ILE B 489 4.28 -29.96 -5.50
C ILE B 489 4.70 -30.41 -6.89
N GLN B 490 4.95 -31.71 -7.07
CA GLN B 490 5.35 -32.22 -8.37
C GLN B 490 4.22 -32.11 -9.38
N LYS B 491 2.99 -32.42 -8.98
CA LYS B 491 1.85 -32.30 -9.90
C LYS B 491 1.68 -30.86 -10.38
N LEU B 492 1.73 -29.91 -9.46
CA LEU B 492 1.54 -28.51 -9.83
C LEU B 492 2.72 -28.01 -10.65
N THR B 493 3.91 -28.54 -10.40
CA THR B 493 5.06 -28.13 -11.21
C THR B 493 4.96 -28.70 -12.62
N ASP B 494 4.49 -29.94 -12.77
CA ASP B 494 4.23 -30.44 -14.11
C ASP B 494 3.25 -29.52 -14.84
N ASP B 495 2.11 -29.21 -14.20
CA ASP B 495 1.16 -28.28 -14.81
C ASP B 495 1.79 -26.93 -15.16
N LEU B 496 2.69 -26.44 -14.31
CA LEU B 496 3.26 -25.11 -14.48
C LEU B 496 4.31 -25.02 -15.59
N LEU B 497 4.87 -26.13 -16.07
CA LEU B 497 6.01 -26.07 -16.99
C LEU B 497 5.78 -26.79 -18.33
N PHE C 19 5.82 -2.39 -54.90
CA PHE C 19 4.97 -2.33 -53.71
C PHE C 19 4.42 -0.93 -53.49
N LYS C 20 3.10 -0.80 -53.61
CA LYS C 20 2.42 0.49 -53.49
C LYS C 20 1.49 0.45 -52.28
N PRO C 21 1.96 0.90 -51.12
CA PRO C 21 1.07 0.90 -49.93
C PRO C 21 -0.08 1.90 -50.01
N LEU C 22 0.04 2.95 -50.82
CA LEU C 22 -1.02 3.95 -50.96
C LEU C 22 -1.33 4.16 -52.43
N GLU C 23 -2.47 3.64 -52.87
CA GLU C 23 -2.97 3.84 -54.22
C GLU C 23 -4.36 4.43 -54.15
N ALA C 24 -4.56 5.58 -54.82
CA ALA C 24 -5.75 6.38 -54.60
C ALA C 24 -7.04 5.57 -54.83
N GLU C 25 -7.09 4.76 -55.90
CA GLU C 25 -8.32 4.05 -56.21
C GLU C 25 -8.52 2.81 -55.33
N GLU C 26 -7.44 2.06 -55.11
CA GLU C 26 -7.52 0.97 -54.14
C GLU C 26 -7.87 1.52 -52.76
N PHE C 27 -7.27 2.64 -52.40
CA PHE C 27 -7.66 3.34 -51.17
C PHE C 27 -9.17 3.61 -51.18
N ARG C 28 -9.67 4.19 -52.27
CA ARG C 28 -11.08 4.52 -52.36
C ARG C 28 -11.94 3.29 -52.09
N LYS C 29 -11.63 2.19 -52.78
CA LYS C 29 -12.41 0.97 -52.64
C LYS C 29 -12.38 0.46 -51.20
N GLN C 30 -11.17 0.27 -50.66
CA GLN C 30 -11.06 -0.32 -49.33
C GLN C 30 -11.72 0.57 -48.29
N ALA C 31 -11.55 1.88 -48.41
CA ALA C 31 -12.13 2.80 -47.45
C ALA C 31 -13.66 2.78 -47.52
N HIS C 32 -14.23 2.72 -48.73
CA HIS C 32 -15.68 2.56 -48.84
C HIS C 32 -16.14 1.28 -48.15
N ARG C 33 -15.42 0.18 -48.36
CA ARG C 33 -15.79 -1.08 -47.73
C ARG C 33 -15.78 -0.97 -46.21
N MET C 34 -14.76 -0.30 -45.66
CA MET C 34 -14.73 -0.13 -44.20
C MET C 34 -15.84 0.80 -43.73
N VAL C 35 -16.20 1.78 -44.54
CA VAL C 35 -17.33 2.64 -44.20
C VAL C 35 -18.58 1.80 -44.01
N ASP C 36 -18.86 0.91 -44.96
CA ASP C 36 -20.03 0.06 -44.82
C ASP C 36 -19.92 -0.88 -43.62
N PHE C 37 -18.72 -1.40 -43.36
CA PHE C 37 -18.58 -2.28 -42.20
C PHE C 37 -18.87 -1.55 -40.90
N ILE C 38 -18.40 -0.32 -40.80
CA ILE C 38 -18.62 0.47 -39.59
C ILE C 38 -20.08 0.81 -39.43
N ALA C 39 -20.75 1.18 -40.53
CA ALA C 39 -22.17 1.49 -40.47
C ALA C 39 -22.99 0.26 -40.05
N ASP C 40 -22.63 -0.91 -40.57
CA ASP C 40 -23.31 -2.13 -40.13
C ASP C 40 -23.08 -2.37 -38.63
N TYR C 41 -21.88 -2.03 -38.14
CA TYR C 41 -21.65 -2.18 -36.71
C TYR C 41 -22.54 -1.25 -35.90
N TYR C 42 -22.68 0.01 -36.34
CA TYR C 42 -23.57 0.92 -35.63
C TYR C 42 -25.00 0.43 -35.65
N LYS C 43 -25.41 -0.15 -36.78
CA LYS C 43 -26.79 -0.62 -36.84
C LYS C 43 -27.01 -1.88 -36.01
N ASN C 44 -25.97 -2.67 -35.74
CA ASN C 44 -26.17 -3.93 -35.05
C ASN C 44 -25.61 -4.00 -33.63
N VAL C 45 -24.88 -2.99 -33.16
CA VAL C 45 -24.13 -3.12 -31.91
C VAL C 45 -25.06 -3.40 -30.73
N GLU C 46 -26.26 -2.82 -30.74
CA GLU C 46 -27.22 -3.14 -29.69
C GLU C 46 -27.47 -4.63 -29.60
N THR C 47 -27.15 -5.39 -30.66
CA THR C 47 -27.35 -6.83 -30.67
C THR C 47 -26.29 -7.56 -29.87
N TYR C 48 -25.08 -7.01 -29.79
CA TYR C 48 -24.00 -7.68 -29.10
C TYR C 48 -24.14 -7.49 -27.59
N PRO C 49 -23.66 -8.45 -26.80
CA PRO C 49 -23.56 -8.20 -25.35
C PRO C 49 -22.64 -7.03 -25.08
N VAL C 50 -23.09 -6.13 -24.21
CA VAL C 50 -22.34 -4.90 -23.95
C VAL C 50 -20.97 -5.24 -23.38
N LEU C 51 -20.95 -5.99 -22.29
CA LEU C 51 -19.72 -6.42 -21.64
C LEU C 51 -19.35 -7.80 -22.19
N SER C 52 -18.06 -8.00 -22.42
CA SER C 52 -17.61 -9.23 -23.05
C SER C 52 -17.40 -10.31 -22.00
N GLU C 53 -17.55 -11.57 -22.43
CA GLU C 53 -17.35 -12.71 -21.53
C GLU C 53 -16.03 -13.43 -21.73
N VAL C 54 -15.15 -12.95 -22.62
CA VAL C 54 -13.89 -13.65 -22.83
C VAL C 54 -13.06 -13.59 -21.55
N GLU C 55 -12.23 -14.62 -21.36
CA GLU C 55 -11.27 -14.75 -20.28
C GLU C 55 -9.95 -14.10 -20.66
N PRO C 56 -9.15 -13.69 -19.69
CA PRO C 56 -7.82 -13.13 -20.01
C PRO C 56 -6.98 -14.12 -20.80
N GLY C 57 -6.28 -13.61 -21.81
CA GLY C 57 -5.47 -14.45 -22.66
C GLY C 57 -6.22 -15.21 -23.73
N TYR C 58 -7.50 -14.92 -23.93
CA TYR C 58 -8.27 -15.68 -24.91
C TYR C 58 -7.73 -15.47 -26.31
N LEU C 59 -7.14 -14.30 -26.57
CA LEU C 59 -6.79 -13.93 -27.94
C LEU C 59 -5.50 -14.59 -28.42
N ARG C 60 -4.60 -14.92 -27.49
N ARG C 60 -4.60 -14.94 -27.50
CA ARG C 60 -3.34 -15.56 -27.86
CA ARG C 60 -3.32 -15.54 -27.90
C ARG C 60 -3.57 -16.80 -28.71
C ARG C 60 -3.53 -16.84 -28.68
N LYS C 61 -4.55 -17.61 -28.33
CA LYS C 61 -4.81 -18.90 -28.95
C LYS C 61 -5.41 -18.77 -30.35
N ARG C 62 -5.69 -17.55 -30.80
CA ARG C 62 -6.33 -17.31 -32.09
C ARG C 62 -5.46 -16.51 -33.04
N ILE C 63 -4.32 -16.01 -32.59
CA ILE C 63 -3.44 -15.25 -33.46
C ILE C 63 -2.09 -15.93 -33.50
N PRO C 64 -1.44 -16.02 -34.66
CA PRO C 64 -0.10 -16.63 -34.69
C PRO C 64 0.85 -15.83 -33.81
N GLU C 65 1.88 -16.51 -33.31
CA GLU C 65 2.86 -15.86 -32.46
C GLU C 65 3.81 -14.97 -33.23
N THR C 66 3.86 -15.06 -34.56
CA THR C 66 4.74 -14.22 -35.35
C THR C 66 3.96 -13.60 -36.50
N ALA C 67 4.46 -12.45 -36.96
CA ALA C 67 3.87 -11.77 -38.10
C ALA C 67 4.10 -12.54 -39.39
N PRO C 68 3.22 -12.38 -40.37
CA PRO C 68 3.37 -13.13 -41.63
C PRO C 68 4.44 -12.52 -42.52
N TYR C 69 5.20 -13.40 -43.20
N TYR C 69 5.18 -13.40 -43.20
CA TYR C 69 6.18 -12.91 -44.17
CA TYR C 69 6.18 -12.95 -44.17
C TYR C 69 5.50 -12.32 -45.39
C TYR C 69 5.53 -12.35 -45.40
N LEU C 70 4.47 -12.98 -45.91
CA LEU C 70 3.73 -12.56 -47.10
C LEU C 70 2.45 -11.83 -46.74
N PRO C 71 1.92 -11.02 -47.67
CA PRO C 71 0.68 -10.28 -47.38
C PRO C 71 -0.51 -11.21 -47.23
N GLU C 72 -1.46 -10.78 -46.40
CA GLU C 72 -2.71 -11.49 -46.17
C GLU C 72 -3.88 -10.72 -46.79
N PRO C 73 -4.90 -11.42 -47.29
CA PRO C 73 -6.02 -10.73 -47.94
C PRO C 73 -6.92 -10.03 -46.91
N LEU C 74 -7.45 -8.88 -47.28
CA LEU C 74 -8.26 -8.10 -46.35
C LEU C 74 -9.49 -8.88 -45.88
N ASP C 75 -10.02 -9.77 -46.73
CA ASP C 75 -11.16 -10.58 -46.32
C ASP C 75 -10.84 -11.43 -45.10
N ASP C 76 -9.67 -12.05 -45.06
CA ASP C 76 -9.30 -12.85 -43.91
C ASP C 76 -9.21 -11.98 -42.66
N ILE C 77 -8.65 -10.78 -42.80
CA ILE C 77 -8.54 -9.87 -41.68
C ILE C 77 -9.93 -9.48 -41.17
N MET C 78 -10.83 -9.14 -42.09
CA MET C 78 -12.19 -8.78 -41.72
C MET C 78 -12.90 -9.91 -41.01
N LYS C 79 -12.75 -11.13 -41.53
CA LYS C 79 -13.35 -12.29 -40.87
C LYS C 79 -12.81 -12.40 -39.45
N ASP C 80 -11.50 -12.23 -39.29
CA ASP C 80 -10.91 -12.33 -37.96
C ASP C 80 -11.37 -11.19 -37.05
N ILE C 81 -11.68 -10.02 -37.61
CA ILE C 81 -12.19 -8.92 -36.80
C ILE C 81 -13.59 -9.22 -36.29
N GLN C 82 -14.47 -9.72 -37.17
CA GLN C 82 -15.79 -10.11 -36.70
C GLN C 82 -15.69 -11.26 -35.70
N LYS C 83 -14.84 -12.24 -35.98
CA LYS C 83 -14.90 -13.50 -35.25
C LYS C 83 -14.11 -13.45 -33.93
N ASP C 84 -13.03 -12.66 -33.87
CA ASP C 84 -12.12 -12.67 -32.73
C ASP C 84 -11.93 -11.32 -32.05
N ILE C 85 -12.13 -10.21 -32.76
CA ILE C 85 -11.87 -8.91 -32.15
C ILE C 85 -13.16 -8.36 -31.55
N ILE C 86 -14.17 -8.14 -32.38
CA ILE C 86 -15.39 -7.49 -31.88
C ILE C 86 -16.00 -8.27 -30.74
N PRO C 87 -16.12 -9.60 -30.78
CA PRO C 87 -16.64 -10.33 -29.61
C PRO C 87 -15.78 -10.15 -28.37
N GLY C 88 -14.53 -9.72 -28.53
CA GLY C 88 -13.65 -9.44 -27.43
C GLY C 88 -13.64 -8.00 -26.98
N MET C 89 -14.49 -7.17 -27.59
CA MET C 89 -14.60 -5.75 -27.27
C MET C 89 -15.67 -5.50 -26.22
N THR C 90 -15.43 -4.50 -25.38
CA THR C 90 -16.52 -3.89 -24.63
C THR C 90 -17.10 -2.80 -25.52
N ASN C 91 -18.40 -2.91 -25.81
CA ASN C 91 -19.07 -2.08 -26.81
C ASN C 91 -19.47 -0.74 -26.20
N TRP C 92 -18.51 0.19 -26.19
CA TRP C 92 -18.77 1.53 -25.67
C TRP C 92 -19.89 2.24 -26.44
N MET C 93 -20.11 1.88 -27.70
CA MET C 93 -21.11 2.55 -28.52
C MET C 93 -22.49 1.95 -28.36
N SER C 94 -22.64 0.93 -27.55
CA SER C 94 -23.92 0.28 -27.39
C SER C 94 -24.89 1.26 -26.71
N PRO C 95 -26.15 1.30 -27.15
CA PRO C 95 -27.15 2.09 -26.42
C PRO C 95 -27.38 1.60 -25.01
N ASN C 96 -26.81 0.46 -24.64
CA ASN C 96 -26.98 -0.10 -23.30
C ASN C 96 -25.71 0.01 -22.48
N PHE C 97 -24.78 0.88 -22.91
CA PHE C 97 -23.58 1.18 -22.16
C PHE C 97 -23.86 2.36 -21.22
N TYR C 98 -23.76 2.12 -19.91
CA TYR C 98 -23.96 3.17 -18.92
C TYR C 98 -22.82 3.22 -17.91
N ALA C 99 -21.69 2.62 -18.22
CA ALA C 99 -20.56 2.50 -17.31
C ALA C 99 -19.68 3.74 -17.40
N PHE C 100 -18.88 3.96 -16.37
CA PHE C 100 -17.97 5.11 -16.31
C PHE C 100 -18.65 6.39 -16.77
N PHE C 101 -18.13 7.00 -17.83
CA PHE C 101 -18.75 8.08 -18.58
C PHE C 101 -18.80 7.69 -20.05
N PRO C 102 -19.92 7.93 -20.73
CA PRO C 102 -19.99 7.62 -22.17
C PRO C 102 -19.01 8.45 -22.99
N ALA C 103 -18.62 7.93 -24.13
CA ALA C 103 -17.82 8.68 -25.10
C ALA C 103 -18.73 8.99 -26.28
N THR C 104 -19.26 10.21 -26.32
CA THR C 104 -20.28 10.59 -27.29
C THR C 104 -19.67 10.91 -28.64
N VAL C 105 -20.44 10.65 -29.70
CA VAL C 105 -19.92 10.73 -31.07
C VAL C 105 -20.94 11.42 -31.97
N SER C 106 -20.50 11.69 -33.20
CA SER C 106 -21.30 12.31 -34.24
C SER C 106 -20.62 12.09 -35.57
N SER C 107 -21.43 12.02 -36.63
CA SER C 107 -20.89 11.81 -37.97
C SER C 107 -20.02 12.98 -38.41
N ALA C 108 -20.36 14.21 -38.02
CA ALA C 108 -19.49 15.33 -38.34
C ALA C 108 -18.09 15.11 -37.79
N ALA C 109 -17.99 14.63 -36.56
CA ALA C 109 -16.71 14.41 -35.94
C ALA C 109 -15.96 13.26 -36.62
N PHE C 110 -16.69 12.23 -37.06
CA PHE C 110 -16.03 11.16 -37.79
C PHE C 110 -15.48 11.67 -39.11
N LEU C 111 -16.21 12.55 -39.79
CA LEU C 111 -15.70 13.17 -41.02
C LEU C 111 -14.44 13.99 -40.72
N GLY C 112 -14.45 14.71 -39.61
CA GLY C 112 -13.25 15.44 -39.23
C GLY C 112 -12.08 14.52 -38.96
N GLU C 113 -12.32 13.41 -38.26
CA GLU C 113 -11.24 12.46 -38.01
C GLU C 113 -10.69 11.92 -39.30
N MET C 114 -11.56 11.47 -40.21
CA MET C 114 -11.12 10.94 -41.48
C MET C 114 -10.26 11.96 -42.24
N LEU C 115 -10.78 13.17 -42.44
CA LEU C 115 -10.02 14.14 -43.22
C LEU C 115 -8.73 14.54 -42.52
N SER C 116 -8.81 14.77 -41.20
CA SER C 116 -7.64 15.14 -40.41
C SER C 116 -6.55 14.07 -40.49
N THR C 117 -6.95 12.80 -40.46
CA THR C 117 -5.99 11.71 -40.57
C THR C 117 -5.42 11.60 -41.98
N ALA C 118 -6.31 11.63 -42.98
CA ALA C 118 -5.86 11.53 -44.37
C ALA C 118 -4.86 12.62 -44.71
N LEU C 119 -5.10 13.85 -44.28
CA LEU C 119 -4.13 14.91 -44.53
C LEU C 119 -2.81 14.62 -43.83
N ASN C 120 -2.86 14.01 -42.65
CA ASN C 120 -1.68 13.50 -41.96
C ASN C 120 -0.56 14.55 -41.91
N SER C 121 -0.94 15.78 -41.61
CA SER C 121 0.03 16.84 -41.41
C SER C 121 0.48 16.83 -39.95
N VAL C 122 1.64 17.40 -39.71
CA VAL C 122 2.25 17.48 -38.39
C VAL C 122 2.35 18.96 -38.05
N GLY C 123 1.54 19.41 -37.09
CA GLY C 123 1.38 20.84 -36.86
C GLY C 123 2.18 21.40 -35.69
N PHE C 124 3.48 21.14 -35.65
CA PHE C 124 4.28 21.64 -34.54
C PHE C 124 4.54 23.14 -34.58
N THR C 125 4.49 23.77 -35.76
CA THR C 125 4.66 25.22 -35.88
C THR C 125 3.62 25.73 -36.85
N TRP C 126 3.35 27.04 -36.78
CA TRP C 126 2.46 27.65 -37.76
C TRP C 126 2.97 27.35 -39.16
N VAL C 127 4.29 27.41 -39.34
CA VAL C 127 4.87 27.17 -40.66
C VAL C 127 4.60 25.74 -41.10
N SER C 128 4.70 24.77 -40.18
CA SER C 128 4.49 23.38 -40.57
C SER C 128 3.03 23.08 -40.93
N SER C 129 2.14 24.08 -40.90
CA SER C 129 0.79 24.04 -41.48
C SER C 129 -0.04 25.19 -40.93
N PRO C 130 -0.11 26.31 -41.64
CA PRO C 130 -0.78 27.50 -41.07
C PRO C 130 -2.26 27.27 -40.77
N ALA C 131 -3.00 26.68 -41.70
CA ALA C 131 -4.44 26.51 -41.51
C ALA C 131 -4.74 25.74 -40.23
N ALA C 132 -3.99 24.67 -39.94
CA ALA C 132 -4.24 23.90 -38.74
C ALA C 132 -4.08 24.76 -37.50
N THR C 133 -2.97 25.50 -37.42
CA THR C 133 -2.68 26.31 -36.24
C THR C 133 -3.72 27.41 -36.09
N GLU C 134 -4.05 28.10 -37.18
CA GLU C 134 -4.98 29.21 -37.12
C GLU C 134 -6.39 28.74 -36.76
N LEU C 135 -6.84 27.64 -37.38
CA LEU C 135 -8.16 27.14 -37.06
C LEU C 135 -8.25 26.65 -35.62
N GLU C 136 -7.16 26.11 -35.08
CA GLU C 136 -7.22 25.74 -33.67
C GLU C 136 -7.41 26.98 -32.79
N MET C 137 -6.68 28.05 -33.09
CA MET C 137 -6.89 29.29 -32.34
C MET C 137 -8.34 29.74 -32.43
N ILE C 138 -8.88 29.75 -33.65
CA ILE C 138 -10.24 30.22 -33.87
C ILE C 138 -11.24 29.37 -33.11
N VAL C 139 -11.10 28.04 -33.20
CA VAL C 139 -12.05 27.14 -32.57
C VAL C 139 -11.98 27.23 -31.06
N MET C 140 -10.78 27.42 -30.51
CA MET C 140 -10.68 27.58 -29.07
C MET C 140 -11.36 28.86 -28.61
N ASP C 141 -11.28 29.93 -29.41
CA ASP C 141 -11.98 31.16 -29.03
C ASP C 141 -13.50 31.03 -29.21
N TRP C 142 -13.94 30.32 -30.26
CA TRP C 142 -15.35 29.97 -30.37
C TRP C 142 -15.84 29.29 -29.10
N LEU C 143 -15.14 28.21 -28.71
CA LEU C 143 -15.58 27.44 -27.56
C LEU C 143 -15.60 28.30 -26.31
N ALA C 144 -14.57 29.15 -26.15
CA ALA C 144 -14.55 30.05 -25.01
C ALA C 144 -15.79 30.95 -25.00
N GLN C 145 -16.18 31.47 -26.17
CA GLN C 145 -17.35 32.34 -26.21
C GLN C 145 -18.62 31.57 -25.87
N ILE C 146 -18.76 30.35 -26.38
CA ILE C 146 -19.93 29.53 -26.04
C ILE C 146 -19.97 29.29 -24.54
N LEU C 147 -18.81 28.96 -23.94
CA LEU C 147 -18.72 28.83 -22.50
C LEU C 147 -18.80 30.17 -21.77
N LYS C 148 -18.88 31.29 -22.51
CA LYS C 148 -18.91 32.60 -21.90
C LYS C 148 -17.70 32.79 -20.98
N LEU C 149 -16.54 32.42 -21.48
CA LEU C 149 -15.35 32.69 -20.70
C LEU C 149 -14.93 34.14 -20.89
N PRO C 150 -14.31 34.76 -19.90
CA PRO C 150 -13.85 36.14 -20.08
C PRO C 150 -12.78 36.20 -21.17
N LYS C 151 -12.62 37.39 -21.75
CA LYS C 151 -11.64 37.61 -22.80
C LYS C 151 -10.23 37.20 -22.37
N SER C 152 -10.00 37.04 -21.07
CA SER C 152 -8.70 36.65 -20.56
C SER C 152 -8.33 35.21 -20.90
N PHE C 153 -9.22 34.44 -21.53
CA PHE C 153 -8.91 33.09 -21.96
C PHE C 153 -8.83 32.97 -23.48
N MET C 154 -8.87 34.09 -24.20
CA MET C 154 -8.98 34.09 -25.65
C MET C 154 -7.74 34.69 -26.31
N PHE C 155 -7.42 34.16 -27.48
CA PHE C 155 -6.31 34.70 -28.26
C PHE C 155 -6.64 36.11 -28.71
N SER C 156 -7.89 36.34 -29.11
CA SER C 156 -8.35 37.69 -29.41
C SER C 156 -8.27 38.60 -28.20
N GLY C 157 -8.24 38.04 -27.00
CA GLY C 157 -7.99 38.79 -25.79
C GLY C 157 -6.55 38.64 -25.33
N THR C 158 -6.36 38.14 -24.11
CA THR C 158 -5.03 38.02 -23.53
C THR C 158 -4.65 36.63 -23.05
N GLY C 159 -5.51 35.64 -23.23
CA GLY C 159 -5.22 34.30 -22.76
C GLY C 159 -5.12 33.37 -23.96
N GLY C 160 -5.44 32.10 -23.79
CA GLY C 160 -5.43 31.23 -24.96
C GLY C 160 -5.87 29.83 -24.63
N GLY C 161 -5.85 28.98 -25.64
CA GLY C 161 -6.26 27.61 -25.44
C GLY C 161 -5.49 26.70 -26.38
N VAL C 162 -5.54 25.42 -26.06
CA VAL C 162 -4.95 24.39 -26.91
C VAL C 162 -5.77 23.11 -26.77
N ILE C 163 -5.89 22.38 -27.87
CA ILE C 163 -6.49 21.05 -27.85
C ILE C 163 -5.38 20.03 -27.56
N GLN C 164 -5.45 19.44 -26.38
CA GLN C 164 -4.61 18.33 -25.96
C GLN C 164 -5.37 17.02 -26.23
N ASN C 165 -4.73 15.89 -25.96
CA ASN C 165 -5.39 14.59 -26.14
C ASN C 165 -6.23 14.20 -24.93
N THR C 166 -5.73 14.45 -23.73
CA THR C 166 -6.35 13.93 -22.52
C THR C 166 -6.40 15.03 -21.48
N THR C 167 -7.20 14.78 -20.45
CA THR C 167 -7.19 15.66 -19.30
C THR C 167 -5.89 15.49 -18.52
N SER C 168 -5.38 14.27 -18.46
CA SER C 168 -4.16 14.02 -17.71
C SER C 168 -3.00 14.90 -18.19
N GLU C 169 -2.74 14.94 -19.50
N GLU C 169 -2.74 14.92 -19.50
CA GLU C 169 -1.59 15.74 -19.92
CA GLU C 169 -1.63 15.72 -19.99
C GLU C 169 -1.90 17.23 -19.81
C GLU C 169 -1.90 17.21 -19.80
N SER C 170 -3.16 17.64 -19.97
CA SER C 170 -3.50 19.04 -19.75
C SER C 170 -3.17 19.46 -18.32
N ILE C 171 -3.64 18.68 -17.35
CA ILE C 171 -3.41 18.98 -15.94
C ILE C 171 -1.92 18.92 -15.62
N LEU C 172 -1.21 17.90 -16.14
CA LEU C 172 0.22 17.85 -15.93
C LEU C 172 0.89 19.12 -16.42
N CYS C 173 0.48 19.61 -17.59
CA CYS C 173 1.06 20.83 -18.14
C CYS C 173 0.81 22.03 -17.23
N THR C 174 -0.43 22.19 -16.74
CA THR C 174 -0.65 23.36 -15.87
C THR C 174 0.10 23.22 -14.55
N ILE C 175 0.21 22.00 -14.02
CA ILE C 175 0.99 21.78 -12.80
C ILE C 175 2.44 22.15 -13.02
N ILE C 176 2.97 21.81 -14.19
CA ILE C 176 4.35 22.17 -14.47
C ILE C 176 4.48 23.68 -14.62
N ALA C 177 3.47 24.33 -15.20
CA ALA C 177 3.47 25.80 -15.27
C ALA C 177 3.58 26.43 -13.89
N ALA C 178 2.74 25.98 -12.96
CA ALA C 178 2.78 26.50 -11.60
C ALA C 178 4.12 26.19 -10.92
N ARG C 179 4.57 24.94 -11.04
CA ARG C 179 5.86 24.54 -10.47
C ARG C 179 6.97 25.43 -10.98
N GLU C 180 6.99 25.69 -12.29
CA GLU C 180 8.08 26.49 -12.85
C GLU C 180 7.99 27.94 -12.41
N ARG C 181 6.79 28.50 -12.26
CA ARG C 181 6.70 29.85 -11.72
C ARG C 181 7.36 29.90 -10.34
N ALA C 182 6.98 28.96 -9.48
CA ALA C 182 7.57 28.89 -8.14
C ALA C 182 9.09 28.70 -8.19
N LEU C 183 9.58 27.75 -9.01
CA LEU C 183 11.01 27.44 -9.02
C LEU C 183 11.82 28.61 -9.52
N GLU C 184 11.30 29.34 -10.52
CA GLU C 184 12.05 30.50 -10.97
C GLU C 184 12.07 31.58 -9.91
N LYS C 185 11.00 31.70 -9.12
CA LYS C 185 11.00 32.69 -8.05
C LYS C 185 11.94 32.29 -6.90
N LEU C 186 11.91 31.04 -6.50
CA LEU C 186 12.60 30.58 -5.29
C LEU C 186 13.83 29.72 -5.52
N GLY C 187 14.06 29.22 -6.74
CA GLY C 187 15.15 28.31 -6.97
C GLY C 187 14.71 26.85 -6.99
N PRO C 188 15.46 26.01 -7.70
CA PRO C 188 15.03 24.60 -7.87
C PRO C 188 14.88 23.84 -6.56
N ASP C 189 15.69 24.16 -5.56
CA ASP C 189 15.64 23.44 -4.30
C ASP C 189 14.35 23.69 -3.53
N SER C 190 13.50 24.57 -4.02
CA SER C 190 12.21 24.75 -3.36
C SER C 190 11.21 23.68 -3.75
N ILE C 191 11.57 22.74 -4.63
CA ILE C 191 10.57 21.75 -5.01
C ILE C 191 10.04 21.02 -3.77
N GLY C 192 10.87 20.86 -2.74
CA GLY C 192 10.43 20.14 -1.56
C GLY C 192 9.44 20.88 -0.69
N LYS C 193 9.17 22.16 -0.99
CA LYS C 193 8.18 22.94 -0.26
C LYS C 193 6.83 23.03 -0.97
N LEU C 194 6.76 22.66 -2.24
CA LEU C 194 5.57 22.92 -3.05
C LEU C 194 4.46 21.90 -2.76
N VAL C 195 3.27 22.39 -2.39
CA VAL C 195 2.15 21.55 -1.99
C VAL C 195 1.03 21.67 -3.01
N CYS C 196 0.49 20.53 -3.42
CA CYS C 196 -0.63 20.47 -4.34
C CYS C 196 -1.85 19.92 -3.61
N TYR C 197 -3.02 20.45 -3.94
CA TYR C 197 -4.28 20.14 -3.27
C TYR C 197 -5.30 19.67 -4.29
N GLY C 198 -6.00 18.60 -3.97
CA GLY C 198 -7.10 18.14 -4.82
C GLY C 198 -8.14 17.51 -3.93
N SER C 199 -9.38 17.45 -4.41
CA SER C 199 -10.41 16.75 -3.66
C SER C 199 -10.03 15.27 -3.51
N ASP C 200 -10.42 14.68 -2.37
CA ASP C 200 -10.22 13.24 -2.23
C ASP C 200 -11.13 12.44 -3.14
N GLN C 201 -12.05 13.09 -3.83
CA GLN C 201 -12.86 12.47 -4.87
C GLN C 201 -12.18 12.60 -6.21
N THR C 202 -11.11 13.36 -6.25
CA THR C 202 -10.35 13.51 -7.47
C THR C 202 -9.88 12.15 -7.94
N HIS C 203 -10.06 11.89 -9.23
CA HIS C 203 -9.71 10.60 -9.81
C HIS C 203 -8.27 10.27 -9.43
N THR C 204 -7.89 8.99 -9.47
CA THR C 204 -6.50 8.63 -9.23
C THR C 204 -5.55 9.48 -10.07
N MET C 205 -6.06 10.04 -11.16
CA MET C 205 -5.27 10.84 -12.08
C MET C 205 -4.53 11.99 -11.40
N PHE C 206 -5.16 12.66 -10.42
CA PHE C 206 -4.55 13.89 -9.90
C PHE C 206 -3.25 13.62 -9.14
N PRO C 207 -3.23 12.73 -8.15
CA PRO C 207 -1.96 12.45 -7.46
C PRO C 207 -0.90 11.88 -8.41
N LYS C 208 -1.29 11.00 -9.33
CA LYS C 208 -0.34 10.50 -10.32
C LYS C 208 0.29 11.64 -11.11
N THR C 209 -0.53 12.57 -11.60
CA THR C 209 -0.04 13.73 -12.31
C THR C 209 0.93 14.52 -11.45
N CYS C 210 0.58 14.75 -10.19
CA CYS C 210 1.49 15.47 -9.32
C CYS C 210 2.83 14.75 -9.24
N LYS C 211 2.81 13.42 -9.10
CA LYS C 211 4.06 12.66 -8.98
C LYS C 211 4.91 12.83 -10.24
N LEU C 212 4.27 12.78 -11.41
CA LEU C 212 4.99 12.95 -12.65
C LEU C 212 5.75 14.26 -12.68
N ALA C 213 5.15 15.31 -12.13
CA ALA C 213 5.71 16.66 -12.13
C ALA C 213 6.79 16.83 -11.08
N GLY C 214 7.02 15.83 -10.23
CA GLY C 214 8.06 15.90 -9.24
C GLY C 214 7.65 16.41 -7.89
N ILE C 215 6.35 16.59 -7.63
CA ILE C 215 5.90 16.96 -6.30
C ILE C 215 6.22 15.82 -5.33
N TYR C 216 6.86 16.14 -4.22
CA TYR C 216 7.19 15.09 -3.26
C TYR C 216 5.95 14.32 -2.84
N PRO C 217 6.11 13.01 -2.57
CA PRO C 217 4.95 12.18 -2.20
C PRO C 217 4.09 12.75 -1.08
N ASN C 218 4.71 13.30 -0.05
CA ASN C 218 4.00 13.84 1.10
C ASN C 218 3.42 15.23 0.85
N ASN C 219 3.70 15.83 -0.31
CA ASN C 219 3.18 17.15 -0.65
C ASN C 219 2.01 17.07 -1.62
N ILE C 220 1.40 15.91 -1.74
CA ILE C 220 0.18 15.70 -2.51
C ILE C 220 -0.95 15.54 -1.49
N ARG C 221 -1.85 16.52 -1.41
CA ARG C 221 -2.83 16.57 -0.33
C ARG C 221 -4.23 16.40 -0.90
N LEU C 222 -4.91 15.34 -0.45
CA LEU C 222 -6.30 15.10 -0.80
C LEU C 222 -7.19 15.67 0.30
N ILE C 223 -8.05 16.60 -0.09
CA ILE C 223 -8.97 17.33 0.78
C ILE C 223 -10.10 16.40 1.18
N PRO C 224 -10.25 16.09 2.46
CA PRO C 224 -11.36 15.23 2.88
C PRO C 224 -12.71 15.90 2.65
N THR C 225 -13.66 15.12 2.13
CA THR C 225 -14.99 15.59 1.84
C THR C 225 -15.98 14.61 2.47
N THR C 226 -17.19 15.11 2.73
CA THR C 226 -18.22 14.37 3.44
C THR C 226 -19.52 14.42 2.65
N VAL C 227 -20.46 13.54 3.04
CA VAL C 227 -21.81 13.63 2.47
C VAL C 227 -22.46 14.97 2.77
N GLU C 228 -21.99 15.67 3.81
CA GLU C 228 -22.61 16.93 4.19
C GLU C 228 -22.43 17.99 3.11
N THR C 229 -21.38 17.89 2.28
CA THR C 229 -21.19 18.82 1.17
C THR C 229 -21.46 18.16 -0.18
N ASP C 230 -22.18 17.05 -0.21
CA ASP C 230 -22.34 16.27 -1.44
C ASP C 230 -20.98 15.89 -2.02
N PHE C 231 -20.00 15.65 -1.14
CA PHE C 231 -18.65 15.23 -1.52
C PHE C 231 -17.98 16.27 -2.42
N GLY C 232 -18.39 17.52 -2.27
CA GLY C 232 -17.64 18.62 -2.82
C GLY C 232 -16.71 19.21 -1.80
N ILE C 233 -15.66 19.87 -2.28
CA ILE C 233 -14.67 20.45 -1.40
C ILE C 233 -15.32 21.55 -0.58
N SER C 234 -15.13 21.50 0.73
CA SER C 234 -15.57 22.58 1.60
C SER C 234 -14.51 23.68 1.63
N PRO C 235 -14.84 24.91 1.26
CA PRO C 235 -13.81 25.97 1.27
C PRO C 235 -13.13 26.12 2.62
N GLN C 236 -13.89 26.06 3.71
CA GLN C 236 -13.27 26.16 5.02
C GLN C 236 -12.21 25.08 5.22
N VAL C 237 -12.49 23.86 4.76
CA VAL C 237 -11.53 22.77 4.89
C VAL C 237 -10.23 23.10 4.17
N LEU C 238 -10.34 23.52 2.91
CA LEU C 238 -9.14 23.86 2.16
C LEU C 238 -8.40 25.02 2.79
N ARG C 239 -9.13 26.03 3.30
CA ARG C 239 -8.45 27.18 3.91
C ARG C 239 -7.65 26.74 5.13
N LYS C 240 -8.24 25.89 5.98
CA LYS C 240 -7.48 25.39 7.11
C LYS C 240 -6.21 24.64 6.68
N MET C 241 -6.33 23.79 5.66
CA MET C 241 -5.15 23.06 5.19
C MET C 241 -4.08 24.01 4.67
N VAL C 242 -4.48 24.97 3.83
CA VAL C 242 -3.53 25.91 3.23
C VAL C 242 -2.85 26.74 4.32
N GLU C 243 -3.62 27.17 5.32
CA GLU C 243 -3.06 28.03 6.35
C GLU C 243 -2.11 27.26 7.25
N ASP C 244 -2.43 26.00 7.53
CA ASP C 244 -1.49 25.18 8.29
C ASP C 244 -0.20 24.98 7.52
N ASP C 245 -0.29 24.77 6.19
CA ASP C 245 0.93 24.57 5.42
C ASP C 245 1.76 25.84 5.36
N VAL C 246 1.12 27.00 5.18
CA VAL C 246 1.88 28.24 5.17
C VAL C 246 2.55 28.47 6.52
N ALA C 247 1.83 28.17 7.61
CA ALA C 247 2.43 28.30 8.93
C ALA C 247 3.61 27.36 9.12
N ALA C 248 3.56 26.18 8.51
CA ALA C 248 4.66 25.21 8.63
C ALA C 248 5.80 25.49 7.64
N GLY C 249 5.72 26.55 6.85
CA GLY C 249 6.78 26.89 5.95
C GLY C 249 6.63 26.34 4.55
N TYR C 250 5.56 25.59 4.27
CA TYR C 250 5.38 25.08 2.93
C TYR C 250 4.86 26.18 2.01
N VAL C 251 4.90 25.90 0.71
CA VAL C 251 4.49 26.82 -0.33
C VAL C 251 3.29 26.21 -1.05
N PRO C 252 2.07 26.71 -0.80
CA PRO C 252 0.92 26.22 -1.55
C PRO C 252 1.06 26.59 -3.02
N LEU C 253 0.90 25.61 -3.90
CA LEU C 253 1.31 25.78 -5.28
C LEU C 253 0.17 25.63 -6.28
N PHE C 254 -0.64 24.60 -6.11
CA PHE C 254 -1.57 24.18 -7.13
C PHE C 254 -2.80 23.55 -6.48
N LEU C 255 -3.97 23.87 -7.02
CA LEU C 255 -5.26 23.34 -6.56
C LEU C 255 -6.02 22.85 -7.78
N CYS C 256 -6.48 21.60 -7.73
CA CYS C 256 -7.34 21.05 -8.77
C CYS C 256 -8.76 21.03 -8.23
N ALA C 257 -9.60 21.92 -8.74
CA ALA C 257 -11.02 21.93 -8.42
C ALA C 257 -11.76 21.15 -9.50
N THR C 258 -12.52 20.14 -9.10
CA THR C 258 -13.16 19.25 -10.05
C THR C 258 -14.63 19.60 -10.19
N LEU C 259 -15.05 19.79 -11.43
CA LEU C 259 -16.44 20.03 -11.79
C LEU C 259 -16.96 18.73 -12.38
N GLY C 260 -17.52 17.87 -11.52
CA GLY C 260 -18.04 16.59 -11.95
C GLY C 260 -17.11 15.42 -11.72
N THR C 261 -16.97 15.00 -10.47
CA THR C 261 -16.10 13.88 -10.15
C THR C 261 -16.56 12.62 -10.86
N THR C 262 -15.62 11.70 -11.09
CA THR C 262 -15.91 10.50 -11.86
C THR C 262 -16.86 9.56 -11.13
N SER C 263 -16.75 9.48 -9.80
CA SER C 263 -17.63 8.57 -9.07
C SER C 263 -19.08 9.04 -9.09
N THR C 264 -19.33 10.22 -8.55
CA THR C 264 -20.70 10.69 -8.34
C THR C 264 -20.98 12.05 -8.99
N THR C 265 -20.07 12.56 -9.82
CA THR C 265 -20.18 13.89 -10.40
C THR C 265 -20.48 14.95 -9.35
N ALA C 266 -19.85 14.82 -8.19
CA ALA C 266 -19.77 15.95 -7.27
C ALA C 266 -19.14 17.14 -7.98
N THR C 267 -19.38 18.32 -7.42
CA THR C 267 -18.91 19.57 -8.02
C THR C 267 -18.23 20.42 -6.96
N ASP C 268 -16.97 20.74 -7.16
CA ASP C 268 -16.34 21.65 -6.23
C ASP C 268 -16.74 23.10 -6.54
N PRO C 269 -16.90 23.94 -5.51
CA PRO C 269 -17.37 25.32 -5.73
C PRO C 269 -16.25 26.20 -6.28
N VAL C 270 -16.35 26.53 -7.57
CA VAL C 270 -15.32 27.32 -8.24
C VAL C 270 -15.20 28.73 -7.64
N ASP C 271 -16.32 29.39 -7.34
CA ASP C 271 -16.24 30.80 -6.95
C ASP C 271 -15.45 30.98 -5.66
N SER C 272 -15.79 30.19 -4.63
CA SER C 272 -15.09 30.32 -3.36
C SER C 272 -13.67 29.74 -3.40
N LEU C 273 -13.49 28.58 -4.06
CA LEU C 273 -12.15 28.01 -4.12
C LEU C 273 -11.21 28.94 -4.88
N SER C 274 -11.70 29.56 -5.96
CA SER C 274 -10.85 30.47 -6.72
C SER C 274 -10.51 31.70 -5.90
N GLU C 275 -11.45 32.16 -5.08
N GLU C 275 -11.43 32.17 -5.06
CA GLU C 275 -11.11 33.26 -4.18
CA GLU C 275 -11.10 33.27 -4.18
C GLU C 275 -9.96 32.89 -3.25
C GLU C 275 -9.96 32.89 -3.24
N ILE C 276 -10.01 31.68 -2.68
CA ILE C 276 -8.91 31.23 -1.82
C ILE C 276 -7.61 31.10 -2.62
N ALA C 277 -7.69 30.53 -3.82
CA ALA C 277 -6.50 30.39 -4.64
C ALA C 277 -5.87 31.76 -4.88
N ASN C 278 -6.67 32.74 -5.30
CA ASN C 278 -6.18 34.09 -5.50
C ASN C 278 -5.55 34.63 -4.22
N GLU C 279 -6.18 34.38 -3.07
CA GLU C 279 -5.64 34.92 -1.82
C GLU C 279 -4.25 34.35 -1.52
N PHE C 280 -4.03 33.06 -1.75
CA PHE C 280 -2.77 32.46 -1.31
C PHE C 280 -1.80 32.22 -2.45
N GLY C 281 -2.00 32.84 -3.61
CA GLY C 281 -1.07 32.60 -4.69
C GLY C 281 -1.08 31.19 -5.23
N ILE C 282 -2.18 30.47 -5.04
CA ILE C 282 -2.30 29.08 -5.50
C ILE C 282 -2.80 29.08 -6.94
N TRP C 283 -2.12 28.32 -7.80
CA TRP C 283 -2.64 28.14 -9.16
C TRP C 283 -3.87 27.25 -9.09
N ILE C 284 -5.03 27.74 -9.52
CA ILE C 284 -6.24 26.93 -9.51
C ILE C 284 -6.58 26.51 -10.92
N HIS C 285 -6.78 25.21 -11.09
CA HIS C 285 -7.19 24.62 -12.36
C HIS C 285 -8.55 23.98 -12.17
N VAL C 286 -9.46 24.24 -13.10
CA VAL C 286 -10.80 23.65 -13.07
C VAL C 286 -10.80 22.47 -14.04
N ASP C 287 -10.89 21.27 -13.47
CA ASP C 287 -11.04 20.04 -14.26
C ASP C 287 -12.52 19.77 -14.50
N ALA C 288 -12.99 20.09 -15.70
CA ALA C 288 -14.36 19.79 -16.07
C ALA C 288 -14.39 18.83 -17.25
N ALA C 289 -13.65 17.73 -17.13
CA ALA C 289 -13.53 16.77 -18.23
C ALA C 289 -14.89 16.39 -18.79
N TYR C 290 -15.82 16.01 -17.91
CA TYR C 290 -17.15 15.56 -18.31
C TYR C 290 -18.16 16.70 -18.27
N ALA C 291 -18.39 17.26 -17.08
CA ALA C 291 -19.50 18.20 -16.91
C ALA C 291 -19.25 19.54 -17.58
N GLY C 292 -18.01 19.90 -17.87
CA GLY C 292 -17.74 21.18 -18.51
C GLY C 292 -18.56 21.39 -19.76
N SER C 293 -18.79 20.33 -20.53
CA SER C 293 -19.55 20.46 -21.76
C SER C 293 -20.96 20.99 -21.48
N ALA C 294 -21.57 20.54 -20.38
CA ALA C 294 -22.92 21.01 -20.05
C ALA C 294 -22.94 22.51 -19.83
N CYS C 295 -21.81 23.10 -19.45
CA CYS C 295 -21.78 24.53 -19.21
C CYS C 295 -22.02 25.34 -20.47
N ILE C 296 -22.23 24.72 -21.64
CA ILE C 296 -22.74 25.52 -22.75
C ILE C 296 -24.20 25.90 -22.58
N CYS C 297 -24.93 25.29 -21.60
CA CYS C 297 -26.32 25.68 -21.39
C CYS C 297 -26.42 26.69 -20.25
N PRO C 298 -27.12 27.80 -20.44
CA PRO C 298 -27.21 28.80 -19.35
C PRO C 298 -27.69 28.23 -18.03
N GLU C 299 -28.56 27.21 -18.04
CA GLU C 299 -28.98 26.65 -16.77
C GLU C 299 -27.87 25.88 -16.05
N PHE C 300 -26.74 25.59 -16.71
CA PHE C 300 -25.60 25.03 -16.02
C PHE C 300 -24.43 26.00 -15.86
N ARG C 301 -24.50 27.16 -16.50
CA ARG C 301 -23.33 28.05 -16.55
C ARG C 301 -22.92 28.56 -15.17
N HIS C 302 -23.82 28.51 -14.18
CA HIS C 302 -23.47 28.99 -12.85
C HIS C 302 -22.30 28.21 -12.29
N TYR C 303 -22.10 26.98 -12.76
CA TYR C 303 -20.98 26.21 -12.24
C TYR C 303 -19.64 26.85 -12.53
N LEU C 304 -19.55 27.69 -13.58
CA LEU C 304 -18.31 28.38 -13.89
C LEU C 304 -18.27 29.81 -13.35
N ASP C 305 -19.22 30.19 -12.49
CA ASP C 305 -19.18 31.50 -11.84
C ASP C 305 -17.88 31.63 -11.07
N GLY C 306 -17.22 32.78 -11.19
CA GLY C 306 -15.90 32.96 -10.62
C GLY C 306 -14.78 32.51 -11.53
N ILE C 307 -15.10 31.98 -12.70
CA ILE C 307 -14.08 31.49 -13.62
C ILE C 307 -13.09 32.61 -13.96
N GLU C 308 -13.50 33.86 -13.80
CA GLU C 308 -12.59 34.97 -14.09
C GLU C 308 -11.40 34.99 -13.15
N ARG C 309 -11.51 34.38 -11.97
CA ARG C 309 -10.40 34.30 -11.04
C ARG C 309 -9.53 33.08 -11.29
N VAL C 310 -9.90 32.23 -12.22
CA VAL C 310 -9.29 30.91 -12.37
C VAL C 310 -8.04 30.98 -13.24
N ASP C 311 -7.07 30.11 -12.92
CA ASP C 311 -5.81 30.07 -13.66
C ASP C 311 -5.89 29.19 -14.90
N SER C 312 -6.53 28.02 -14.84
CA SER C 312 -6.68 27.24 -16.05
C SER C 312 -7.97 26.44 -15.99
N LEU C 313 -8.46 26.02 -17.16
CA LEU C 313 -9.71 25.27 -17.24
C LEU C 313 -9.61 24.19 -18.30
N SER C 314 -10.17 23.01 -18.03
CA SER C 314 -10.16 21.94 -19.04
C SER C 314 -11.50 21.20 -19.08
N LEU C 315 -11.87 20.78 -20.29
CA LEU C 315 -13.02 19.90 -20.48
C LEU C 315 -12.77 19.04 -21.72
N SER C 316 -13.35 17.84 -21.76
CA SER C 316 -13.10 16.90 -22.84
C SER C 316 -14.28 16.76 -23.79
N PRO C 317 -14.26 17.41 -24.94
CA PRO C 317 -15.26 17.10 -25.97
C PRO C 317 -15.41 15.61 -26.23
N HIS C 318 -14.37 14.80 -26.09
CA HIS C 318 -14.46 13.37 -26.45
C HIS C 318 -15.25 12.59 -25.42
N1 LLP C 319 -10.86 13.58 -14.55
C2 LLP C 319 -12.18 13.61 -14.78
C2' LLP C 319 -13.09 14.53 -13.89
C3 LLP C 319 -12.74 12.81 -15.81
O3 LLP C 319 -14.12 12.82 -16.07
C4 LLP C 319 -11.93 12.03 -16.59
C4' LLP C 319 -12.53 11.10 -17.76
C5 LLP C 319 -10.60 11.99 -16.36
C6 LLP C 319 -10.05 12.77 -15.34
C5' LLP C 319 -9.71 11.05 -17.24
OP4 LLP C 319 -8.79 11.88 -17.91
P LLP C 319 -7.71 11.28 -18.85
OP1 LLP C 319 -6.38 11.60 -18.19
OP2 LLP C 319 -7.92 9.83 -19.03
OP3 LLP C 319 -7.74 11.96 -20.18
N LLP C 319 -15.77 13.30 -24.43
CA LLP C 319 -16.76 12.75 -23.50
CB LLP C 319 -16.40 13.19 -22.10
CG LLP C 319 -15.26 12.30 -21.62
CD LLP C 319 -15.07 12.46 -20.10
CE LLP C 319 -13.83 11.66 -19.67
NZ LLP C 319 -13.80 11.60 -18.20
C LLP C 319 -18.14 13.17 -23.89
O LLP C 319 -18.86 12.46 -24.56
N TRP C 320 -18.54 14.37 -23.48
CA TRP C 320 -19.95 14.75 -23.62
C TRP C 320 -20.26 15.70 -24.79
N LEU C 321 -19.35 15.82 -25.76
CA LEU C 321 -19.54 16.76 -26.87
C LEU C 321 -19.22 16.07 -28.21
N LEU C 322 -19.72 14.85 -28.37
CA LEU C 322 -19.88 14.20 -29.67
C LEU C 322 -18.57 14.04 -30.41
N ALA C 323 -17.44 14.25 -29.74
CA ALA C 323 -16.15 14.08 -30.35
C ALA C 323 -15.67 12.65 -30.14
N TYR C 324 -14.97 12.13 -31.12
CA TYR C 324 -14.33 10.87 -30.79
C TYR C 324 -13.11 11.15 -29.93
N LEU C 325 -12.57 10.10 -29.32
CA LEU C 325 -11.21 10.15 -28.81
C LEU C 325 -10.24 10.38 -29.96
N ASP C 326 -9.21 11.21 -29.73
CA ASP C 326 -9.01 11.97 -28.49
C ASP C 326 -9.47 13.40 -28.70
N CYS C 327 -9.83 14.10 -27.62
CA CYS C 327 -10.11 15.53 -27.72
C CYS C 327 -10.32 16.16 -26.35
N THR C 328 -9.34 16.94 -25.88
CA THR C 328 -9.45 17.64 -24.62
C THR C 328 -9.10 19.10 -24.86
N CYS C 329 -9.93 20.00 -24.35
CA CYS C 329 -9.70 21.43 -24.49
C CYS C 329 -9.15 21.98 -23.19
N LEU C 330 -8.13 22.83 -23.30
CA LEU C 330 -7.50 23.50 -22.17
C LEU C 330 -7.40 24.99 -22.48
N TRP C 331 -7.97 25.83 -21.61
CA TRP C 331 -7.81 27.28 -21.66
C TRP C 331 -6.93 27.72 -20.50
N VAL C 332 -6.13 28.75 -20.77
CA VAL C 332 -5.13 29.25 -19.84
C VAL C 332 -5.21 30.77 -19.82
N LYS C 333 -5.20 31.33 -18.61
CA LYS C 333 -5.31 32.78 -18.49
C LYS C 333 -4.00 33.47 -18.76
N GLN C 334 -2.88 32.85 -18.38
CA GLN C 334 -1.57 33.42 -18.57
C GLN C 334 -0.72 32.44 -19.37
N PRO C 335 -0.89 32.44 -20.70
CA PRO C 335 -0.09 31.52 -21.54
C PRO C 335 1.40 31.62 -21.32
N HIS C 336 1.92 32.83 -21.09
CA HIS C 336 3.37 32.97 -21.00
C HIS C 336 3.94 32.09 -19.90
N LEU C 337 3.17 31.83 -18.84
CA LEU C 337 3.66 30.95 -17.78
C LEU C 337 3.76 29.50 -18.29
N LEU C 338 2.79 29.08 -19.09
CA LEU C 338 2.86 27.77 -19.72
C LEU C 338 4.06 27.68 -20.65
N LEU C 339 4.24 28.68 -21.51
CA LEU C 339 5.32 28.68 -22.48
C LEU C 339 6.69 28.64 -21.81
N ARG C 340 6.92 29.50 -20.80
CA ARG C 340 8.20 29.42 -20.08
C ARG C 340 8.39 28.03 -19.52
N ALA C 341 7.34 27.47 -18.93
CA ALA C 341 7.48 26.18 -18.27
C ALA C 341 7.84 25.06 -19.26
N LEU C 342 7.33 25.14 -20.49
CA LEU C 342 7.45 24.03 -21.42
C LEU C 342 8.59 24.22 -22.41
N THR C 343 9.60 25.01 -22.04
CA THR C 343 10.76 25.21 -22.91
C THR C 343 11.98 25.41 -22.03
N THR C 344 13.15 25.07 -22.58
CA THR C 344 14.39 25.26 -21.85
C THR C 344 15.14 26.51 -22.28
N ASN C 345 14.75 27.11 -23.41
CA ASN C 345 15.41 28.31 -23.92
C ASN C 345 14.94 29.57 -23.18
N ASP C 357 1.72 37.44 -30.14
CA ASP C 357 1.96 37.41 -31.58
C ASP C 357 0.64 37.45 -32.36
N LYS C 358 0.75 37.38 -33.68
CA LYS C 358 -0.41 37.14 -34.52
C LYS C 358 -0.79 35.66 -34.54
N VAL C 359 0.14 34.78 -34.17
CA VAL C 359 0.05 33.36 -34.49
C VAL C 359 1.07 32.60 -33.64
N VAL C 360 0.76 31.35 -33.27
CA VAL C 360 1.58 30.57 -32.35
C VAL C 360 2.06 29.26 -33.00
N ASP C 361 3.03 28.62 -32.34
CA ASP C 361 3.49 27.27 -32.66
C ASP C 361 3.05 26.36 -31.52
N PHE C 362 2.08 25.48 -31.79
CA PHE C 362 1.46 24.75 -30.68
C PHE C 362 2.39 23.73 -30.03
N LYS C 363 3.52 23.39 -30.65
CA LYS C 363 4.49 22.55 -29.95
C LYS C 363 4.88 23.15 -28.60
N ASN C 364 4.83 24.46 -28.47
CA ASN C 364 5.21 25.12 -27.23
C ASN C 364 4.17 24.98 -26.14
N TRP C 365 2.98 24.49 -26.49
CA TRP C 365 1.84 24.41 -25.58
C TRP C 365 1.55 23.00 -25.10
N GLN C 366 2.44 22.04 -25.39
CA GLN C 366 2.17 20.64 -25.16
C GLN C 366 3.46 19.91 -24.85
N ILE C 367 3.32 18.63 -24.51
CA ILE C 367 4.46 17.84 -24.08
C ILE C 367 5.36 17.53 -25.27
N ALA C 368 4.76 17.06 -26.37
CA ALA C 368 5.53 16.57 -27.50
C ALA C 368 5.66 17.66 -28.56
N THR C 369 6.30 17.31 -29.67
CA THR C 369 6.43 18.19 -30.82
C THR C 369 5.29 18.02 -31.81
N GLY C 370 5.10 16.78 -32.32
CA GLY C 370 4.11 16.55 -33.34
C GLY C 370 2.68 16.67 -32.83
N ARG C 371 1.77 16.88 -33.77
CA ARG C 371 0.35 17.06 -33.51
C ARG C 371 -0.41 16.70 -34.77
N LYS C 372 -1.56 16.03 -34.61
CA LYS C 372 -2.48 15.91 -35.72
C LYS C 372 -3.22 17.24 -35.93
N PHE C 373 -4.05 17.28 -36.95
CA PHE C 373 -4.91 18.43 -37.21
C PHE C 373 -6.16 18.33 -36.32
N ARG C 374 -5.95 18.56 -35.02
CA ARG C 374 -6.95 18.21 -34.02
C ARG C 374 -8.21 19.06 -34.11
N SER C 375 -8.07 20.33 -34.50
CA SER C 375 -9.20 21.26 -34.38
C SER C 375 -10.23 21.07 -35.48
N LEU C 376 -9.87 20.36 -36.56
CA LEU C 376 -10.78 20.23 -37.69
C LEU C 376 -12.10 19.60 -37.27
N LYS C 377 -12.05 18.50 -36.52
CA LYS C 377 -13.29 17.82 -36.20
C LYS C 377 -14.18 18.66 -35.29
N LEU C 378 -13.58 19.45 -34.38
CA LEU C 378 -14.35 20.36 -33.54
C LEU C 378 -15.03 21.43 -34.38
N TRP C 379 -14.26 22.07 -35.26
CA TRP C 379 -14.83 23.02 -36.20
C TRP C 379 -16.02 22.41 -36.94
N LEU C 380 -15.85 21.19 -37.44
CA LEU C 380 -16.94 20.54 -38.17
C LEU C 380 -18.13 20.27 -37.27
N ILE C 381 -17.90 19.95 -35.99
CA ILE C 381 -19.02 19.72 -35.08
C ILE C 381 -19.82 20.99 -34.90
N LEU C 382 -19.12 22.06 -34.51
CA LEU C 382 -19.78 23.34 -34.32
C LEU C 382 -20.54 23.74 -35.58
N ARG C 383 -19.87 23.72 -36.73
CA ARG C 383 -20.57 24.21 -37.94
C ARG C 383 -21.74 23.30 -38.29
N SER C 384 -21.56 21.98 -38.18
CA SER C 384 -22.60 21.06 -38.63
C SER C 384 -23.82 21.06 -37.72
N TYR C 385 -23.66 21.35 -36.43
CA TYR C 385 -24.79 21.18 -35.53
C TYR C 385 -25.31 22.47 -34.94
N GLY C 386 -24.46 23.47 -34.70
CA GLY C 386 -24.95 24.68 -34.08
C GLY C 386 -24.99 24.62 -32.56
N VAL C 387 -24.78 25.79 -31.95
CA VAL C 387 -24.85 25.89 -30.51
C VAL C 387 -26.19 25.38 -29.98
N VAL C 388 -27.29 25.72 -30.67
CA VAL C 388 -28.62 25.32 -30.18
C VAL C 388 -28.75 23.79 -30.16
N ASN C 389 -28.33 23.11 -31.23
CA ASN C 389 -28.41 21.66 -31.23
C ASN C 389 -27.48 21.02 -30.19
N LEU C 390 -26.29 21.58 -29.99
CA LEU C 390 -25.43 21.01 -28.94
C LEU C 390 -26.09 21.15 -27.57
N GLN C 391 -26.67 22.31 -27.31
CA GLN C 391 -27.43 22.50 -26.08
C GLN C 391 -28.57 21.49 -25.99
N SER C 392 -29.27 21.29 -27.11
CA SER C 392 -30.34 20.29 -27.19
C SER C 392 -29.84 18.93 -26.74
N HIS C 393 -28.64 18.56 -27.18
CA HIS C 393 -28.08 17.24 -26.89
C HIS C 393 -27.78 17.09 -25.41
N ILE C 394 -27.07 18.07 -24.84
CA ILE C 394 -26.84 18.06 -23.40
C ILE C 394 -28.15 17.89 -22.66
N ARG C 395 -29.14 18.75 -22.98
CA ARG C 395 -30.40 18.74 -22.25
C ARG C 395 -31.15 17.44 -22.43
N SER C 396 -31.01 16.78 -23.58
CA SER C 396 -31.71 15.53 -23.79
C SER C 396 -31.15 14.44 -22.90
N ASP C 397 -29.82 14.34 -22.81
CA ASP C 397 -29.24 13.35 -21.91
C ASP C 397 -29.59 13.67 -20.46
N VAL C 398 -29.58 14.95 -20.10
CA VAL C 398 -29.94 15.34 -18.74
C VAL C 398 -31.37 14.94 -18.42
N ALA C 399 -32.30 15.16 -19.36
CA ALA C 399 -33.70 14.82 -19.12
C ALA C 399 -33.89 13.32 -19.01
N MET C 400 -33.16 12.54 -19.82
N MET C 400 -33.18 12.54 -19.83
CA MET C 400 -33.26 11.08 -19.68
CA MET C 400 -33.21 11.08 -19.70
C MET C 400 -32.77 10.64 -18.31
C MET C 400 -32.77 10.65 -18.31
N ALA C 401 -31.68 11.23 -17.81
CA ALA C 401 -31.21 10.89 -16.48
C ALA C 401 -32.23 11.29 -15.41
N LYS C 402 -32.81 12.48 -15.52
CA LYS C 402 -33.83 12.92 -14.57
C LYS C 402 -35.04 11.97 -14.58
N MET C 403 -35.47 11.57 -15.77
CA MET C 403 -36.55 10.59 -15.87
C MET C 403 -36.20 9.30 -15.14
N PHE C 404 -35.01 8.76 -15.39
CA PHE C 404 -34.61 7.53 -14.70
C PHE C 404 -34.58 7.71 -13.19
N GLU C 405 -34.08 8.85 -12.72
CA GLU C 405 -34.06 9.13 -11.29
C GLU C 405 -35.47 9.16 -10.70
N GLU C 406 -36.41 9.80 -11.41
CA GLU C 406 -37.78 9.84 -10.92
C GLU C 406 -38.34 8.43 -10.81
N TRP C 407 -38.08 7.58 -11.81
CA TRP C 407 -38.50 6.18 -11.72
C TRP C 407 -37.91 5.51 -10.48
N VAL C 408 -36.61 5.67 -10.25
CA VAL C 408 -36.00 5.00 -9.11
C VAL C 408 -36.66 5.46 -7.81
N ARG C 409 -36.96 6.76 -7.71
CA ARG C 409 -37.60 7.25 -6.49
C ARG C 409 -38.97 6.62 -6.27
N SER C 410 -39.65 6.20 -7.35
CA SER C 410 -40.97 5.60 -7.21
C SER C 410 -40.93 4.21 -6.59
N ASP C 411 -39.74 3.63 -6.41
CA ASP C 411 -39.59 2.29 -5.86
C ASP C 411 -39.00 2.40 -4.46
N SER C 412 -39.77 1.98 -3.46
CA SER C 412 -39.37 2.17 -2.07
C SER C 412 -38.21 1.29 -1.63
N ARG C 413 -37.89 0.26 -2.42
CA ARG C 413 -36.74 -0.60 -2.10
C ARG C 413 -35.42 0.08 -2.41
N PHE C 414 -35.43 1.04 -3.32
CA PHE C 414 -34.24 1.75 -3.74
C PHE C 414 -34.14 3.11 -3.05
N GLU C 415 -32.96 3.70 -3.16
CA GLU C 415 -32.71 5.04 -2.67
C GLU C 415 -31.70 5.70 -3.60
N ILE C 416 -31.88 7.00 -3.77
CA ILE C 416 -30.89 7.84 -4.45
C ILE C 416 -29.85 8.25 -3.40
N VAL C 417 -28.59 7.93 -3.67
CA VAL C 417 -27.53 8.11 -2.68
C VAL C 417 -27.03 9.56 -2.65
N VAL C 418 -26.94 10.21 -3.80
CA VAL C 418 -26.45 11.58 -3.87
C VAL C 418 -27.17 12.28 -5.01
N PRO C 419 -27.25 13.60 -4.99
CA PRO C 419 -28.01 14.32 -6.00
C PRO C 419 -27.44 14.09 -7.39
N ARG C 420 -28.35 13.96 -8.36
CA ARG C 420 -28.00 13.96 -9.78
C ARG C 420 -27.81 15.41 -10.21
N ASN C 421 -26.57 15.82 -10.44
CA ASN C 421 -26.31 17.17 -10.89
C ASN C 421 -26.37 17.27 -12.40
N PHE C 422 -26.02 16.19 -13.10
CA PHE C 422 -25.95 16.17 -14.55
C PHE C 422 -26.62 14.93 -15.11
N SER C 423 -25.88 14.09 -15.81
CA SER C 423 -26.47 12.96 -16.51
C SER C 423 -26.32 11.63 -15.77
N LEU C 424 -25.63 11.63 -14.64
CA LEU C 424 -25.29 10.41 -13.92
C LEU C 424 -26.17 10.27 -12.70
N VAL C 425 -26.79 9.10 -12.54
CA VAL C 425 -27.63 8.82 -11.37
C VAL C 425 -26.95 7.73 -10.55
N CYS C 426 -26.63 8.05 -9.30
CA CYS C 426 -26.03 7.12 -8.34
C CYS C 426 -27.12 6.65 -7.39
N PHE C 427 -27.35 5.34 -7.32
CA PHE C 427 -28.49 4.79 -6.60
C PHE C 427 -28.10 3.47 -5.96
N ARG C 428 -28.99 2.92 -5.14
CA ARG C 428 -28.70 1.63 -4.52
C ARG C 428 -29.97 1.02 -3.96
N LEU C 429 -29.88 -0.27 -3.63
CA LEU C 429 -30.91 -0.92 -2.85
C LEU C 429 -30.72 -0.56 -1.38
N LYS C 430 -31.80 -0.12 -0.74
CA LYS C 430 -31.73 0.26 0.66
C LYS C 430 -31.35 -0.94 1.52
N PRO C 431 -30.74 -0.71 2.68
CA PRO C 431 -30.33 -1.83 3.54
C PRO C 431 -31.48 -2.73 3.99
N ASP C 432 -32.69 -2.22 4.13
CA ASP C 432 -33.76 -3.02 4.73
C ASP C 432 -34.43 -3.99 3.77
N VAL C 433 -34.04 -4.01 2.50
CA VAL C 433 -34.69 -4.92 1.56
C VAL C 433 -34.25 -6.37 1.78
N SER C 434 -33.14 -6.60 2.44
CA SER C 434 -32.65 -7.96 2.62
C SER C 434 -31.97 -8.11 3.97
N SER C 435 -31.90 -9.36 4.44
CA SER C 435 -31.17 -9.66 5.66
C SER C 435 -29.67 -9.72 5.45
N LEU C 436 -29.19 -9.69 4.21
CA LEU C 436 -27.76 -9.64 3.97
C LEU C 436 -27.28 -8.19 4.00
N HIS C 437 -25.97 -8.04 4.04
CA HIS C 437 -25.38 -6.70 4.12
C HIS C 437 -25.64 -5.95 2.82
N VAL C 438 -26.08 -4.69 2.94
CA VAL C 438 -26.48 -3.92 1.77
C VAL C 438 -25.39 -3.95 0.68
N GLU C 439 -24.13 -3.87 1.08
CA GLU C 439 -23.04 -3.91 0.09
C GLU C 439 -23.09 -5.17 -0.77
N GLU C 440 -23.29 -6.33 -0.14
CA GLU C 440 -23.38 -7.58 -0.91
C GLU C 440 -24.62 -7.63 -1.77
N VAL C 441 -25.74 -7.13 -1.26
CA VAL C 441 -26.99 -7.16 -2.03
C VAL C 441 -26.83 -6.34 -3.31
N ASN C 442 -26.29 -5.13 -3.19
CA ASN C 442 -26.08 -4.30 -4.37
C ASN C 442 -24.97 -4.85 -5.27
N LYS C 443 -23.96 -5.50 -4.69
CA LYS C 443 -22.94 -6.14 -5.51
C LYS C 443 -23.53 -7.27 -6.35
N LYS C 444 -24.40 -8.09 -5.74
CA LYS C 444 -25.05 -9.17 -6.47
C LYS C 444 -25.95 -8.63 -7.56
N LEU C 445 -26.69 -7.55 -7.28
CA LEU C 445 -27.56 -6.97 -8.30
C LEU C 445 -26.74 -6.48 -9.49
N LEU C 446 -25.66 -5.75 -9.24
CA LEU C 446 -24.79 -5.30 -10.33
C LEU C 446 -24.23 -6.49 -11.11
N ASP C 447 -23.87 -7.57 -10.41
CA ASP C 447 -23.36 -8.73 -11.13
C ASP C 447 -24.42 -9.29 -12.06
N MET C 448 -25.65 -9.45 -11.56
CA MET C 448 -26.74 -9.92 -12.41
C MET C 448 -26.93 -9.02 -13.63
N LEU C 449 -27.00 -7.71 -13.40
CA LEU C 449 -27.20 -6.76 -14.49
C LEU C 449 -26.14 -6.92 -15.57
N ASN C 450 -24.86 -6.87 -15.20
CA ASN C 450 -23.82 -6.93 -16.22
C ASN C 450 -23.74 -8.31 -16.86
N SER C 451 -23.93 -9.37 -16.08
CA SER C 451 -23.93 -10.74 -16.61
C SER C 451 -25.04 -10.95 -17.64
N THR C 452 -26.10 -10.15 -17.56
CA THR C 452 -27.19 -10.22 -18.54
C THR C 452 -26.70 -10.08 -19.98
N GLY C 453 -25.63 -9.31 -20.20
CA GLY C 453 -25.25 -8.89 -21.54
C GLY C 453 -26.10 -7.78 -22.14
N ARG C 454 -27.24 -7.47 -21.56
CA ARG C 454 -28.12 -6.46 -22.14
C ARG C 454 -27.86 -5.08 -21.56
N VAL C 455 -26.84 -4.95 -20.71
CA VAL C 455 -26.55 -3.68 -20.05
C VAL C 455 -25.14 -3.76 -19.49
N TYR C 456 -24.49 -2.61 -19.37
CA TYR C 456 -23.23 -2.48 -18.67
C TYR C 456 -23.31 -1.27 -17.76
N MET C 457 -23.08 -1.48 -16.47
CA MET C 457 -23.00 -0.41 -15.47
C MET C 457 -21.84 -0.68 -14.54
N THR C 458 -21.13 0.37 -14.13
CA THR C 458 -20.16 0.25 -13.06
C THR C 458 -20.71 0.78 -11.75
N HIS C 459 -19.97 0.53 -10.69
CA HIS C 459 -20.30 0.90 -9.33
C HIS C 459 -19.30 1.93 -8.82
N THR C 460 -19.55 2.43 -7.61
CA THR C 460 -18.49 3.12 -6.89
C THR C 460 -18.75 3.06 -5.40
N ILE C 461 -17.68 3.27 -4.63
CA ILE C 461 -17.75 3.40 -3.18
C ILE C 461 -17.40 4.84 -2.88
N VAL C 462 -18.33 5.57 -2.26
CA VAL C 462 -18.07 6.95 -1.83
C VAL C 462 -18.61 7.12 -0.43
N GLY C 463 -17.82 7.75 0.43
CA GLY C 463 -18.24 7.90 1.82
C GLY C 463 -18.61 6.59 2.48
N GLY C 464 -17.89 5.52 2.15
CA GLY C 464 -18.19 4.20 2.69
C GLY C 464 -19.43 3.55 2.17
N ILE C 465 -20.08 4.11 1.16
CA ILE C 465 -21.34 3.58 0.64
C ILE C 465 -21.11 3.08 -0.78
N TYR C 466 -21.49 1.84 -1.01
CA TYR C 466 -21.45 1.21 -2.33
C TYR C 466 -22.74 1.55 -3.09
N MET C 467 -22.59 2.04 -4.31
CA MET C 467 -23.77 2.40 -5.08
C MET C 467 -23.55 2.06 -6.54
N LEU C 468 -24.66 1.78 -7.23
CA LEU C 468 -24.67 1.58 -8.66
C LEU C 468 -24.75 2.94 -9.36
N ARG C 469 -24.21 2.99 -10.57
CA ARG C 469 -24.19 4.22 -11.36
C ARG C 469 -24.88 3.96 -12.69
N LEU C 470 -25.63 4.95 -13.14
CA LEU C 470 -26.17 4.96 -14.50
C LEU C 470 -25.70 6.25 -15.15
N ALA C 471 -24.75 6.12 -16.08
CA ALA C 471 -24.20 7.25 -16.80
C ALA C 471 -24.88 7.29 -18.16
N VAL C 472 -25.94 8.05 -18.24
CA VAL C 472 -26.71 8.14 -19.47
C VAL C 472 -26.00 9.07 -20.44
N GLY C 473 -26.06 8.75 -21.73
CA GLY C 473 -25.44 9.63 -22.69
C GLY C 473 -24.86 8.97 -23.93
N SER C 474 -24.65 7.65 -23.91
CA SER C 474 -24.13 6.98 -25.09
C SER C 474 -24.99 7.35 -26.29
N SER C 475 -24.33 7.77 -27.37
CA SER C 475 -25.03 8.49 -28.43
C SER C 475 -26.24 7.72 -28.95
N LEU C 476 -26.18 6.39 -28.96
CA LEU C 476 -27.28 5.60 -29.49
C LEU C 476 -28.38 5.36 -28.48
N THR C 477 -28.15 5.72 -27.22
CA THR C 477 -29.18 5.53 -26.20
C THR C 477 -30.34 6.46 -26.48
N GLU C 478 -31.54 5.88 -26.57
CA GLU C 478 -32.78 6.61 -26.72
C GLU C 478 -33.68 6.32 -25.52
N GLU C 479 -34.82 7.02 -25.46
CA GLU C 479 -35.67 6.96 -24.27
C GLU C 479 -36.05 5.53 -23.92
N HIS C 480 -36.47 4.76 -24.92
CA HIS C 480 -36.91 3.39 -24.65
C HIS C 480 -35.78 2.51 -24.13
N HIS C 481 -34.53 2.81 -24.48
CA HIS C 481 -33.42 2.02 -23.92
C HIS C 481 -33.35 2.18 -22.42
N VAL C 482 -33.45 3.42 -21.93
CA VAL C 482 -33.44 3.65 -20.49
C VAL C 482 -34.66 3.02 -19.84
N ARG C 483 -35.82 3.11 -20.51
N ARG C 483 -35.81 3.08 -20.51
CA ARG C 483 -37.01 2.43 -20.01
CA ARG C 483 -37.00 2.42 -19.97
C ARG C 483 -36.76 0.94 -19.81
C ARG C 483 -36.77 0.93 -19.80
N ARG C 484 -36.19 0.29 -20.81
CA ARG C 484 -35.94 -1.15 -20.73
C ARG C 484 -34.86 -1.47 -19.69
N VAL C 485 -33.88 -0.58 -19.51
CA VAL C 485 -32.92 -0.79 -18.43
C VAL C 485 -33.62 -0.74 -17.08
N TRP C 486 -34.51 0.23 -16.87
CA TRP C 486 -35.23 0.28 -15.60
C TRP C 486 -36.09 -0.96 -15.39
N ASP C 487 -36.78 -1.41 -16.45
CA ASP C 487 -37.55 -2.65 -16.35
C ASP C 487 -36.65 -3.83 -15.96
N LEU C 488 -35.48 -3.94 -16.59
CA LEU C 488 -34.57 -5.04 -16.27
C LEU C 488 -34.10 -4.96 -14.83
N ILE C 489 -33.74 -3.76 -14.37
CA ILE C 489 -33.30 -3.61 -12.99
C ILE C 489 -34.38 -4.12 -12.05
N GLN C 490 -35.63 -3.74 -12.31
CA GLN C 490 -36.74 -4.14 -11.45
C GLN C 490 -36.97 -5.65 -11.49
N LYS C 491 -36.93 -6.24 -12.69
CA LYS C 491 -37.15 -7.68 -12.79
C LYS C 491 -36.08 -8.45 -12.04
N LEU C 492 -34.81 -8.08 -12.23
CA LEU C 492 -33.73 -8.78 -11.55
C LEU C 492 -33.76 -8.53 -10.05
N THR C 493 -34.24 -7.37 -9.62
CA THR C 493 -34.38 -7.13 -8.19
C THR C 493 -35.45 -8.03 -7.60
N ASP C 494 -36.56 -8.22 -8.33
CA ASP C 494 -37.56 -9.19 -7.89
C ASP C 494 -36.95 -10.58 -7.78
N ASP C 495 -36.28 -11.03 -8.85
CA ASP C 495 -35.61 -12.33 -8.82
C ASP C 495 -34.66 -12.43 -7.64
N LEU C 496 -34.02 -11.32 -7.29
CA LEU C 496 -33.00 -11.29 -6.26
C LEU C 496 -33.57 -11.42 -4.86
N PHE D 19 -32.97 15.53 -32.14
CA PHE D 19 -31.61 15.70 -32.67
C PHE D 19 -30.77 14.42 -32.48
N LYS D 20 -30.41 13.78 -33.60
CA LYS D 20 -29.62 12.55 -33.58
C LYS D 20 -28.28 12.81 -34.24
N PRO D 21 -27.23 13.10 -33.46
CA PRO D 21 -25.93 13.38 -34.09
C PRO D 21 -25.36 12.19 -34.83
N LEU D 22 -25.79 10.97 -34.53
CA LEU D 22 -25.29 9.76 -35.18
C LEU D 22 -26.46 8.92 -35.65
N GLU D 23 -26.68 8.88 -36.97
CA GLU D 23 -27.67 8.00 -37.58
C GLU D 23 -26.97 7.14 -38.63
N ALA D 24 -27.16 5.83 -38.53
CA ALA D 24 -26.31 4.91 -39.30
C ALA D 24 -26.33 5.24 -40.79
N GLU D 25 -27.49 5.55 -41.35
CA GLU D 25 -27.57 5.77 -42.79
C GLU D 25 -27.07 7.16 -43.19
N GLU D 26 -27.39 8.17 -42.41
CA GLU D 26 -26.80 9.49 -42.63
C GLU D 26 -25.28 9.40 -42.52
N PHE D 27 -24.81 8.66 -41.52
CA PHE D 27 -23.39 8.36 -41.36
C PHE D 27 -22.82 7.73 -42.61
N ARG D 28 -23.46 6.67 -43.10
CA ARG D 28 -22.96 5.98 -44.28
C ARG D 28 -22.83 6.94 -45.46
N LYS D 29 -23.88 7.72 -45.72
CA LYS D 29 -23.84 8.64 -46.86
C LYS D 29 -22.69 9.64 -46.73
N GLN D 30 -22.64 10.35 -45.61
CA GLN D 30 -21.64 11.39 -45.46
C GLN D 30 -20.23 10.81 -45.49
N ALA D 31 -20.02 9.65 -44.84
CA ALA D 31 -18.70 9.03 -44.81
C ALA D 31 -18.27 8.59 -46.20
N HIS D 32 -19.18 8.05 -47.00
CA HIS D 32 -18.83 7.74 -48.39
C HIS D 32 -18.39 9.00 -49.12
N ARG D 33 -19.11 10.12 -48.91
CA ARG D 33 -18.71 11.36 -49.57
C ARG D 33 -17.29 11.78 -49.17
N MET D 34 -16.97 11.68 -47.89
CA MET D 34 -15.63 12.06 -47.45
C MET D 34 -14.56 11.09 -47.93
N VAL D 35 -14.88 9.80 -48.03
CA VAL D 35 -13.94 8.85 -48.62
C VAL D 35 -13.59 9.29 -50.03
N ASP D 36 -14.62 9.62 -50.83
CA ASP D 36 -14.35 10.04 -52.21
C ASP D 36 -13.57 11.35 -52.23
N PHE D 37 -13.86 12.25 -51.30
CA PHE D 37 -13.11 13.51 -51.27
C PHE D 37 -11.64 13.25 -50.96
N ILE D 38 -11.37 12.34 -50.02
CA ILE D 38 -10.01 12.02 -49.63
C ILE D 38 -9.25 11.35 -50.76
N ALA D 39 -9.89 10.38 -51.44
CA ALA D 39 -9.24 9.74 -52.56
C ALA D 39 -8.95 10.72 -53.69
N ASP D 40 -9.90 11.61 -53.99
CA ASP D 40 -9.65 12.66 -54.97
C ASP D 40 -8.49 13.55 -54.54
N TYR D 41 -8.37 13.79 -53.23
CA TYR D 41 -7.25 14.58 -52.74
C TYR D 41 -5.93 13.85 -52.96
N TYR D 42 -5.88 12.56 -52.65
CA TYR D 42 -4.67 11.80 -52.91
C TYR D 42 -4.34 11.82 -54.39
N LYS D 43 -5.37 11.80 -55.23
CA LYS D 43 -5.16 11.81 -56.68
C LYS D 43 -4.66 13.14 -57.18
N ASN D 44 -4.99 14.24 -56.50
CA ASN D 44 -4.68 15.57 -56.99
C ASN D 44 -3.61 16.30 -56.18
N VAL D 45 -3.13 15.73 -55.08
CA VAL D 45 -2.28 16.47 -54.16
C VAL D 45 -0.97 16.91 -54.82
N GLU D 46 -0.44 16.09 -55.72
CA GLU D 46 0.73 16.52 -56.48
C GLU D 46 0.49 17.81 -57.24
N THR D 47 -0.79 18.17 -57.43
CA THR D 47 -1.14 19.37 -58.16
C THR D 47 -0.98 20.62 -57.32
N TYR D 48 -1.17 20.51 -56.01
CA TYR D 48 -1.13 21.68 -55.16
C TYR D 48 0.32 22.06 -54.86
N PRO D 49 0.59 23.34 -54.61
CA PRO D 49 1.90 23.72 -54.08
C PRO D 49 2.16 23.04 -52.75
N VAL D 50 3.38 22.52 -52.59
CA VAL D 50 3.69 21.77 -51.38
C VAL D 50 3.60 22.70 -50.17
N LEU D 51 4.36 23.79 -50.20
CA LEU D 51 4.40 24.76 -49.11
C LEU D 51 3.41 25.89 -49.37
N SER D 52 2.76 26.36 -48.31
CA SER D 52 1.68 27.34 -48.44
C SER D 52 2.19 28.78 -48.48
N GLU D 53 1.44 29.62 -49.20
CA GLU D 53 1.77 31.03 -49.36
C GLU D 53 0.90 31.96 -48.48
N VAL D 54 0.04 31.41 -47.62
CA VAL D 54 -0.85 32.24 -46.83
C VAL D 54 -0.03 33.08 -45.86
N GLU D 55 -0.53 34.25 -45.55
CA GLU D 55 0.15 35.02 -44.52
C GLU D 55 -0.39 34.66 -43.15
N PRO D 56 0.40 34.86 -42.10
CA PRO D 56 -0.12 34.65 -40.75
C PRO D 56 -1.33 35.53 -40.53
N GLY D 57 -2.36 34.95 -39.90
CA GLY D 57 -3.59 35.66 -39.70
C GLY D 57 -4.48 35.68 -40.92
N TYR D 58 -4.15 34.94 -41.98
CA TYR D 58 -4.98 34.99 -43.18
C TYR D 58 -6.37 34.45 -42.91
N LEU D 59 -6.47 33.47 -42.01
CA LEU D 59 -7.70 32.70 -41.85
C LEU D 59 -8.75 33.45 -41.04
N ARG D 60 -8.34 34.38 -40.18
CA ARG D 60 -9.30 35.10 -39.34
C ARG D 60 -10.31 35.88 -40.19
N LYS D 61 -9.83 36.55 -41.24
CA LYS D 61 -10.71 37.34 -42.08
C LYS D 61 -11.68 36.50 -42.89
N ARG D 62 -11.61 35.18 -42.81
CA ARG D 62 -12.46 34.31 -43.62
C ARG D 62 -13.37 33.39 -42.80
N ILE D 63 -13.20 33.32 -41.49
CA ILE D 63 -14.08 32.53 -40.64
C ILE D 63 -14.76 33.49 -39.66
N PRO D 64 -16.05 33.30 -39.39
CA PRO D 64 -16.73 34.20 -38.45
C PRO D 64 -16.09 34.19 -37.06
N GLU D 65 -16.27 35.29 -36.33
CA GLU D 65 -15.73 35.43 -35.00
C GLU D 65 -16.48 34.58 -33.97
N THR D 66 -17.66 34.08 -34.30
CA THR D 66 -18.42 33.25 -33.39
C THR D 66 -18.94 32.00 -34.10
N ALA D 67 -19.18 30.97 -33.30
CA ALA D 67 -19.77 29.75 -33.83
C ALA D 67 -21.25 29.99 -34.17
N PRO D 68 -21.77 29.27 -35.15
CA PRO D 68 -23.16 29.48 -35.58
C PRO D 68 -24.15 28.84 -34.60
N TYR D 69 -25.18 29.63 -34.22
CA TYR D 69 -26.29 29.08 -33.46
C TYR D 69 -27.06 28.05 -34.27
N LEU D 70 -27.21 28.30 -35.53
CA LEU D 70 -27.93 27.40 -36.39
C LEU D 70 -26.97 26.49 -37.15
N PRO D 71 -27.43 25.31 -37.55
CA PRO D 71 -26.56 24.40 -38.30
C PRO D 71 -26.24 24.96 -39.68
N GLU D 72 -25.07 24.58 -40.19
CA GLU D 72 -24.63 24.96 -41.53
C GLU D 72 -24.61 23.74 -42.44
N PRO D 73 -24.89 23.93 -43.74
CA PRO D 73 -24.92 22.79 -44.66
C PRO D 73 -23.53 22.26 -44.99
N LEU D 74 -23.44 20.93 -45.12
CA LEU D 74 -22.15 20.31 -45.36
C LEU D 74 -21.52 20.79 -46.65
N ASP D 75 -22.33 21.15 -47.65
CA ASP D 75 -21.76 21.66 -48.89
C ASP D 75 -20.94 22.93 -48.63
N ASP D 76 -21.47 23.83 -47.82
CA ASP D 76 -20.71 25.05 -47.50
C ASP D 76 -19.44 24.73 -46.74
N ILE D 77 -19.51 23.76 -45.83
CA ILE D 77 -18.31 23.39 -45.06
C ILE D 77 -17.26 22.83 -46.01
N MET D 78 -17.65 21.92 -46.89
CA MET D 78 -16.70 21.37 -47.84
C MET D 78 -16.14 22.45 -48.76
N LYS D 79 -17.00 23.38 -49.19
CA LYS D 79 -16.52 24.48 -50.02
C LYS D 79 -15.47 25.29 -49.27
N ASP D 80 -15.72 25.60 -48.00
CA ASP D 80 -14.74 26.35 -47.24
C ASP D 80 -13.47 25.55 -46.98
N ILE D 81 -13.58 24.22 -46.84
CA ILE D 81 -12.38 23.41 -46.67
C ILE D 81 -11.55 23.44 -47.95
N GLN D 82 -12.23 23.46 -49.09
CA GLN D 82 -11.54 23.55 -50.37
C GLN D 82 -10.92 24.93 -50.58
N LYS D 83 -11.56 25.97 -50.07
CA LYS D 83 -11.18 27.35 -50.41
C LYS D 83 -10.26 28.01 -49.41
N ASP D 84 -10.34 27.62 -48.14
CA ASP D 84 -9.63 28.31 -47.06
C ASP D 84 -8.74 27.41 -46.22
N ILE D 85 -9.02 26.11 -46.17
CA ILE D 85 -8.29 25.20 -45.30
C ILE D 85 -7.16 24.53 -46.06
N ILE D 86 -7.50 23.74 -47.08
CA ILE D 86 -6.48 23.00 -47.81
C ILE D 86 -5.45 23.96 -48.40
N PRO D 87 -5.84 25.08 -49.03
CA PRO D 87 -4.82 26.02 -49.51
C PRO D 87 -3.94 26.57 -48.41
N GLY D 88 -4.37 26.50 -47.16
CA GLY D 88 -3.55 26.91 -46.05
C GLY D 88 -2.72 25.79 -45.46
N MET D 89 -2.76 24.62 -46.08
CA MET D 89 -2.03 23.46 -45.59
C MET D 89 -0.66 23.36 -46.25
N THR D 90 0.29 22.86 -45.47
CA THR D 90 1.52 22.30 -46.02
C THR D 90 1.24 20.85 -46.36
N ASN D 91 1.40 20.49 -47.62
CA ASN D 91 0.91 19.18 -48.06
C ASN D 91 1.94 18.11 -47.73
N TRP D 92 1.88 17.64 -46.48
CA TRP D 92 2.76 16.56 -46.05
C TRP D 92 2.64 15.34 -46.94
N MET D 93 1.49 15.16 -47.61
CA MET D 93 1.24 13.98 -48.43
C MET D 93 1.71 14.13 -49.87
N SER D 94 2.22 15.28 -50.26
CA SER D 94 2.64 15.44 -51.66
C SER D 94 3.84 14.54 -51.94
N PRO D 95 3.92 13.98 -53.15
CA PRO D 95 5.17 13.31 -53.56
C PRO D 95 6.35 14.26 -53.60
N ASN D 96 6.11 15.57 -53.44
CA ASN D 96 7.16 16.59 -53.48
C ASN D 96 7.47 17.13 -52.09
N PHE D 97 7.03 16.44 -51.04
CA PHE D 97 7.37 16.80 -49.67
C PHE D 97 8.64 16.04 -49.25
N TYR D 98 9.72 16.78 -48.98
CA TYR D 98 10.97 16.20 -48.50
C TYR D 98 11.47 16.92 -47.26
N ALA D 99 10.61 17.67 -46.57
CA ALA D 99 11.06 18.42 -45.41
C ALA D 99 11.02 17.55 -44.16
N PHE D 100 11.72 18.01 -43.13
CA PHE D 100 11.76 17.31 -41.85
C PHE D 100 11.98 15.80 -42.07
N PHE D 101 11.00 15.01 -41.64
CA PHE D 101 10.89 13.59 -41.93
C PHE D 101 9.53 13.30 -42.54
N PRO D 102 9.46 12.42 -43.54
CA PRO D 102 8.16 12.08 -44.12
C PRO D 102 7.26 11.45 -43.08
N ALA D 103 5.96 11.65 -43.24
CA ALA D 103 4.97 10.96 -42.42
C ALA D 103 4.37 9.89 -43.34
N THR D 104 4.88 8.66 -43.24
CA THR D 104 4.47 7.64 -44.20
C THR D 104 3.14 7.02 -43.79
N VAL D 105 2.36 6.63 -44.81
CA VAL D 105 0.98 6.20 -44.63
C VAL D 105 0.73 5.00 -45.51
N SER D 106 -0.47 4.42 -45.36
CA SER D 106 -0.90 3.25 -46.11
C SER D 106 -2.42 3.16 -45.99
N SER D 107 -3.05 2.57 -47.00
CA SER D 107 -4.49 2.42 -46.93
C SER D 107 -4.89 1.47 -45.80
N ALA D 108 -4.09 0.43 -45.57
CA ALA D 108 -4.37 -0.47 -44.46
C ALA D 108 -4.41 0.28 -43.13
N ALA D 109 -3.47 1.20 -42.92
CA ALA D 109 -3.48 1.97 -41.68
C ALA D 109 -4.67 2.91 -41.61
N PHE D 110 -5.09 3.47 -42.75
CA PHE D 110 -6.27 4.32 -42.74
C PHE D 110 -7.51 3.52 -42.36
N LEU D 111 -7.61 2.28 -42.86
CA LEU D 111 -8.70 1.41 -42.45
C LEU D 111 -8.65 1.12 -40.96
N GLY D 112 -7.45 0.89 -40.45
CA GLY D 112 -7.30 0.66 -39.01
C GLY D 112 -7.70 1.88 -38.20
N GLU D 113 -7.30 3.07 -38.65
CA GLU D 113 -7.71 4.30 -37.98
C GLU D 113 -9.21 4.44 -37.97
N MET D 114 -9.83 4.27 -39.13
CA MET D 114 -11.29 4.34 -39.23
C MET D 114 -11.95 3.41 -38.23
N LEU D 115 -11.56 2.13 -38.25
CA LEU D 115 -12.25 1.16 -37.39
C LEU D 115 -12.02 1.46 -35.92
N SER D 116 -10.76 1.74 -35.55
CA SER D 116 -10.47 2.01 -34.14
C SER D 116 -11.23 3.23 -33.65
N THR D 117 -11.35 4.27 -34.49
CA THR D 117 -12.09 5.47 -34.07
C THR D 117 -13.58 5.19 -34.00
N ALA D 118 -14.13 4.54 -35.04
CA ALA D 118 -15.55 4.22 -35.06
C ALA D 118 -15.95 3.41 -33.83
N LEU D 119 -15.14 2.42 -33.46
CA LEU D 119 -15.44 1.64 -32.26
C LEU D 119 -15.39 2.51 -31.02
N ASN D 120 -14.45 3.47 -30.99
CA ASN D 120 -14.39 4.51 -29.96
C ASN D 120 -14.49 3.93 -28.55
N SER D 121 -13.74 2.86 -28.31
CA SER D 121 -13.63 2.26 -26.99
C SER D 121 -12.50 2.94 -26.22
N VAL D 122 -12.57 2.83 -24.89
CA VAL D 122 -11.57 3.43 -24.01
C VAL D 122 -10.89 2.30 -23.26
N GLY D 123 -9.64 2.02 -23.61
CA GLY D 123 -8.97 0.83 -23.14
C GLY D 123 -8.02 1.01 -21.97
N PHE D 124 -8.49 1.66 -20.91
CA PHE D 124 -7.63 1.88 -19.74
C PHE D 124 -7.37 0.60 -18.96
N THR D 125 -8.24 -0.39 -19.07
CA THR D 125 -8.03 -1.65 -18.40
C THR D 125 -8.34 -2.79 -19.36
N TRP D 126 -7.86 -3.97 -19.02
CA TRP D 126 -8.24 -5.12 -19.83
C TRP D 126 -9.75 -5.26 -19.85
N VAL D 127 -10.39 -5.02 -18.70
CA VAL D 127 -11.83 -5.18 -18.60
C VAL D 127 -12.58 -4.19 -19.49
N SER D 128 -12.11 -2.94 -19.55
CA SER D 128 -12.85 -1.98 -20.37
C SER D 128 -12.69 -2.21 -21.87
N SER D 129 -11.95 -3.26 -22.29
CA SER D 129 -11.94 -3.72 -23.67
C SER D 129 -10.82 -4.75 -23.88
N PRO D 130 -11.06 -6.03 -23.58
CA PRO D 130 -9.95 -7.00 -23.57
C PRO D 130 -9.22 -7.11 -24.90
N ALA D 131 -9.94 -7.17 -26.02
CA ALA D 131 -9.27 -7.32 -27.31
C ALA D 131 -8.23 -6.23 -27.52
N ALA D 132 -8.54 -5.01 -27.13
CA ALA D 132 -7.60 -3.91 -27.33
C ALA D 132 -6.29 -4.20 -26.61
N THR D 133 -6.38 -4.57 -25.33
CA THR D 133 -5.17 -4.82 -24.54
C THR D 133 -4.40 -6.02 -25.07
N GLU D 134 -5.11 -7.12 -25.36
CA GLU D 134 -4.45 -8.35 -25.79
C GLU D 134 -3.79 -8.19 -27.16
N LEU D 135 -4.49 -7.58 -28.12
CA LEU D 135 -3.89 -7.35 -29.42
C LEU D 135 -2.72 -6.37 -29.32
N GLU D 136 -2.77 -5.38 -28.42
CA GLU D 136 -1.61 -4.51 -28.29
C GLU D 136 -0.40 -5.31 -27.84
N MET D 137 -0.58 -6.19 -26.84
CA MET D 137 0.52 -7.04 -26.41
C MET D 137 1.04 -7.91 -27.56
N ILE D 138 0.12 -8.55 -28.29
CA ILE D 138 0.53 -9.42 -29.38
C ILE D 138 1.29 -8.65 -30.45
N VAL D 139 0.80 -7.47 -30.82
CA VAL D 139 1.40 -6.67 -31.88
C VAL D 139 2.78 -6.17 -31.47
N MET D 140 2.94 -5.79 -30.20
CA MET D 140 4.25 -5.35 -29.77
C MET D 140 5.24 -6.51 -29.81
N ASP D 141 4.79 -7.73 -29.49
CA ASP D 141 5.71 -8.87 -29.57
C ASP D 141 6.02 -9.22 -31.02
N TRP D 142 5.03 -9.14 -31.92
CA TRP D 142 5.30 -9.29 -33.35
C TRP D 142 6.40 -8.35 -33.79
N LEU D 143 6.22 -7.06 -33.51
CA LEU D 143 7.17 -6.07 -33.94
C LEU D 143 8.54 -6.30 -33.33
N ALA D 144 8.57 -6.69 -32.05
CA ALA D 144 9.83 -7.00 -31.40
C ALA D 144 10.54 -8.15 -32.12
N GLN D 145 9.79 -9.17 -32.52
CA GLN D 145 10.41 -10.29 -33.22
C GLN D 145 10.95 -9.83 -34.56
N ILE D 146 10.21 -8.96 -35.26
CA ILE D 146 10.70 -8.46 -36.53
C ILE D 146 12.00 -7.69 -36.34
N LEU D 147 12.07 -6.85 -35.31
CA LEU D 147 13.32 -6.17 -35.01
C LEU D 147 14.36 -7.11 -34.39
N LYS D 148 14.01 -8.37 -34.13
CA LYS D 148 14.90 -9.32 -33.48
C LYS D 148 15.42 -8.76 -32.15
N LEU D 149 14.50 -8.20 -31.38
CA LEU D 149 14.86 -7.80 -30.03
C LEU D 149 14.87 -9.03 -29.13
N PRO D 150 15.67 -9.02 -28.07
CA PRO D 150 15.70 -10.16 -27.17
C PRO D 150 14.36 -10.37 -26.45
N LYS D 151 14.18 -11.60 -25.99
CA LYS D 151 12.97 -11.95 -25.25
C LYS D 151 12.76 -11.06 -24.03
N SER D 152 13.79 -10.34 -23.58
CA SER D 152 13.69 -9.47 -22.42
C SER D 152 12.86 -8.21 -22.66
N PHE D 153 12.41 -7.98 -23.89
CA PHE D 153 11.53 -6.88 -24.20
C PHE D 153 10.12 -7.34 -24.58
N MET D 154 9.83 -8.63 -24.45
CA MET D 154 8.60 -9.18 -24.97
C MET D 154 7.71 -9.66 -23.83
N PHE D 155 6.39 -9.54 -24.06
CA PHE D 155 5.41 -10.03 -23.08
C PHE D 155 5.48 -11.54 -22.93
N SER D 156 5.63 -12.27 -24.04
CA SER D 156 5.87 -13.70 -23.94
C SER D 156 7.17 -14.02 -23.21
N GLY D 157 8.09 -13.07 -23.13
CA GLY D 157 9.29 -13.26 -22.32
C GLY D 157 9.20 -12.59 -20.96
N THR D 158 10.12 -11.68 -20.66
CA THR D 158 10.20 -11.08 -19.33
C THR D 158 10.06 -9.56 -19.35
N GLY D 159 9.81 -8.96 -20.52
CA GLY D 159 9.70 -7.52 -20.62
C GLY D 159 8.33 -7.08 -21.12
N GLY D 160 8.27 -5.95 -21.82
CA GLY D 160 6.99 -5.59 -22.40
C GLY D 160 7.10 -4.34 -23.24
N GLY D 161 5.96 -3.95 -23.79
CA GLY D 161 5.91 -2.77 -24.63
C GLY D 161 4.54 -2.13 -24.56
N VAL D 162 4.48 -0.89 -25.00
CA VAL D 162 3.24 -0.13 -25.03
C VAL D 162 3.26 0.81 -26.23
N ILE D 163 2.09 0.97 -26.84
CA ILE D 163 1.86 1.93 -27.91
C ILE D 163 1.51 3.27 -27.28
N GLN D 164 2.45 4.21 -27.34
CA GLN D 164 2.25 5.60 -26.99
C GLN D 164 1.94 6.41 -28.25
N ASN D 165 1.61 7.69 -28.06
CA ASN D 165 1.33 8.55 -29.20
C ASN D 165 2.60 9.14 -29.81
N THR D 166 3.55 9.56 -28.98
CA THR D 166 4.69 10.35 -29.41
C THR D 166 5.96 9.80 -28.79
N THR D 167 7.09 10.22 -29.37
CA THR D 167 8.37 9.93 -28.74
C THR D 167 8.54 10.77 -27.48
N SER D 168 8.14 12.03 -27.51
CA SER D 168 8.38 12.86 -26.34
C SER D 168 7.78 12.22 -25.10
N GLU D 169 6.55 11.71 -25.18
CA GLU D 169 5.95 11.15 -23.97
C GLU D 169 6.55 9.80 -23.61
N SER D 170 6.91 8.98 -24.60
CA SER D 170 7.66 7.76 -24.28
C SER D 170 8.92 8.09 -23.49
N ILE D 171 9.70 9.04 -23.99
CA ILE D 171 10.94 9.39 -23.29
C ILE D 171 10.63 9.93 -21.91
N LEU D 172 9.62 10.81 -21.80
CA LEU D 172 9.24 11.37 -20.51
C LEU D 172 8.91 10.25 -19.52
N CYS D 173 8.19 9.23 -19.99
CA CYS D 173 7.88 8.09 -19.14
C CYS D 173 9.15 7.37 -18.70
N THR D 174 10.08 7.09 -19.62
CA THR D 174 11.28 6.38 -19.17
C THR D 174 12.13 7.24 -18.25
N ILE D 175 12.18 8.55 -18.49
CA ILE D 175 12.93 9.42 -17.61
C ILE D 175 12.34 9.40 -16.21
N ILE D 176 11.01 9.40 -16.13
CA ILE D 176 10.35 9.35 -14.82
C ILE D 176 10.61 8.01 -14.16
N ALA D 177 10.57 6.91 -14.92
CA ALA D 177 10.91 5.61 -14.35
C ALA D 177 12.29 5.62 -13.69
N ALA D 178 13.30 6.12 -14.44
CA ALA D 178 14.64 6.19 -13.88
C ALA D 178 14.70 7.11 -12.65
N ARG D 179 14.12 8.31 -12.76
CA ARG D 179 14.08 9.24 -11.63
C ARG D 179 13.48 8.57 -10.41
N GLU D 180 12.40 7.81 -10.60
CA GLU D 180 11.70 7.24 -9.46
C GLU D 180 12.50 6.12 -8.81
N ARG D 181 13.19 5.29 -9.60
CA ARG D 181 14.09 4.30 -9.01
C ARG D 181 15.13 4.99 -8.12
N ALA D 182 15.76 6.03 -8.65
CA ALA D 182 16.75 6.76 -7.87
C ALA D 182 16.13 7.32 -6.59
N LEU D 183 14.98 7.98 -6.71
CA LEU D 183 14.37 8.65 -5.56
C LEU D 183 13.92 7.65 -4.50
N GLU D 184 13.43 6.49 -4.93
CA GLU D 184 12.99 5.48 -3.97
C GLU D 184 14.16 4.87 -3.23
N LYS D 185 15.31 4.73 -3.90
CA LYS D 185 16.51 4.28 -3.18
C LYS D 185 17.06 5.38 -2.28
N LEU D 186 17.13 6.61 -2.79
CA LEU D 186 17.91 7.66 -2.17
C LEU D 186 17.08 8.74 -1.48
N GLY D 187 15.78 8.79 -1.71
CA GLY D 187 14.94 9.82 -1.13
C GLY D 187 14.67 10.98 -2.09
N PRO D 188 13.54 11.66 -1.89
CA PRO D 188 13.17 12.73 -2.84
C PRO D 188 14.18 13.86 -2.87
N ASP D 189 14.82 14.14 -1.75
CA ASP D 189 15.76 15.26 -1.75
C ASP D 189 17.01 15.00 -2.58
N SER D 190 17.19 13.80 -3.15
CA SER D 190 18.30 13.58 -4.05
C SER D 190 18.02 14.08 -5.45
N ILE D 191 16.83 14.65 -5.70
CA ILE D 191 16.52 15.09 -7.07
C ILE D 191 17.57 16.07 -7.58
N GLY D 192 18.20 16.84 -6.70
CA GLY D 192 19.21 17.81 -7.12
C GLY D 192 20.52 17.18 -7.57
N LYS D 193 20.69 15.87 -7.40
CA LYS D 193 21.88 15.17 -7.83
C LYS D 193 21.71 14.44 -9.15
N LEU D 194 20.48 14.24 -9.62
CA LEU D 194 20.23 13.37 -10.76
C LEU D 194 20.60 14.11 -12.04
N VAL D 195 21.51 13.53 -12.83
CA VAL D 195 22.04 14.16 -14.03
C VAL D 195 21.56 13.36 -15.22
N CYS D 196 21.12 14.07 -16.26
CA CYS D 196 20.66 13.46 -17.49
C CYS D 196 21.61 13.84 -18.63
N TYR D 197 21.80 12.93 -19.55
CA TYR D 197 22.71 13.14 -20.63
C TYR D 197 22.05 12.85 -21.94
N GLY D 198 22.31 13.68 -22.93
CA GLY D 198 21.83 13.47 -24.29
C GLY D 198 22.79 14.13 -25.25
N SER D 199 22.82 13.63 -26.49
CA SER D 199 23.64 14.29 -27.51
C SER D 199 23.20 15.73 -27.72
N ASP D 200 24.17 16.59 -28.08
CA ASP D 200 23.86 17.94 -28.52
C ASP D 200 23.10 17.97 -29.83
N GLN D 201 22.89 16.82 -30.44
CA GLN D 201 22.09 16.74 -31.66
C GLN D 201 20.60 16.51 -31.39
N THR D 202 20.22 16.24 -30.14
CA THR D 202 18.83 16.20 -29.70
C THR D 202 18.42 17.41 -28.87
N HIS D 203 19.09 18.55 -29.06
CA HIS D 203 18.96 19.65 -28.09
C HIS D 203 17.69 20.51 -28.14
N THR D 204 16.52 19.89 -28.27
CA THR D 204 15.30 20.69 -28.16
C THR D 204 14.23 19.89 -27.44
N MET D 205 14.14 18.60 -27.73
CA MET D 205 13.09 17.77 -27.17
C MET D 205 13.57 17.09 -25.91
N PHE D 206 14.81 16.62 -25.93
CA PHE D 206 15.32 15.91 -24.76
C PHE D 206 15.50 16.86 -23.58
N PRO D 207 16.10 18.04 -23.73
CA PRO D 207 16.18 18.97 -22.58
C PRO D 207 14.81 19.33 -22.04
N LYS D 208 13.86 19.63 -22.93
CA LYS D 208 12.50 19.93 -22.52
C LYS D 208 11.91 18.78 -21.72
N THR D 209 12.05 17.56 -22.24
CA THR D 209 11.55 16.37 -21.56
C THR D 209 12.13 16.26 -20.16
N CYS D 210 13.45 16.42 -20.03
CA CYS D 210 14.06 16.39 -18.70
C CYS D 210 13.44 17.43 -17.79
N LYS D 211 13.24 18.65 -18.31
CA LYS D 211 12.68 19.70 -17.47
C LYS D 211 11.28 19.32 -17.00
N LEU D 212 10.47 18.74 -17.88
CA LEU D 212 9.13 18.35 -17.48
C LEU D 212 9.15 17.44 -16.26
N ALA D 213 10.13 16.56 -16.19
CA ALA D 213 10.26 15.59 -15.11
C ALA D 213 10.91 16.16 -13.87
N GLY D 214 11.36 17.41 -13.90
CA GLY D 214 11.95 18.01 -12.73
C GLY D 214 13.46 17.91 -12.59
N ILE D 215 14.17 17.46 -13.63
CA ILE D 215 15.62 17.49 -13.58
C ILE D 215 16.07 18.95 -13.50
N TYR D 216 16.97 19.25 -12.56
CA TYR D 216 17.43 20.62 -12.39
C TYR D 216 18.07 21.18 -13.66
N PRO D 217 17.92 22.49 -13.92
CA PRO D 217 18.43 23.05 -15.18
C PRO D 217 19.87 22.73 -15.49
N ASN D 218 20.75 22.85 -14.50
CA ASN D 218 22.17 22.60 -14.69
C ASN D 218 22.51 21.12 -14.68
N ASN D 219 21.53 20.25 -14.45
CA ASN D 219 21.75 18.81 -14.45
C ASN D 219 21.30 18.14 -15.75
N ILE D 220 21.01 18.92 -16.78
CA ILE D 220 20.71 18.43 -18.11
C ILE D 220 21.94 18.68 -18.96
N ARG D 221 22.65 17.62 -19.33
CA ARG D 221 23.97 17.71 -19.93
C ARG D 221 23.86 17.28 -21.39
N LEU D 222 24.25 18.19 -22.29
CA LEU D 222 24.36 17.86 -23.71
C LEU D 222 25.80 17.49 -24.04
N ILE D 223 25.99 16.30 -24.59
CA ILE D 223 27.30 15.79 -25.00
C ILE D 223 27.70 16.44 -26.32
N PRO D 224 28.77 17.25 -26.35
CA PRO D 224 29.22 17.83 -27.62
C PRO D 224 29.78 16.78 -28.56
N THR D 225 29.49 16.95 -29.85
CA THR D 225 29.90 16.03 -30.90
C THR D 225 30.54 16.80 -32.05
N THR D 226 31.36 16.10 -32.83
CA THR D 226 32.13 16.72 -33.91
C THR D 226 32.01 15.95 -35.22
N VAL D 227 32.39 16.61 -36.32
CA VAL D 227 32.38 15.94 -37.60
C VAL D 227 33.23 14.69 -37.56
N GLU D 228 34.20 14.61 -36.65
CA GLU D 228 35.05 13.44 -36.59
C GLU D 228 34.29 12.19 -36.16
N THR D 229 33.16 12.33 -35.45
CA THR D 229 32.32 11.19 -35.11
C THR D 229 31.05 11.16 -35.94
N ASP D 230 31.00 11.93 -37.03
CA ASP D 230 29.75 12.10 -37.78
C ASP D 230 28.64 12.61 -36.83
N PHE D 231 29.05 13.42 -35.85
CA PHE D 231 28.15 14.06 -34.88
C PHE D 231 27.38 13.05 -34.06
N GLY D 232 27.95 11.86 -33.92
CA GLY D 232 27.47 10.90 -32.95
C GLY D 232 28.27 10.99 -31.66
N ILE D 233 27.62 10.55 -30.59
CA ILE D 233 28.24 10.64 -29.27
C ILE D 233 29.52 9.81 -29.27
N SER D 234 30.62 10.43 -28.81
CA SER D 234 31.87 9.72 -28.61
C SER D 234 31.86 9.08 -27.23
N PRO D 235 31.97 7.76 -27.11
CA PRO D 235 31.88 7.14 -25.78
C PRO D 235 32.86 7.70 -24.77
N GLN D 236 34.04 8.13 -25.21
CA GLN D 236 35.05 8.59 -24.26
C GLN D 236 34.67 9.93 -23.68
N VAL D 237 34.01 10.77 -24.48
CA VAL D 237 33.48 12.05 -24.01
C VAL D 237 32.43 11.81 -22.93
N LEU D 238 31.48 10.91 -23.21
CA LEU D 238 30.44 10.62 -22.24
C LEU D 238 31.04 10.02 -20.97
N ARG D 239 32.03 9.14 -21.12
CA ARG D 239 32.63 8.55 -19.93
C ARG D 239 33.32 9.61 -19.08
N LYS D 240 34.02 10.55 -19.72
CA LYS D 240 34.65 11.65 -19.00
C LYS D 240 33.61 12.48 -18.24
N MET D 241 32.51 12.81 -18.90
CA MET D 241 31.43 13.56 -18.21
C MET D 241 30.84 12.77 -17.05
N VAL D 242 30.50 11.50 -17.27
CA VAL D 242 29.90 10.68 -16.22
C VAL D 242 30.84 10.53 -15.04
N GLU D 243 32.13 10.32 -15.31
CA GLU D 243 33.09 10.12 -14.23
C GLU D 243 33.38 11.42 -13.49
N ASP D 244 33.36 12.56 -14.17
CA ASP D 244 33.44 13.83 -13.45
C ASP D 244 32.21 14.03 -12.57
N ASP D 245 31.05 13.61 -13.04
CA ASP D 245 29.85 13.74 -12.25
C ASP D 245 29.95 12.88 -11.01
N VAL D 246 30.37 11.64 -11.16
CA VAL D 246 30.49 10.74 -10.03
C VAL D 246 31.52 11.27 -9.02
N ALA D 247 32.65 11.75 -9.53
CA ALA D 247 33.67 12.31 -8.64
C ALA D 247 33.15 13.50 -7.86
N ALA D 248 32.28 14.31 -8.48
CA ALA D 248 31.73 15.47 -7.79
C ALA D 248 30.52 15.14 -6.90
N GLY D 249 30.11 13.88 -6.83
CA GLY D 249 29.02 13.47 -5.97
C GLY D 249 27.64 13.44 -6.62
N TYR D 250 27.54 13.76 -7.90
CA TYR D 250 26.26 13.70 -8.59
C TYR D 250 25.91 12.26 -8.95
N VAL D 251 24.65 12.07 -9.32
CA VAL D 251 24.15 10.73 -9.63
C VAL D 251 23.75 10.65 -11.11
N PRO D 252 24.53 9.96 -11.93
CA PRO D 252 24.13 9.74 -13.32
C PRO D 252 22.87 8.91 -13.37
N LEU D 253 21.89 9.38 -14.14
CA LEU D 253 20.56 8.80 -14.05
C LEU D 253 20.06 8.22 -15.37
N PHE D 254 20.24 8.96 -16.46
CA PHE D 254 19.51 8.70 -17.69
C PHE D 254 20.36 9.17 -18.86
N LEU D 255 20.40 8.37 -19.90
CA LEU D 255 21.11 8.69 -21.13
C LEU D 255 20.13 8.44 -22.26
N CYS D 256 19.98 9.42 -23.11
CA CYS D 256 19.20 9.28 -24.33
C CYS D 256 20.18 9.11 -25.48
N ALA D 257 20.31 7.87 -25.97
CA ALA D 257 21.12 7.56 -27.14
C ALA D 257 20.20 7.61 -28.36
N THR D 258 20.59 8.40 -29.36
CA THR D 258 19.73 8.65 -30.51
C THR D 258 20.22 7.87 -31.72
N LEU D 259 19.33 7.05 -32.28
CA LEU D 259 19.58 6.30 -33.50
C LEU D 259 18.88 7.05 -34.63
N GLY D 260 19.59 8.01 -35.22
CA GLY D 260 19.07 8.80 -36.31
C GLY D 260 18.52 10.15 -35.89
N THR D 261 19.40 11.09 -35.56
CA THR D 261 18.99 12.43 -35.14
C THR D 261 18.21 13.14 -36.25
N THR D 262 17.43 14.14 -35.82
CA THR D 262 16.55 14.86 -36.74
C THR D 262 17.32 15.71 -37.75
N SER D 263 18.49 16.24 -37.37
CA SER D 263 19.24 17.09 -38.29
C SER D 263 19.86 16.27 -39.43
N THR D 264 20.76 15.35 -39.10
CA THR D 264 21.54 14.65 -40.11
C THR D 264 21.43 13.13 -40.00
N THR D 265 20.51 12.62 -39.18
CA THR D 265 20.42 11.19 -38.86
C THR D 265 21.77 10.63 -38.42
N ALA D 266 22.50 11.41 -37.61
CA ALA D 266 23.61 10.83 -36.90
C ALA D 266 23.14 9.65 -36.07
N THR D 267 24.06 8.75 -35.77
CA THR D 267 23.71 7.55 -35.02
C THR D 267 24.68 7.38 -33.86
N ASP D 268 24.16 7.39 -32.65
CA ASP D 268 24.94 7.13 -31.47
C ASP D 268 25.17 5.62 -31.34
N PRO D 269 26.36 5.19 -30.88
CA PRO D 269 26.69 3.77 -30.81
C PRO D 269 26.03 3.08 -29.62
N VAL D 270 25.00 2.30 -29.91
CA VAL D 270 24.23 1.65 -28.85
C VAL D 270 25.14 0.76 -27.99
N ASP D 271 26.05 0.02 -28.64
CA ASP D 271 26.83 -1.00 -27.95
C ASP D 271 27.79 -0.41 -26.92
N SER D 272 28.56 0.60 -27.32
CA SER D 272 29.51 1.18 -26.38
C SER D 272 28.81 2.04 -25.32
N LEU D 273 27.82 2.85 -25.75
CA LEU D 273 27.13 3.70 -24.78
C LEU D 273 26.39 2.86 -23.77
N SER D 274 25.78 1.77 -24.22
CA SER D 274 25.07 0.88 -23.32
C SER D 274 26.01 0.17 -22.35
N GLU D 275 27.24 -0.13 -22.79
CA GLU D 275 28.25 -0.58 -21.83
C GLU D 275 28.51 0.47 -20.75
N ILE D 276 28.62 1.73 -21.16
CA ILE D 276 28.86 2.79 -20.18
C ILE D 276 27.67 2.93 -19.22
N ALA D 277 26.45 2.88 -19.77
CA ALA D 277 25.27 3.00 -18.92
C ALA D 277 25.22 1.87 -17.90
N ASN D 278 25.37 0.63 -18.37
CA ASN D 278 25.37 -0.51 -17.46
C ASN D 278 26.40 -0.31 -16.37
N GLU D 279 27.61 0.12 -16.77
CA GLU D 279 28.70 0.27 -15.82
C GLU D 279 28.35 1.29 -14.73
N PHE D 280 27.63 2.36 -15.09
CA PHE D 280 27.37 3.41 -14.11
C PHE D 280 25.94 3.47 -13.59
N GLY D 281 25.13 2.42 -13.80
CA GLY D 281 23.76 2.50 -13.33
C GLY D 281 22.90 3.54 -14.02
N ILE D 282 23.23 3.90 -15.25
CA ILE D 282 22.47 4.87 -16.03
C ILE D 282 21.39 4.13 -16.81
N TRP D 283 20.16 4.65 -16.74
CA TRP D 283 19.09 4.15 -17.60
C TRP D 283 19.34 4.63 -19.02
N ILE D 284 19.52 3.72 -19.97
CA ILE D 284 19.74 4.13 -21.36
C ILE D 284 18.49 3.83 -22.18
N HIS D 285 18.02 4.86 -22.87
CA HIS D 285 16.87 4.79 -23.75
C HIS D 285 17.35 5.10 -25.15
N VAL D 286 16.95 4.28 -26.11
CA VAL D 286 17.33 4.47 -27.50
C VAL D 286 16.13 5.11 -28.20
N ASP D 287 16.30 6.36 -28.61
CA ASP D 287 15.30 7.05 -29.41
C ASP D 287 15.62 6.71 -30.86
N ALA D 288 14.87 5.78 -31.43
CA ALA D 288 15.04 5.47 -32.84
C ALA D 288 13.74 5.73 -33.56
N ALA D 289 13.15 6.90 -33.26
CA ALA D 289 11.83 7.27 -33.73
C ALA D 289 11.68 7.09 -35.23
N TYR D 290 12.69 7.54 -35.99
CA TYR D 290 12.64 7.45 -37.45
C TYR D 290 13.35 6.20 -37.97
N ALA D 291 14.65 6.09 -37.72
CA ALA D 291 15.47 5.06 -38.36
C ALA D 291 15.21 3.67 -37.79
N GLY D 292 14.61 3.57 -36.59
CA GLY D 292 14.34 2.27 -36.03
C GLY D 292 13.55 1.38 -36.98
N SER D 293 12.64 1.99 -37.73
CA SER D 293 11.84 1.19 -38.66
C SER D 293 12.74 0.44 -39.65
N ALA D 294 13.88 1.03 -40.02
CA ALA D 294 14.80 0.37 -40.95
C ALA D 294 15.40 -0.91 -40.36
N CYS D 295 15.49 -1.01 -39.03
CA CYS D 295 16.11 -2.17 -38.43
C CYS D 295 15.33 -3.45 -38.64
N ILE D 296 14.15 -3.38 -39.28
CA ILE D 296 13.48 -4.57 -39.76
C ILE D 296 14.20 -5.18 -40.94
N CYS D 297 15.15 -4.45 -41.53
CA CYS D 297 15.98 -5.03 -42.57
C CYS D 297 17.27 -5.50 -41.97
N PRO D 298 17.67 -6.73 -42.23
CA PRO D 298 18.92 -7.25 -41.66
C PRO D 298 20.13 -6.37 -41.94
N GLU D 299 20.18 -5.70 -43.10
CA GLU D 299 21.34 -4.87 -43.40
C GLU D 299 21.43 -3.62 -42.53
N PHE D 300 20.39 -3.29 -41.75
CA PHE D 300 20.47 -2.22 -40.77
C PHE D 300 20.49 -2.72 -39.33
N ARG D 301 20.27 -4.03 -39.12
CA ARG D 301 20.06 -4.51 -37.75
C ARG D 301 21.30 -4.36 -36.89
N HIS D 302 22.49 -4.24 -37.49
CA HIS D 302 23.68 -4.02 -36.69
C HIS D 302 23.55 -2.75 -35.86
N TYR D 303 22.72 -1.80 -36.29
CA TYR D 303 22.57 -0.58 -35.50
C TYR D 303 21.99 -0.85 -34.13
N LEU D 304 21.28 -1.96 -33.95
CA LEU D 304 20.72 -2.31 -32.66
C LEU D 304 21.58 -3.29 -31.89
N ASP D 305 22.79 -3.56 -32.39
CA ASP D 305 23.73 -4.39 -31.66
C ASP D 305 23.99 -3.78 -30.30
N GLY D 306 23.99 -4.62 -29.27
CA GLY D 306 24.06 -4.15 -27.90
C GLY D 306 22.71 -3.86 -27.26
N ILE D 307 21.61 -4.04 -27.99
CA ILE D 307 20.28 -3.75 -27.48
C ILE D 307 19.93 -4.55 -26.23
N GLU D 308 20.56 -5.70 -26.04
CA GLU D 308 20.26 -6.50 -24.86
C GLU D 308 20.68 -5.79 -23.60
N ARG D 309 21.61 -4.84 -23.70
CA ARG D 309 22.07 -4.09 -22.55
C ARG D 309 21.24 -2.85 -22.27
N VAL D 310 20.29 -2.52 -23.16
CA VAL D 310 19.58 -1.23 -23.15
C VAL D 310 18.33 -1.34 -22.29
N ASP D 311 17.97 -0.24 -21.63
CA ASP D 311 16.85 -0.20 -20.71
C ASP D 311 15.53 0.09 -21.41
N SER D 312 15.51 0.96 -22.41
CA SER D 312 14.26 1.18 -23.12
C SER D 312 14.56 1.58 -24.55
N LEU D 313 13.58 1.38 -25.41
CA LEU D 313 13.74 1.67 -26.83
C LEU D 313 12.40 2.17 -27.36
N SER D 314 12.44 3.17 -28.25
CA SER D 314 11.21 3.64 -28.87
C SER D 314 11.44 3.87 -30.36
N LEU D 315 10.37 3.69 -31.14
CA LEU D 315 10.39 4.08 -32.54
C LEU D 315 8.99 4.49 -32.96
N SER D 316 8.90 5.39 -33.93
CA SER D 316 7.60 5.92 -34.33
C SER D 316 7.17 5.35 -35.66
N PRO D 317 6.35 4.30 -35.68
CA PRO D 317 5.75 3.85 -36.94
C PRO D 317 5.12 4.96 -37.75
N HIS D 318 4.59 6.01 -37.12
CA HIS D 318 3.92 7.06 -37.88
C HIS D 318 4.96 7.94 -38.57
N1 LLP D 319 13.22 12.49 -31.68
C2 LLP D 319 13.50 12.03 -32.90
C2' LLP D 319 14.86 11.35 -33.15
C3 LLP D 319 12.55 12.17 -33.96
O3 LLP D 319 12.84 11.67 -35.24
C4 LLP D 319 11.33 12.78 -33.70
C4' LLP D 319 10.20 12.98 -34.82
C5 LLP D 319 11.06 13.25 -32.46
C6 LLP D 319 11.99 13.12 -31.43
C5' LLP D 319 9.69 13.93 -32.23
OP4 LLP D 319 9.02 13.13 -31.29
P LLP D 319 7.60 13.55 -30.86
OP1 LLP D 319 7.69 13.87 -29.36
OP2 LLP D 319 7.20 14.76 -31.61
OP3 LLP D 319 6.65 12.44 -31.17
N LLP D 319 6.20 7.47 -38.58
CA LLP D 319 7.25 8.11 -39.38
CB LLP D 319 8.46 8.32 -38.52
CG LLP D 319 8.16 9.60 -37.72
CD LLP D 319 9.42 10.17 -37.07
CE LLP D 319 9.05 11.37 -36.18
NZ LLP D 319 10.33 12.00 -35.86
C LLP D 319 7.57 7.30 -40.58
O LLP D 319 7.27 7.70 -41.70
N TRP D 320 8.18 6.14 -40.39
CA TRP D 320 8.70 5.41 -41.53
C TRP D 320 8.05 4.04 -41.73
N LEU D 321 6.91 3.81 -41.07
CA LEU D 321 6.26 2.50 -41.13
C LEU D 321 4.75 2.63 -41.38
N LEU D 322 4.36 3.47 -42.32
CA LEU D 322 3.05 3.40 -42.95
C LEU D 322 1.89 3.60 -41.98
N ALA D 323 2.17 4.06 -40.77
CA ALA D 323 1.13 4.38 -39.81
C ALA D 323 0.79 5.87 -39.92
N TYR D 324 -0.46 6.21 -39.70
CA TYR D 324 -0.69 7.62 -39.58
C TYR D 324 -0.27 8.10 -38.19
N LEU D 325 -0.14 9.41 -38.01
CA LEU D 325 -0.14 9.94 -36.65
C LEU D 325 -1.45 9.56 -35.98
N ASP D 326 -1.40 9.17 -34.71
CA ASP D 326 -0.15 8.99 -33.97
C ASP D 326 0.19 7.50 -33.88
N CYS D 327 1.48 7.21 -33.69
CA CYS D 327 1.89 5.84 -33.45
C CYS D 327 3.35 5.78 -33.05
N THR D 328 3.59 5.52 -31.78
CA THR D 328 4.93 5.37 -31.24
C THR D 328 4.97 4.09 -30.41
N CYS D 329 5.96 3.24 -30.65
CA CYS D 329 6.14 2.01 -29.90
C CYS D 329 7.25 2.22 -28.89
N LEU D 330 7.03 1.75 -27.67
CA LEU D 330 8.03 1.81 -26.60
C LEU D 330 8.17 0.42 -25.99
N TRP D 331 9.39 -0.11 -26.02
CA TRP D 331 9.69 -1.36 -25.34
C TRP D 331 10.54 -1.06 -24.12
N VAL D 332 10.26 -1.82 -23.05
CA VAL D 332 10.89 -1.65 -21.76
C VAL D 332 11.32 -3.02 -21.26
N LYS D 333 12.57 -3.10 -20.81
CA LYS D 333 13.14 -4.37 -20.39
C LYS D 333 12.69 -4.74 -18.99
N GLN D 334 12.46 -3.74 -18.15
CA GLN D 334 11.97 -3.93 -16.79
C GLN D 334 10.67 -3.15 -16.62
N PRO D 335 9.56 -3.71 -17.12
CA PRO D 335 8.27 -3.00 -17.03
C PRO D 335 7.93 -2.58 -15.60
N HIS D 336 8.28 -3.40 -14.61
CA HIS D 336 7.89 -3.11 -13.24
C HIS D 336 8.46 -1.77 -12.76
N LEU D 337 9.61 -1.35 -13.29
CA LEU D 337 10.13 -0.03 -12.92
C LEU D 337 9.26 1.07 -13.49
N LEU D 338 8.76 0.86 -14.70
CA LEU D 338 7.83 1.79 -15.33
C LEU D 338 6.54 1.87 -14.52
N LEU D 339 5.98 0.71 -14.20
CA LEU D 339 4.75 0.65 -13.42
C LEU D 339 4.93 1.30 -12.05
N ARG D 340 6.03 1.02 -11.35
CA ARG D 340 6.24 1.69 -10.08
C ARG D 340 6.20 3.19 -10.26
N ALA D 341 6.88 3.69 -11.30
CA ALA D 341 6.99 5.14 -11.45
C ALA D 341 5.63 5.79 -11.71
N LEU D 342 4.76 5.10 -12.46
CA LEU D 342 3.55 5.70 -12.99
C LEU D 342 2.32 5.41 -12.13
N THR D 343 2.51 5.18 -10.83
CA THR D 343 1.36 4.99 -9.95
C THR D 343 1.71 5.50 -8.55
N THR D 344 0.69 5.88 -7.81
CA THR D 344 0.83 6.30 -6.42
C THR D 344 0.31 5.23 -5.47
N VAL D 359 -4.85 -9.26 -18.45
CA VAL D 359 -3.61 -9.42 -17.69
C VAL D 359 -3.02 -8.05 -17.32
N VAL D 360 -2.87 -7.13 -18.28
CA VAL D 360 -2.26 -5.84 -17.98
C VAL D 360 -3.31 -4.74 -18.12
N ASP D 361 -3.07 -3.63 -17.43
CA ASP D 361 -3.88 -2.42 -17.57
C ASP D 361 -3.00 -1.30 -18.11
N PHE D 362 -3.21 -0.92 -19.39
CA PHE D 362 -2.29 -0.01 -20.05
C PHE D 362 -2.34 1.41 -19.51
N LYS D 363 -3.39 1.78 -18.77
CA LYS D 363 -3.36 3.06 -18.08
C LYS D 363 -2.09 3.16 -17.22
N ASN D 364 -1.58 2.02 -16.78
CA ASN D 364 -0.42 1.96 -15.91
C ASN D 364 0.90 2.11 -16.66
N TRP D 365 0.88 2.21 -17.99
CA TRP D 365 2.08 2.32 -18.81
C TRP D 365 2.23 3.69 -19.47
N GLN D 366 1.40 4.66 -19.11
CA GLN D 366 1.34 5.92 -19.84
C GLN D 366 0.88 7.04 -18.92
N ILE D 367 0.87 8.26 -19.46
CA ILE D 367 0.55 9.42 -18.66
C ILE D 367 -0.92 9.45 -18.27
N ALA D 368 -1.81 9.18 -19.22
CA ALA D 368 -3.24 9.37 -19.05
C ALA D 368 -3.95 8.08 -18.65
N THR D 369 -5.28 8.19 -18.54
CA THR D 369 -6.18 7.05 -18.34
C THR D 369 -6.73 6.49 -19.65
N GLY D 370 -7.41 7.32 -20.43
CA GLY D 370 -8.01 6.86 -21.66
C GLY D 370 -7.01 6.57 -22.75
N ARG D 371 -7.43 5.78 -23.72
CA ARG D 371 -6.60 5.40 -24.83
C ARG D 371 -7.44 4.84 -25.96
N LYS D 372 -7.10 5.18 -27.18
CA LYS D 372 -7.78 4.61 -28.33
C LYS D 372 -7.33 3.17 -28.53
N PHE D 373 -7.94 2.48 -29.50
CA PHE D 373 -7.56 1.12 -29.89
C PHE D 373 -6.35 1.19 -30.82
N ARG D 374 -5.20 1.53 -30.22
CA ARG D 374 -4.03 1.93 -30.99
C ARG D 374 -3.40 0.77 -31.77
N SER D 375 -3.47 -0.46 -31.26
CA SER D 375 -2.73 -1.53 -31.91
C SER D 375 -3.45 -2.07 -33.14
N LEU D 376 -4.73 -1.74 -33.31
CA LEU D 376 -5.50 -2.28 -34.41
C LEU D 376 -4.84 -1.94 -35.76
N LYS D 377 -4.49 -0.66 -35.96
CA LYS D 377 -3.95 -0.27 -37.26
C LYS D 377 -2.58 -0.90 -37.52
N LEU D 378 -1.74 -1.06 -36.48
CA LEU D 378 -0.46 -1.75 -36.67
C LEU D 378 -0.69 -3.22 -37.04
N TRP D 379 -1.59 -3.87 -36.31
CA TRP D 379 -1.98 -5.23 -36.66
C TRP D 379 -2.35 -5.32 -38.13
N LEU D 380 -3.18 -4.38 -38.58
CA LEU D 380 -3.60 -4.38 -39.98
C LEU D 380 -2.44 -4.11 -40.93
N ILE D 381 -1.50 -3.26 -40.54
CA ILE D 381 -0.37 -2.95 -41.41
C ILE D 381 0.46 -4.21 -41.63
N LEU D 382 0.87 -4.82 -40.52
CA LEU D 382 1.64 -6.05 -40.58
C LEU D 382 0.90 -7.10 -41.41
N ARG D 383 -0.36 -7.35 -41.09
CA ARG D 383 -1.05 -8.44 -41.78
C ARG D 383 -1.26 -8.15 -43.26
N SER D 384 -1.58 -6.90 -43.61
N SER D 384 -1.56 -6.89 -43.61
CA SER D 384 -1.90 -6.60 -45.00
CA SER D 384 -1.90 -6.59 -44.99
C SER D 384 -0.67 -6.53 -45.89
C SER D 384 -0.68 -6.51 -45.89
N TYR D 385 0.48 -6.16 -45.34
CA TYR D 385 1.66 -6.01 -46.19
C TYR D 385 2.71 -7.10 -46.02
N GLY D 386 2.91 -7.64 -44.81
CA GLY D 386 3.91 -8.65 -44.64
C GLY D 386 5.29 -8.05 -44.45
N VAL D 387 6.12 -8.74 -43.68
CA VAL D 387 7.50 -8.31 -43.49
C VAL D 387 8.18 -8.10 -44.84
N VAL D 388 7.84 -8.92 -45.84
CA VAL D 388 8.48 -8.78 -47.15
C VAL D 388 8.21 -7.40 -47.74
N ASN D 389 6.94 -7.02 -47.82
CA ASN D 389 6.63 -5.72 -48.40
C ASN D 389 7.14 -4.58 -47.51
N LEU D 390 7.13 -4.77 -46.20
CA LEU D 390 7.65 -3.71 -45.34
C LEU D 390 9.13 -3.46 -45.61
N GLN D 391 9.91 -4.55 -45.70
CA GLN D 391 11.32 -4.43 -46.04
C GLN D 391 11.48 -3.79 -47.41
N SER D 392 10.66 -4.22 -48.38
CA SER D 392 10.67 -3.62 -49.71
C SER D 392 10.49 -2.12 -49.63
N HIS D 393 9.57 -1.65 -48.79
CA HIS D 393 9.30 -0.23 -48.68
C HIS D 393 10.49 0.53 -48.12
N ILE D 394 11.04 0.04 -47.00
CA ILE D 394 12.26 0.64 -46.46
C ILE D 394 13.33 0.73 -47.53
N ARG D 395 13.67 -0.41 -48.14
CA ARG D 395 14.78 -0.46 -49.09
C ARG D 395 14.53 0.40 -50.30
N SER D 396 13.27 0.57 -50.70
CA SER D 396 12.96 1.42 -51.84
C SER D 396 13.24 2.89 -51.52
N ASP D 397 12.85 3.34 -50.35
CA ASP D 397 13.17 4.72 -50.01
C ASP D 397 14.68 4.90 -49.91
N VAL D 398 15.36 3.93 -49.30
CA VAL D 398 16.82 4.00 -49.17
C VAL D 398 17.51 3.98 -50.53
N ALA D 399 16.97 3.20 -51.47
CA ALA D 399 17.56 3.16 -52.80
C ALA D 399 17.44 4.50 -53.50
N MET D 400 16.25 5.13 -53.40
N MET D 400 16.26 5.13 -53.40
CA MET D 400 16.08 6.47 -53.98
CA MET D 400 16.09 6.46 -53.97
C MET D 400 17.07 7.46 -53.35
C MET D 400 17.07 7.46 -53.36
N ALA D 401 17.29 7.36 -52.04
CA ALA D 401 18.22 8.29 -51.39
C ALA D 401 19.64 8.09 -51.89
N LYS D 402 20.08 6.83 -51.99
CA LYS D 402 21.41 6.56 -52.53
C LYS D 402 21.55 7.12 -53.93
N MET D 403 20.51 6.92 -54.75
CA MET D 403 20.49 7.46 -56.11
C MET D 403 20.68 8.98 -56.13
N PHE D 404 19.91 9.69 -55.30
CA PHE D 404 20.03 11.14 -55.26
C PHE D 404 21.43 11.56 -54.80
N GLU D 405 22.00 10.82 -53.85
CA GLU D 405 23.36 11.11 -53.40
C GLU D 405 24.35 11.00 -54.55
N GLU D 406 24.21 9.94 -55.36
CA GLU D 406 25.13 9.79 -56.50
C GLU D 406 24.96 10.93 -57.50
N TRP D 407 23.71 11.34 -57.76
CA TRP D 407 23.51 12.51 -58.61
C TRP D 407 24.26 13.72 -58.06
N VAL D 408 24.11 13.97 -56.77
CA VAL D 408 24.79 15.11 -56.16
C VAL D 408 26.30 14.98 -56.37
N ARG D 409 26.83 13.76 -56.21
CA ARG D 409 28.25 13.54 -56.42
C ARG D 409 28.65 13.79 -57.86
N SER D 410 27.71 13.63 -58.81
CA SER D 410 28.00 13.87 -60.22
C SER D 410 28.16 15.34 -60.58
N ASP D 411 27.77 16.26 -59.70
CA ASP D 411 27.84 17.70 -59.98
C ASP D 411 28.89 18.30 -59.06
N SER D 412 29.98 18.79 -59.65
CA SER D 412 31.11 19.24 -58.84
C SER D 412 30.80 20.49 -58.03
N ARG D 413 29.70 21.19 -58.33
CA ARG D 413 29.34 22.38 -57.53
C ARG D 413 28.77 22.01 -56.17
N PHE D 414 28.22 20.81 -56.02
CA PHE D 414 27.64 20.37 -54.77
C PHE D 414 28.59 19.43 -54.03
N GLU D 415 28.31 19.23 -52.74
CA GLU D 415 29.06 18.30 -51.93
C GLU D 415 28.10 17.67 -50.94
N ILE D 416 28.37 16.40 -50.61
CA ILE D 416 27.67 15.73 -49.52
C ILE D 416 28.38 16.10 -48.22
N VAL D 417 27.64 16.70 -47.29
CA VAL D 417 28.28 17.24 -46.09
C VAL D 417 28.53 16.15 -45.07
N VAL D 418 27.65 15.15 -44.99
CA VAL D 418 27.81 14.05 -44.05
C VAL D 418 27.27 12.79 -44.69
N PRO D 419 27.75 11.61 -44.26
CA PRO D 419 27.31 10.37 -44.91
C PRO D 419 25.82 10.16 -44.76
N ARG D 420 25.20 9.72 -45.85
CA ARG D 420 23.81 9.29 -45.87
C ARG D 420 23.74 7.87 -45.29
N ASN D 421 23.21 7.75 -44.08
CA ASN D 421 23.07 6.43 -43.46
C ASN D 421 21.73 5.79 -43.77
N PHE D 422 20.70 6.58 -44.02
CA PHE D 422 19.38 6.04 -44.28
C PHE D 422 18.75 6.71 -45.49
N SER D 423 17.63 7.37 -45.24
CA SER D 423 16.81 8.01 -46.24
C SER D 423 17.04 9.47 -46.47
N LEU D 424 17.89 10.07 -45.65
CA LEU D 424 18.09 11.52 -45.66
C LEU D 424 19.43 11.87 -46.28
N VAL D 425 19.42 12.82 -47.22
CA VAL D 425 20.64 13.27 -47.89
C VAL D 425 20.89 14.73 -47.49
N CYS D 426 22.04 14.98 -46.85
CA CYS D 426 22.46 16.32 -46.46
C CYS D 426 23.55 16.80 -47.40
N PHE D 427 23.31 17.92 -48.08
CA PHE D 427 24.24 18.37 -49.11
C PHE D 427 24.25 19.89 -49.14
N ARG D 428 25.19 20.46 -49.89
CA ARG D 428 25.19 21.91 -50.03
C ARG D 428 26.04 22.33 -51.22
N LEU D 429 25.89 23.60 -51.60
CA LEU D 429 26.80 24.21 -52.56
C LEU D 429 28.11 24.54 -51.86
N LYS D 430 29.22 24.15 -52.49
CA LYS D 430 30.53 24.37 -51.93
C LYS D 430 30.79 25.87 -51.74
N PRO D 431 31.63 26.24 -50.77
CA PRO D 431 31.90 27.66 -50.53
C PRO D 431 32.50 28.40 -51.73
N ASP D 432 33.31 27.71 -52.54
CA ASP D 432 34.05 28.34 -53.62
C ASP D 432 33.23 28.56 -54.88
N VAL D 433 31.97 28.11 -54.91
CA VAL D 433 31.16 28.31 -56.10
C VAL D 433 30.78 29.77 -56.24
N SER D 434 30.87 30.54 -55.16
CA SER D 434 30.53 31.95 -55.19
C SER D 434 31.42 32.70 -54.22
N SER D 435 31.57 34.00 -54.48
CA SER D 435 32.31 34.90 -53.60
C SER D 435 31.49 35.31 -52.37
N LEU D 436 30.23 34.90 -52.29
CA LEU D 436 29.40 35.15 -51.12
C LEU D 436 29.61 34.05 -50.09
N HIS D 437 29.07 34.29 -48.89
CA HIS D 437 29.16 33.31 -47.82
C HIS D 437 28.37 32.06 -48.19
N VAL D 438 28.95 30.89 -47.92
CA VAL D 438 28.30 29.63 -48.30
C VAL D 438 26.86 29.61 -47.83
N GLU D 439 26.63 30.07 -46.60
CA GLU D 439 25.29 30.07 -46.04
C GLU D 439 24.32 30.91 -46.86
N GLU D 440 24.74 32.10 -47.29
CA GLU D 440 23.81 32.94 -48.04
C GLU D 440 23.42 32.27 -49.35
N VAL D 441 24.38 31.69 -50.06
CA VAL D 441 24.11 31.06 -51.34
C VAL D 441 23.17 29.86 -51.16
N ASN D 442 23.48 29.00 -50.19
CA ASN D 442 22.64 27.80 -50.00
C ASN D 442 21.26 28.15 -49.44
N LYS D 443 21.16 29.17 -48.60
CA LYS D 443 19.87 29.63 -48.13
C LYS D 443 19.04 30.18 -49.28
N LYS D 444 19.68 30.93 -50.18
CA LYS D 444 18.97 31.44 -51.34
C LYS D 444 18.48 30.28 -52.22
N LEU D 445 19.31 29.26 -52.40
CA LEU D 445 18.89 28.10 -53.20
C LEU D 445 17.69 27.40 -52.58
N LEU D 446 17.74 27.12 -51.27
CA LEU D 446 16.61 26.50 -50.61
C LEU D 446 15.34 27.35 -50.75
N ASP D 447 15.48 28.67 -50.59
CA ASP D 447 14.32 29.56 -50.71
C ASP D 447 13.74 29.51 -52.11
N MET D 448 14.59 29.60 -53.13
CA MET D 448 14.09 29.49 -54.50
C MET D 448 13.34 28.18 -54.70
N LEU D 449 13.93 27.06 -54.26
CA LEU D 449 13.28 25.76 -54.40
C LEU D 449 11.89 25.77 -53.78
N ASN D 450 11.78 26.20 -52.53
CA ASN D 450 10.49 26.15 -51.84
C ASN D 450 9.49 27.13 -52.45
N SER D 451 9.95 28.32 -52.87
CA SER D 451 9.06 29.29 -53.50
C SER D 451 8.48 28.76 -54.81
N THR D 452 9.17 27.82 -55.45
CA THR D 452 8.65 27.18 -56.66
C THR D 452 7.28 26.56 -56.46
N GLY D 453 6.96 26.11 -55.24
CA GLY D 453 5.79 25.30 -55.01
C GLY D 453 5.91 23.85 -55.45
N ARG D 454 6.95 23.48 -56.20
CA ARG D 454 7.06 22.14 -56.76
C ARG D 454 7.83 21.18 -55.84
N VAL D 455 8.25 21.64 -54.66
CA VAL D 455 9.04 20.80 -53.77
C VAL D 455 9.11 21.49 -52.41
N TYR D 456 9.26 20.72 -51.34
CA TYR D 456 9.45 21.28 -50.00
C TYR D 456 10.64 20.59 -49.37
N MET D 457 11.63 21.38 -48.95
CA MET D 457 12.77 20.91 -48.19
C MET D 457 13.04 21.87 -47.05
N THR D 458 13.45 21.33 -45.90
CA THR D 458 14.02 22.14 -44.83
C THR D 458 15.55 21.98 -44.83
N HIS D 459 16.19 22.82 -44.02
CA HIS D 459 17.64 22.89 -43.88
C HIS D 459 18.04 22.47 -42.47
N THR D 460 19.35 22.41 -42.24
CA THR D 460 19.82 22.30 -40.86
C THR D 460 21.19 22.91 -40.72
N ILE D 461 21.54 23.25 -39.47
CA ILE D 461 22.87 23.74 -39.12
C ILE D 461 23.49 22.74 -38.15
N VAL D 462 24.59 22.13 -38.57
CA VAL D 462 25.30 21.20 -37.70
C VAL D 462 26.79 21.49 -37.79
N GLY D 463 27.46 21.52 -36.65
CA GLY D 463 28.87 21.83 -36.65
C GLY D 463 29.21 23.12 -37.35
N GLY D 464 28.36 24.14 -37.19
CA GLY D 464 28.60 25.40 -37.86
C GLY D 464 28.41 25.42 -39.36
N ILE D 465 27.89 24.33 -39.94
CA ILE D 465 27.69 24.25 -41.39
C ILE D 465 26.21 24.20 -41.70
N TYR D 466 25.78 25.08 -42.60
CA TYR D 466 24.43 25.12 -43.13
C TYR D 466 24.31 24.16 -44.31
N MET D 467 23.31 23.29 -44.28
CA MET D 467 23.14 22.32 -45.35
C MET D 467 21.66 22.14 -45.66
N LEU D 468 21.38 21.76 -46.91
CA LEU D 468 20.06 21.37 -47.35
C LEU D 468 19.84 19.89 -47.05
N ARG D 469 18.58 19.53 -46.85
CA ARG D 469 18.17 18.16 -46.57
C ARG D 469 17.15 17.71 -47.61
N LEU D 470 17.29 16.47 -48.07
CA LEU D 470 16.28 15.80 -48.86
C LEU D 470 15.89 14.57 -48.06
N ALA D 471 14.69 14.59 -47.49
CA ALA D 471 14.18 13.48 -46.68
C ALA D 471 13.24 12.67 -47.56
N VAL D 472 13.79 11.67 -48.24
CA VAL D 472 13.02 10.85 -49.17
C VAL D 472 12.19 9.86 -48.37
N GLY D 473 10.98 9.59 -48.85
CA GLY D 473 10.15 8.62 -48.16
C GLY D 473 8.66 8.87 -48.20
N SER D 474 8.25 10.09 -48.55
CA SER D 474 6.82 10.40 -48.64
C SER D 474 6.10 9.34 -49.46
N SER D 475 4.98 8.84 -48.93
CA SER D 475 4.38 7.63 -49.46
C SER D 475 4.11 7.72 -50.96
N LEU D 476 3.81 8.91 -51.45
CA LEU D 476 3.50 9.09 -52.86
C LEU D 476 4.73 9.39 -53.70
N THR D 477 5.87 9.62 -53.06
CA THR D 477 7.10 9.91 -53.78
C THR D 477 7.56 8.68 -54.55
N GLU D 478 7.75 8.83 -55.85
CA GLU D 478 8.32 7.83 -56.73
C GLU D 478 9.62 8.35 -57.35
N GLU D 479 10.33 7.45 -58.04
CA GLU D 479 11.68 7.78 -58.48
C GLU D 479 11.71 9.02 -59.37
N HIS D 480 10.78 9.11 -60.32
CA HIS D 480 10.80 10.25 -61.23
C HIS D 480 10.53 11.57 -60.51
N HIS D 481 9.83 11.54 -59.37
CA HIS D 481 9.66 12.77 -58.60
C HIS D 481 11.02 13.30 -58.15
N VAL D 482 11.85 12.41 -57.60
CA VAL D 482 13.19 12.79 -57.16
C VAL D 482 14.07 13.20 -58.35
N ARG D 483 13.94 12.49 -59.48
N ARG D 483 13.93 12.50 -59.47
CA ARG D 483 14.66 12.90 -60.68
CA ARG D 483 14.67 12.91 -60.67
C ARG D 483 14.34 14.34 -61.03
C ARG D 483 14.35 14.35 -61.04
N ARG D 484 13.06 14.67 -61.10
CA ARG D 484 12.65 16.03 -61.46
C ARG D 484 13.05 17.05 -60.40
N VAL D 485 13.04 16.67 -59.12
CA VAL D 485 13.54 17.57 -58.09
C VAL D 485 15.01 17.89 -58.31
N TRP D 486 15.82 16.87 -58.61
CA TRP D 486 17.24 17.11 -58.87
C TRP D 486 17.42 18.00 -60.10
N ASP D 487 16.63 17.74 -61.14
CA ASP D 487 16.68 18.60 -62.33
C ASP D 487 16.36 20.04 -61.97
N LEU D 488 15.33 20.25 -61.14
CA LEU D 488 14.96 21.59 -60.72
C LEU D 488 16.06 22.23 -59.90
N ILE D 489 16.67 21.46 -59.00
CA ILE D 489 17.77 21.99 -58.20
C ILE D 489 18.85 22.52 -59.12
N GLN D 490 19.18 21.75 -60.15
CA GLN D 490 20.25 22.16 -61.05
C GLN D 490 19.87 23.41 -61.82
N LYS D 491 18.62 23.50 -62.30
CA LYS D 491 18.23 24.69 -63.04
C LYS D 491 18.31 25.94 -62.16
N LEU D 492 17.80 25.85 -60.94
CA LEU D 492 17.84 27.00 -60.06
C LEU D 492 19.28 27.34 -59.65
N THR D 493 20.16 26.34 -59.57
CA THR D 493 21.56 26.62 -59.28
C THR D 493 22.23 27.34 -60.45
N ASP D 494 21.90 26.94 -61.67
CA ASP D 494 22.39 27.67 -62.84
C ASP D 494 21.95 29.12 -62.75
N ASP D 495 20.65 29.35 -62.54
CA ASP D 495 20.16 30.72 -62.40
C ASP D 495 20.88 31.45 -61.27
N LEU D 496 21.12 30.77 -60.16
CA LEU D 496 21.82 31.35 -59.03
C LEU D 496 23.34 31.37 -59.25
N TRP E . -3.08 -3.74 42.08
CA TRP E . -2.62 -4.69 43.08
C TRP E . -1.15 -4.46 43.43
O TRP E . -0.27 -5.23 43.03
CB TRP E . -2.84 -6.11 42.58
CG TRP E . -2.47 -6.38 41.15
CD1 TRP E . -1.37 -5.91 40.48
CD2 TRP E . -3.21 -7.17 40.20
NE1 TRP E . -1.38 -6.36 39.17
CE2 TRP E . -2.49 -7.14 38.98
CE3 TRP E . -4.39 -7.91 40.26
CZ2 TRP E . -2.93 -7.81 37.84
CZ3 TRP E . -4.83 -8.57 39.14
CH2 TRP E . -4.10 -8.52 37.94
OXT TRP E . -0.80 -3.52 44.15
H1 TRP E . -3.74 -3.25 42.34
H2 TRP E . -2.37 -3.55 41.46
H3 TRP E . -3.83 -4.11 41.62
HA TRP E . -3.14 -4.57 43.89
HB2 TRP E . -2.31 -6.72 43.13
HB3 TRP E . -3.78 -6.33 42.69
HD1 TRP E . -0.72 -5.37 40.84
HE1 TRP E . -0.79 -6.18 38.58
HE3 TRP E . -4.88 -7.95 41.06
HZ2 TRP E . -2.46 -7.78 37.04
HZ3 TRP E . -5.61 -9.06 39.16
HH2 TRP E . -4.42 -8.98 37.19
CA CA F . -19.60 -10.51 42.31
N TRP G . 8.33 -16.88 13.18
CA TRP G . 7.23 -16.25 12.47
C TRP G . 7.79 -15.46 11.28
O TRP G . 8.65 -15.98 10.56
CB TRP G . 6.43 -15.34 13.41
CG TRP G . 6.25 -15.87 14.81
CD1 TRP G . 6.50 -15.20 15.98
CD2 TRP G . 5.81 -17.18 15.21
NE1 TRP G . 6.22 -16.00 17.07
CE2 TRP G . 5.80 -17.22 16.61
CE3 TRP G . 5.41 -18.32 14.51
CZ2 TRP G . 5.42 -18.35 17.33
CZ3 TRP G . 5.02 -19.45 15.22
CH2 TRP G . 5.03 -19.45 16.62
OXT TRP G . 7.40 -14.30 11.02
H1 TRP G . 8.86 -17.33 12.67
H2 TRP G . 8.83 -16.22 13.65
H3 TRP G . 7.98 -17.52 13.80
HA TRP G . 6.64 -16.93 12.12
HB2 TRP G . 6.89 -14.49 13.48
HB3 TRP G . 5.55 -15.20 13.03
HD1 TRP G . 6.80 -14.33 16.04
HE1 TRP G . 6.31 -15.78 17.89
HE3 TRP G . 5.40 -18.32 13.57
HZ2 TRP G . 5.42 -18.35 18.26
HZ3 TRP G . 4.75 -20.21 14.76
HH2 TRP G . 4.76 -20.22 17.08
CA CA H . 5.50 -34.32 14.51
N TRP I . -14.12 8.23 -16.79
CA TRP I . -13.43 6.95 -16.67
C TRP I . -13.35 6.55 -15.19
O TRP I . -12.42 5.88 -14.76
CB TRP I . -12.02 7.01 -17.27
CG TRP I . -11.85 7.80 -18.56
CD1 TRP I . -10.72 8.47 -18.95
CD2 TRP I . -12.80 7.96 -19.63
NE1 TRP I . -10.91 9.04 -20.18
CE2 TRP I . -12.17 8.74 -20.62
CE3 TRP I . -14.11 7.54 -19.85
CZ2 TRP I . -12.82 9.12 -21.80
CZ3 TRP I . -14.74 7.89 -21.02
CH2 TRP I . -14.09 8.69 -21.99
OXT TRP I . -14.19 6.92 -14.39
H1 TRP I . -13.69 8.89 -16.45
H2 TRP I . -14.86 8.13 -17.39
H3 TRP I . -14.42 8.51 -15.93
HA TRP I . -13.93 6.27 -17.13
HB2 TRP I . -11.43 7.42 -16.61
HB3 TRP I . -11.72 6.10 -17.44
HD1 TRP I . -9.94 8.52 -18.46
HE1 TRP I . -10.33 9.52 -20.61
HE3 TRP I . -14.54 7.01 -19.21
HZ2 TRP I . -12.38 9.64 -22.44
HZ3 TRP I . -15.62 7.61 -21.18
HH2 TRP I . -14.55 8.91 -22.77
CA CA J . -28.33 11.02 -26.32
N TRP K . 11.38 15.88 -36.90
CA TRP K . 10.96 17.19 -37.35
C TRP K . 11.72 18.32 -36.65
O TRP K . 12.96 18.32 -36.60
CB TRP K . 9.46 17.38 -37.15
CG TRP K . 8.74 16.29 -36.40
CD1 TRP K . 8.68 16.13 -35.05
CD2 TRP K . 7.92 15.25 -36.96
NE1 TRP K . 7.89 15.04 -34.72
CE2 TRP K . 7.42 14.49 -35.88
CE3 TRP K . 7.58 14.88 -38.26
CZ2 TRP K . 6.59 13.39 -36.08
CZ3 TRP K . 6.75 13.79 -38.43
CH2 TRP K . 6.27 13.05 -37.36
OXT TRP K . 11.13 19.29 -36.14
H1 TRP K . 12.15 15.63 -37.19
H2 TRP K . 10.88 15.20 -37.36
H3 TRP K . 11.23 15.80 -35.95
HA TRP K . 11.14 17.27 -38.30
HB2 TRP K . 9.31 18.20 -36.67
HB3 TRP K . 9.04 17.45 -38.02
HD1 TRP K . 9.11 16.67 -34.43
HE1 TRP K . 7.73 14.76 -33.93
HE3 TRP K . 7.89 15.38 -38.98
HZ2 TRP K . 6.27 12.89 -35.35
HZ3 TRP K . 6.52 13.53 -39.30
HH2 TRP K . 5.73 12.32 -37.51
CA CA L . 8.18 5.03 -50.89
#